data_2K35
#
_entry.id   2K35
#
_entity_poly.entity_id   1
_entity_poly.type   'polypeptide(L)'
_entity_poly.pdbx_seq_one_letter_code
;QIVDCWETWSRCTKWSQGGTGTLWKSCNDRCKELGRKRGQCEEKPSRCPLSKKAWTCICY
;
_entity_poly.pdbx_strand_id   A
#
# COMPACT_ATOMS: atom_id res chain seq x y z
N GLN A 1 0.31 1.61 5.28
CA GLN A 1 1.43 2.57 5.25
C GLN A 1 2.74 1.85 5.53
N ILE A 2 2.77 1.04 6.60
CA ILE A 2 3.97 0.31 6.95
C ILE A 2 4.07 -0.99 6.16
N VAL A 3 4.91 -0.97 5.13
CA VAL A 3 5.14 -2.13 4.27
C VAL A 3 3.98 -2.41 3.32
N ASP A 4 4.06 -1.83 2.13
CA ASP A 4 3.05 -1.97 1.10
C ASP A 4 3.68 -1.65 -0.24
N CYS A 5 3.50 -2.54 -1.21
CA CYS A 5 4.07 -2.34 -2.53
C CYS A 5 3.41 -3.23 -3.58
N TRP A 6 2.77 -2.61 -4.56
CA TRP A 6 2.11 -3.32 -5.63
C TRP A 6 2.35 -2.61 -6.96
N GLU A 7 1.55 -2.95 -7.97
CA GLU A 7 1.71 -2.34 -9.28
C GLU A 7 0.40 -1.73 -9.77
N THR A 8 -0.68 -2.49 -9.66
CA THR A 8 -1.98 -2.02 -10.10
C THR A 8 -2.74 -1.39 -8.95
N TRP A 9 -3.51 -0.34 -9.26
CA TRP A 9 -4.29 0.40 -8.27
C TRP A 9 -5.17 -0.53 -7.43
N SER A 10 -5.82 -1.48 -8.08
CA SER A 10 -6.70 -2.41 -7.40
C SER A 10 -5.94 -3.36 -6.45
N ARG A 11 -4.66 -3.56 -6.73
CA ARG A 11 -3.85 -4.46 -5.92
C ARG A 11 -3.48 -3.85 -4.57
N CYS A 12 -2.95 -2.63 -4.59
CA CYS A 12 -2.53 -1.95 -3.35
C CYS A 12 -3.71 -1.53 -2.49
N THR A 13 -4.91 -1.51 -3.07
CA THR A 13 -6.09 -1.13 -2.33
C THR A 13 -6.71 -2.33 -1.61
N LYS A 14 -6.48 -3.52 -2.15
CA LYS A 14 -7.03 -4.73 -1.56
C LYS A 14 -5.99 -5.48 -0.73
N TRP A 15 -4.75 -5.49 -1.20
CA TRP A 15 -3.68 -6.20 -0.51
C TRP A 15 -2.54 -5.25 -0.12
N SER A 16 -1.49 -5.83 0.46
CA SER A 16 -0.33 -5.12 0.90
C SER A 16 0.75 -6.17 1.09
N GLN A 17 1.97 -5.71 1.08
CA GLN A 17 3.16 -6.56 1.26
C GLN A 17 3.51 -7.33 -0.02
N GLY A 18 4.79 -7.30 -0.38
CA GLY A 18 5.25 -8.00 -1.57
C GLY A 18 5.09 -9.50 -1.40
N GLY A 19 4.25 -10.09 -2.22
CA GLY A 19 4.02 -11.52 -2.14
C GLY A 19 2.77 -11.83 -1.35
N THR A 20 2.19 -10.79 -0.74
CA THR A 20 0.97 -10.93 0.06
C THR A 20 1.22 -11.75 1.32
N GLY A 21 1.42 -11.07 2.45
CA GLY A 21 1.64 -11.77 3.69
C GLY A 21 0.35 -12.02 4.42
N THR A 22 0.22 -11.45 5.60
CA THR A 22 -0.99 -11.62 6.39
C THR A 22 -1.43 -10.31 7.04
N LEU A 23 -0.72 -9.23 6.75
CA LEU A 23 -1.04 -7.94 7.34
C LEU A 23 -1.37 -6.91 6.26
N TRP A 24 -2.33 -7.24 5.42
CA TRP A 24 -2.74 -6.32 4.36
C TRP A 24 -3.89 -5.46 4.87
N LYS A 25 -5.03 -6.09 5.14
CA LYS A 25 -6.22 -5.42 5.67
C LYS A 25 -6.75 -4.33 4.74
N SER A 26 -6.33 -4.39 3.47
CA SER A 26 -6.75 -3.42 2.46
C SER A 26 -6.18 -2.03 2.77
N CYS A 27 -6.29 -1.12 1.82
CA CYS A 27 -5.78 0.25 1.99
C CYS A 27 -6.46 0.96 3.14
N ASN A 28 -7.71 0.59 3.41
CA ASN A 28 -8.49 1.18 4.49
C ASN A 28 -7.81 1.06 5.84
N ASP A 29 -7.68 -0.18 6.34
CA ASP A 29 -7.05 -0.39 7.64
C ASP A 29 -5.55 -0.12 7.57
N ARG A 30 -4.97 -0.32 6.40
CA ARG A 30 -3.54 -0.07 6.20
C ARG A 30 -3.25 1.43 6.35
N CYS A 31 -4.28 2.24 6.28
CA CYS A 31 -4.15 3.68 6.44
C CYS A 31 -4.67 4.11 7.80
N LYS A 32 -5.51 3.27 8.39
CA LYS A 32 -6.08 3.54 9.70
C LYS A 32 -5.00 3.38 10.77
N GLU A 33 -3.95 2.63 10.42
CA GLU A 33 -2.84 2.39 11.32
C GLU A 33 -2.11 3.69 11.65
N LEU A 34 -2.27 4.68 10.77
CA LEU A 34 -1.63 5.98 10.97
C LEU A 34 -2.67 7.05 11.28
N GLY A 35 -3.92 6.63 11.42
CA GLY A 35 -4.98 7.57 11.71
C GLY A 35 -5.33 8.46 10.54
N ARG A 36 -5.38 7.87 9.35
CA ARG A 36 -5.72 8.62 8.14
C ARG A 36 -7.12 8.25 7.68
N LYS A 37 -7.70 9.07 6.81
CA LYS A 37 -9.05 8.84 6.32
C LYS A 37 -9.09 7.78 5.22
N ARG A 38 -8.28 7.97 4.19
CA ARG A 38 -8.24 7.04 3.07
C ARG A 38 -6.84 6.98 2.48
N GLY A 39 -6.68 6.21 1.41
CA GLY A 39 -5.39 6.09 0.77
C GLY A 39 -5.50 5.94 -0.73
N GLN A 40 -4.57 6.54 -1.45
CA GLN A 40 -4.55 6.46 -2.90
C GLN A 40 -3.21 5.92 -3.38
N CYS A 41 -3.25 4.92 -4.26
CA CYS A 41 -2.04 4.30 -4.79
C CYS A 41 -1.23 5.29 -5.63
N GLU A 42 -0.17 5.78 -5.04
CA GLU A 42 0.72 6.73 -5.72
C GLU A 42 2.07 6.07 -6.00
N GLU A 43 2.81 6.65 -6.93
CA GLU A 43 4.12 6.13 -7.32
C GLU A 43 5.19 6.62 -6.35
N LYS A 44 5.28 5.96 -5.21
CA LYS A 44 6.27 6.31 -4.20
C LYS A 44 7.18 5.13 -3.90
N PRO A 45 8.33 5.05 -4.57
CA PRO A 45 9.30 3.96 -4.38
C PRO A 45 10.01 4.05 -3.03
N SER A 46 9.77 5.13 -2.29
CA SER A 46 10.39 5.35 -0.98
C SER A 46 9.92 4.31 0.04
N ARG A 47 8.85 3.61 -0.29
CA ARG A 47 8.31 2.58 0.59
C ARG A 47 7.99 1.33 -0.21
N CYS A 48 8.60 1.21 -1.38
CA CYS A 48 8.34 0.08 -2.25
C CYS A 48 9.57 -0.79 -2.46
N PRO A 49 9.61 -1.98 -1.81
CA PRO A 49 10.71 -2.93 -1.97
C PRO A 49 10.86 -3.38 -3.43
N LEU A 50 9.77 -3.20 -4.19
CA LEU A 50 9.74 -3.54 -5.59
C LEU A 50 9.68 -2.23 -6.39
N SER A 51 10.84 -1.62 -6.58
CA SER A 51 10.95 -0.35 -7.29
C SER A 51 10.46 -0.42 -8.74
N LYS A 52 10.47 -1.62 -9.31
CA LYS A 52 10.01 -1.82 -10.68
C LYS A 52 8.51 -1.51 -10.77
N LYS A 53 7.84 -1.61 -9.64
CA LYS A 53 6.42 -1.33 -9.56
C LYS A 53 6.23 0.06 -8.98
N ALA A 54 6.71 0.24 -7.75
CA ALA A 54 6.67 1.53 -7.05
C ALA A 54 5.26 2.08 -6.81
N TRP A 55 4.28 1.21 -6.64
CA TRP A 55 2.92 1.66 -6.38
C TRP A 55 2.51 1.28 -4.96
N THR A 56 2.14 2.27 -4.18
CA THR A 56 1.73 2.03 -2.80
C THR A 56 0.61 2.98 -2.41
N CYS A 57 -0.24 2.53 -1.49
CA CYS A 57 -1.35 3.34 -1.04
C CYS A 57 -0.88 4.46 -0.12
N ILE A 58 -0.98 5.69 -0.60
CA ILE A 58 -0.59 6.85 0.17
C ILE A 58 -1.76 7.33 1.02
N CYS A 59 -1.58 7.27 2.32
CA CYS A 59 -2.61 7.67 3.26
C CYS A 59 -2.85 9.17 3.28
N TYR A 60 -4.13 9.54 3.18
CA TYR A 60 -4.55 10.93 3.19
C TYR A 60 -5.50 11.16 4.37
N GLN A 1 0.75 0.23 10.27
CA GLN A 1 1.81 -0.19 9.32
C GLN A 1 1.35 -0.01 7.88
N ILE A 2 2.31 0.12 6.98
CA ILE A 2 2.05 0.29 5.56
C ILE A 2 3.02 -0.59 4.78
N VAL A 3 2.49 -1.42 3.89
CA VAL A 3 3.31 -2.32 3.10
C VAL A 3 2.61 -2.70 1.79
N ASP A 4 1.75 -1.80 1.32
CA ASP A 4 0.99 -2.02 0.10
C ASP A 4 1.87 -1.80 -1.12
N CYS A 5 2.43 -2.88 -1.61
CA CYS A 5 3.31 -2.83 -2.78
C CYS A 5 2.72 -3.57 -3.97
N TRP A 6 2.18 -2.82 -4.92
CA TRP A 6 1.60 -3.41 -6.12
C TRP A 6 1.76 -2.48 -7.32
N GLU A 7 0.95 -2.70 -8.36
CA GLU A 7 1.01 -1.89 -9.56
C GLU A 7 -0.35 -1.27 -9.87
N THR A 8 -1.38 -2.10 -9.90
CA THR A 8 -2.72 -1.63 -10.16
C THR A 8 -3.27 -0.90 -8.93
N TRP A 9 -3.90 0.25 -9.15
CA TRP A 9 -4.47 1.05 -8.06
C TRP A 9 -5.38 0.23 -7.17
N SER A 10 -6.42 -0.35 -7.74
CA SER A 10 -7.37 -1.16 -6.99
C SER A 10 -6.65 -2.32 -6.29
N ARG A 11 -5.64 -2.88 -6.95
CA ARG A 11 -4.89 -4.00 -6.40
C ARG A 11 -4.17 -3.61 -5.13
N CYS A 12 -3.43 -2.50 -5.15
CA CYS A 12 -2.71 -2.05 -3.96
C CYS A 12 -3.65 -1.55 -2.87
N THR A 13 -4.91 -1.33 -3.25
CA THR A 13 -5.92 -0.87 -2.29
C THR A 13 -6.55 -2.07 -1.58
N LYS A 14 -6.45 -3.24 -2.20
CA LYS A 14 -7.01 -4.46 -1.64
C LYS A 14 -5.93 -5.36 -1.07
N TRP A 15 -4.81 -5.45 -1.78
CA TRP A 15 -3.69 -6.29 -1.37
C TRP A 15 -2.43 -5.45 -1.27
N SER A 16 -1.59 -5.75 -0.29
CA SER A 16 -0.35 -5.04 -0.10
C SER A 16 0.76 -5.65 -0.96
N GLN A 17 1.84 -6.08 -0.34
CA GLN A 17 2.96 -6.67 -1.04
C GLN A 17 2.61 -8.08 -1.54
N GLY A 18 3.10 -8.41 -2.73
CA GLY A 18 2.85 -9.72 -3.30
C GLY A 18 3.59 -10.77 -2.51
N GLY A 19 2.85 -11.59 -1.78
CA GLY A 19 3.47 -12.59 -0.94
C GLY A 19 4.06 -11.90 0.27
N THR A 20 3.35 -10.87 0.72
CA THR A 20 3.76 -10.05 1.86
C THR A 20 4.18 -10.88 3.07
N GLY A 21 3.27 -11.66 3.62
CA GLY A 21 3.58 -12.46 4.79
C GLY A 21 3.52 -11.62 6.05
N THR A 22 3.66 -10.31 5.89
CA THR A 22 3.62 -9.39 7.02
C THR A 22 2.19 -9.19 7.49
N LEU A 23 1.38 -8.51 6.68
CA LEU A 23 -0.02 -8.24 7.01
C LEU A 23 -0.62 -7.29 5.97
N TRP A 24 -1.17 -7.86 4.91
CA TRP A 24 -1.78 -7.06 3.85
C TRP A 24 -3.05 -6.34 4.29
N LYS A 25 -4.13 -7.10 4.49
CA LYS A 25 -5.42 -6.54 4.91
C LYS A 25 -6.05 -5.70 3.80
N SER A 26 -5.69 -4.42 3.75
CA SER A 26 -6.19 -3.49 2.75
C SER A 26 -5.58 -2.12 3.00
N CYS A 27 -5.29 -1.39 1.93
CA CYS A 27 -4.67 -0.07 2.04
C CYS A 27 -5.54 0.90 2.86
N ASN A 28 -6.85 0.72 2.80
CA ASN A 28 -7.77 1.57 3.56
C ASN A 28 -7.54 1.37 5.06
N ASP A 29 -7.41 0.12 5.45
CA ASP A 29 -7.18 -0.22 6.85
C ASP A 29 -5.76 0.16 7.25
N ARG A 30 -4.84 0.09 6.29
CA ARG A 30 -3.45 0.45 6.52
C ARG A 30 -3.38 1.91 6.96
N CYS A 31 -4.10 2.76 6.24
CA CYS A 31 -4.14 4.18 6.54
C CYS A 31 -4.99 4.45 7.77
N LYS A 32 -5.91 3.54 8.06
CA LYS A 32 -6.77 3.68 9.22
C LYS A 32 -5.95 3.52 10.49
N GLU A 33 -4.89 2.71 10.39
CA GLU A 33 -3.99 2.47 11.51
C GLU A 33 -3.19 3.73 11.85
N LEU A 34 -3.11 4.65 10.90
CA LEU A 34 -2.38 5.90 11.11
C LEU A 34 -3.31 6.99 11.61
N GLY A 35 -4.60 6.81 11.38
CA GLY A 35 -5.58 7.80 11.79
C GLY A 35 -5.93 8.74 10.66
N ARG A 36 -5.72 8.27 9.43
CA ARG A 36 -6.03 9.07 8.25
C ARG A 36 -7.41 8.68 7.72
N LYS A 37 -7.76 9.13 6.53
CA LYS A 37 -9.06 8.80 5.98
C LYS A 37 -8.98 8.31 4.53
N ARG A 38 -8.16 8.94 3.73
CA ARG A 38 -8.02 8.56 2.33
C ARG A 38 -6.69 7.87 2.07
N GLY A 39 -6.64 7.08 1.02
CA GLY A 39 -5.43 6.37 0.65
C GLY A 39 -5.29 6.29 -0.85
N GLN A 40 -4.29 6.96 -1.40
CA GLN A 40 -4.08 6.98 -2.84
C GLN A 40 -2.79 6.25 -3.23
N CYS A 41 -2.90 5.32 -4.15
CA CYS A 41 -1.74 4.57 -4.63
C CYS A 41 -0.85 5.42 -5.50
N GLU A 42 0.24 5.88 -4.92
CA GLU A 42 1.20 6.71 -5.63
C GLU A 42 2.48 5.92 -5.88
N GLU A 43 3.26 6.38 -6.83
CA GLU A 43 4.51 5.71 -7.20
C GLU A 43 5.65 6.18 -6.29
N LYS A 44 5.70 5.61 -5.10
CA LYS A 44 6.74 5.96 -4.12
C LYS A 44 7.49 4.71 -3.67
N PRO A 45 8.68 4.47 -4.23
CA PRO A 45 9.50 3.30 -3.89
C PRO A 45 10.09 3.40 -2.48
N SER A 46 9.89 4.55 -1.83
CA SER A 46 10.40 4.77 -0.49
C SER A 46 9.69 3.90 0.53
N ARG A 47 8.47 3.47 0.19
CA ARG A 47 7.68 2.63 1.07
C ARG A 47 7.63 1.20 0.55
N CYS A 48 8.20 0.99 -0.62
CA CYS A 48 8.22 -0.33 -1.25
C CYS A 48 9.49 -0.55 -2.04
N PRO A 49 10.39 -1.40 -1.52
CA PRO A 49 11.69 -1.71 -2.16
C PRO A 49 11.53 -2.60 -3.40
N LEU A 50 10.53 -2.32 -4.21
CA LEU A 50 10.29 -3.08 -5.42
C LEU A 50 10.11 -2.14 -6.60
N SER A 51 11.13 -2.05 -7.43
CA SER A 51 11.13 -1.17 -8.60
C SER A 51 10.06 -1.56 -9.61
N LYS A 52 9.73 -2.83 -9.66
CA LYS A 52 8.72 -3.35 -10.58
C LYS A 52 7.32 -2.88 -10.18
N LYS A 53 7.17 -2.48 -8.93
CA LYS A 53 5.88 -2.02 -8.43
C LYS A 53 5.94 -0.56 -8.03
N ALA A 54 6.49 -0.28 -6.85
CA ALA A 54 6.62 1.08 -6.32
C ALA A 54 5.30 1.76 -5.97
N TRP A 55 4.18 1.16 -6.33
CA TRP A 55 2.89 1.75 -6.03
C TRP A 55 2.44 1.36 -4.63
N THR A 56 2.26 2.38 -3.79
CA THR A 56 1.84 2.16 -2.41
C THR A 56 0.71 3.12 -2.04
N CYS A 57 -0.05 2.74 -1.02
CA CYS A 57 -1.17 3.54 -0.56
C CYS A 57 -0.70 4.73 0.29
N ILE A 58 -0.85 5.93 -0.26
CA ILE A 58 -0.48 7.15 0.45
C ILE A 58 -1.67 7.64 1.27
N CYS A 59 -1.46 7.75 2.56
CA CYS A 59 -2.51 8.16 3.47
C CYS A 59 -2.75 9.67 3.46
N TYR A 60 -4.02 10.05 3.46
CA TYR A 60 -4.43 11.44 3.46
C TYR A 60 -5.48 11.67 4.54
N GLN A 1 -0.20 -3.07 10.03
CA GLN A 1 1.14 -3.12 9.40
C GLN A 1 1.09 -2.44 8.03
N ILE A 2 2.06 -1.58 7.76
CA ILE A 2 2.13 -0.89 6.48
C ILE A 2 3.05 -1.61 5.50
N VAL A 3 3.73 -0.85 4.64
CA VAL A 3 4.63 -1.42 3.65
C VAL A 3 3.86 -2.22 2.61
N ASP A 4 3.41 -1.55 1.58
CA ASP A 4 2.65 -2.15 0.52
C ASP A 4 3.08 -1.54 -0.78
N CYS A 5 2.93 -2.30 -1.84
CA CYS A 5 3.28 -1.84 -3.18
C CYS A 5 3.03 -2.93 -4.21
N TRP A 6 2.35 -2.56 -5.28
CA TRP A 6 2.06 -3.46 -6.38
C TRP A 6 1.63 -2.65 -7.60
N GLU A 7 1.90 -3.16 -8.81
CA GLU A 7 1.57 -2.46 -10.04
C GLU A 7 0.09 -2.12 -10.17
N THR A 8 -0.75 -3.13 -10.08
CA THR A 8 -2.19 -2.94 -10.20
C THR A 8 -2.77 -2.19 -9.02
N TRP A 9 -3.59 -1.17 -9.31
CA TRP A 9 -4.23 -0.33 -8.29
C TRP A 9 -5.04 -1.19 -7.33
N SER A 10 -5.78 -2.14 -7.89
CA SER A 10 -6.61 -3.03 -7.10
C SER A 10 -5.74 -4.01 -6.30
N ARG A 11 -4.52 -4.24 -6.76
CA ARG A 11 -3.61 -5.16 -6.09
C ARG A 11 -3.03 -4.54 -4.84
N CYS A 12 -2.46 -3.34 -4.95
CA CYS A 12 -1.87 -2.66 -3.80
C CYS A 12 -2.96 -2.36 -2.76
N THR A 13 -4.18 -2.22 -3.25
CA THR A 13 -5.33 -1.97 -2.39
C THR A 13 -5.67 -3.22 -1.57
N LYS A 14 -5.42 -4.39 -2.13
CA LYS A 14 -5.73 -5.64 -1.45
C LYS A 14 -4.54 -6.60 -1.36
N TRP A 15 -3.36 -6.06 -1.14
CA TRP A 15 -2.15 -6.86 -1.01
C TRP A 15 -1.04 -6.03 -0.38
N SER A 16 0.06 -6.67 0.00
CA SER A 16 1.16 -5.98 0.64
C SER A 16 2.44 -6.81 0.51
N GLN A 17 3.40 -6.27 -0.20
CA GLN A 17 4.68 -6.94 -0.39
C GLN A 17 5.41 -7.12 0.95
N GLY A 18 5.04 -6.29 1.92
CA GLY A 18 5.66 -6.37 3.23
C GLY A 18 5.05 -7.46 4.10
N GLY A 19 3.96 -8.06 3.64
CA GLY A 19 3.32 -9.12 4.40
C GLY A 19 2.67 -10.16 3.52
N THR A 20 3.19 -10.28 2.30
CA THR A 20 2.69 -11.22 1.29
C THR A 20 1.16 -11.22 1.22
N GLY A 21 0.55 -12.36 1.48
CA GLY A 21 -0.90 -12.47 1.44
C GLY A 21 -1.47 -12.66 2.83
N THR A 22 -0.73 -12.19 3.82
CA THR A 22 -1.15 -12.30 5.21
C THR A 22 -1.48 -10.92 5.77
N LEU A 23 -0.60 -9.96 5.53
CA LEU A 23 -0.80 -8.60 6.01
C LEU A 23 -1.29 -7.68 4.88
N TRP A 24 -2.03 -8.26 3.95
CA TRP A 24 -2.55 -7.52 2.80
C TRP A 24 -3.50 -6.40 3.23
N LYS A 25 -4.36 -6.69 4.20
CA LYS A 25 -5.33 -5.73 4.72
C LYS A 25 -6.11 -5.05 3.60
N SER A 26 -6.14 -3.72 3.61
CA SER A 26 -6.84 -2.94 2.60
C SER A 26 -6.23 -1.55 2.53
N CYS A 27 -6.33 -0.91 1.38
CA CYS A 27 -5.77 0.43 1.18
C CYS A 27 -6.21 1.41 2.26
N ASN A 28 -7.52 1.48 2.50
CA ASN A 28 -8.08 2.37 3.50
C ASN A 28 -7.64 1.96 4.91
N ASP A 29 -7.90 0.72 5.26
CA ASP A 29 -7.56 0.17 6.58
C ASP A 29 -6.07 0.33 6.90
N ARG A 30 -5.23 -0.03 5.94
CA ARG A 30 -3.78 0.04 6.12
C ARG A 30 -3.30 1.47 6.32
N CYS A 31 -3.81 2.40 5.52
CA CYS A 31 -3.39 3.78 5.61
C CYS A 31 -4.00 4.51 6.81
N LYS A 32 -5.25 4.17 7.15
CA LYS A 32 -5.92 4.80 8.28
C LYS A 32 -5.40 4.25 9.60
N GLU A 33 -4.69 3.14 9.54
CA GLU A 33 -4.10 2.52 10.73
C GLU A 33 -3.11 3.47 11.39
N LEU A 34 -2.49 4.32 10.58
CA LEU A 34 -1.51 5.28 11.08
C LEU A 34 -2.21 6.47 11.72
N GLY A 35 -3.45 6.71 11.32
CA GLY A 35 -4.20 7.84 11.85
C GLY A 35 -4.39 8.95 10.84
N ARG A 36 -4.72 8.56 9.61
CA ARG A 36 -4.93 9.52 8.53
C ARG A 36 -6.41 9.59 8.17
N LYS A 37 -6.73 10.38 7.16
CA LYS A 37 -8.12 10.53 6.74
C LYS A 37 -8.45 9.62 5.56
N ARG A 38 -7.71 9.79 4.46
CA ARG A 38 -7.94 8.98 3.26
C ARG A 38 -6.72 8.97 2.35
N GLY A 39 -6.58 7.92 1.56
CA GLY A 39 -5.46 7.81 0.65
C GLY A 39 -5.68 6.73 -0.39
N GLN A 40 -4.72 6.58 -1.30
CA GLN A 40 -4.82 5.58 -2.36
C GLN A 40 -3.43 5.16 -2.85
N CYS A 41 -3.42 4.27 -3.84
CA CYS A 41 -2.19 3.78 -4.41
C CYS A 41 -1.50 4.87 -5.22
N GLU A 42 -0.52 5.50 -4.61
CA GLU A 42 0.22 6.56 -5.27
C GLU A 42 1.59 6.06 -5.73
N GLU A 43 2.13 6.69 -6.75
CA GLU A 43 3.42 6.31 -7.29
C GLU A 43 4.54 6.81 -6.38
N LYS A 44 4.72 6.13 -5.25
CA LYS A 44 5.73 6.49 -4.27
C LYS A 44 6.56 5.27 -3.91
N PRO A 45 7.88 5.31 -4.18
CA PRO A 45 8.78 4.20 -3.88
C PRO A 45 9.24 4.26 -2.42
N SER A 46 8.60 5.10 -1.63
CA SER A 46 8.92 5.27 -0.23
C SER A 46 8.76 3.98 0.56
N ARG A 47 7.76 3.18 0.18
CA ARG A 47 7.51 1.91 0.85
C ARG A 47 7.52 0.76 -0.17
N CYS A 48 8.34 0.89 -1.20
CA CYS A 48 8.41 -0.13 -2.23
C CYS A 48 9.84 -0.38 -2.69
N PRO A 49 10.30 -1.65 -2.62
CA PRO A 49 11.64 -2.02 -3.04
C PRO A 49 11.74 -2.27 -4.55
N LEU A 50 10.58 -2.38 -5.21
CA LEU A 50 10.55 -2.63 -6.64
C LEU A 50 10.11 -1.39 -7.40
N SER A 51 10.93 -0.93 -8.32
CA SER A 51 10.64 0.25 -9.11
C SER A 51 9.55 -0.02 -10.15
N LYS A 52 9.44 -1.28 -10.58
CA LYS A 52 8.44 -1.67 -11.56
C LYS A 52 7.03 -1.42 -11.01
N LYS A 53 6.87 -1.62 -9.72
CA LYS A 53 5.59 -1.41 -9.07
C LYS A 53 5.50 0.04 -8.61
N ALA A 54 6.14 0.34 -7.48
CA ALA A 54 6.17 1.68 -6.90
C ALA A 54 4.80 2.31 -6.67
N TRP A 55 3.83 1.48 -6.29
CA TRP A 55 2.48 1.97 -6.01
C TRP A 55 2.10 1.59 -4.59
N THR A 56 2.07 2.58 -3.71
CA THR A 56 1.74 2.33 -2.31
C THR A 56 0.56 3.18 -1.85
N CYS A 57 -0.16 2.67 -0.87
CA CYS A 57 -1.33 3.36 -0.33
C CYS A 57 -0.94 4.52 0.59
N ILE A 58 -0.70 5.68 -0.02
CA ILE A 58 -0.33 6.87 0.72
C ILE A 58 -1.59 7.55 1.25
N CYS A 59 -1.70 7.62 2.57
CA CYS A 59 -2.85 8.24 3.22
C CYS A 59 -2.52 9.68 3.60
N TYR A 60 -3.49 10.56 3.42
CA TYR A 60 -3.32 11.97 3.75
C TYR A 60 -4.13 12.34 4.97
N GLN A 1 1.98 0.18 10.59
CA GLN A 1 3.02 -0.88 10.54
C GLN A 1 3.70 -0.91 9.17
N ILE A 2 4.24 -2.06 8.79
CA ILE A 2 4.92 -2.20 7.50
C ILE A 2 3.95 -2.02 6.34
N VAL A 3 4.21 -1.01 5.53
CA VAL A 3 3.40 -0.72 4.35
C VAL A 3 4.24 -1.00 3.11
N ASP A 4 3.67 -1.65 2.12
CA ASP A 4 4.39 -1.98 0.91
C ASP A 4 3.79 -1.31 -0.30
N CYS A 5 4.07 -1.88 -1.46
CA CYS A 5 3.59 -1.37 -2.72
C CYS A 5 3.34 -2.51 -3.70
N TRP A 6 2.51 -2.27 -4.72
CA TRP A 6 2.21 -3.28 -5.72
C TRP A 6 2.12 -2.67 -7.11
N GLU A 7 1.46 -3.34 -8.03
CA GLU A 7 1.31 -2.86 -9.38
C GLU A 7 -0.17 -2.67 -9.66
N THR A 8 -0.53 -2.98 -10.90
CA THR A 8 -1.91 -2.85 -11.39
C THR A 8 -2.53 -1.51 -11.01
N TRP A 9 -3.47 -1.52 -10.07
CA TRP A 9 -4.11 -0.30 -9.60
C TRP A 9 -4.85 -0.56 -8.30
N SER A 10 -5.87 -1.40 -8.36
CA SER A 10 -6.63 -1.74 -7.17
C SER A 10 -5.93 -2.84 -6.39
N ARG A 11 -4.85 -3.35 -6.97
CA ARG A 11 -4.06 -4.38 -6.34
C ARG A 11 -3.48 -3.89 -5.04
N CYS A 12 -2.89 -2.70 -5.05
CA CYS A 12 -2.31 -2.12 -3.85
C CYS A 12 -3.41 -1.67 -2.91
N THR A 13 -4.58 -1.39 -3.47
CA THR A 13 -5.73 -0.95 -2.69
C THR A 13 -6.24 -2.04 -1.76
N LYS A 14 -5.94 -3.30 -2.06
CA LYS A 14 -6.39 -4.39 -1.23
C LYS A 14 -5.33 -5.49 -1.03
N TRP A 15 -4.09 -5.18 -1.38
CA TRP A 15 -3.00 -6.13 -1.26
C TRP A 15 -1.67 -5.40 -1.07
N SER A 16 -0.69 -6.08 -0.49
CA SER A 16 0.61 -5.52 -0.29
C SER A 16 1.62 -6.64 -0.41
N GLN A 17 2.76 -6.48 0.22
CA GLN A 17 3.83 -7.46 0.15
C GLN A 17 4.19 -7.95 1.55
N GLY A 18 5.44 -7.75 1.96
CA GLY A 18 5.89 -8.22 3.26
C GLY A 18 5.65 -9.70 3.40
N GLY A 19 5.79 -10.41 2.30
CA GLY A 19 5.56 -11.84 2.28
C GLY A 19 4.39 -12.17 1.38
N THR A 20 3.45 -11.23 1.29
CA THR A 20 2.26 -11.38 0.47
C THR A 20 1.37 -12.52 0.95
N GLY A 21 1.40 -12.78 2.26
CA GLY A 21 0.61 -13.85 2.82
C GLY A 21 -0.45 -13.36 3.78
N THR A 22 -0.15 -12.33 4.55
CA THR A 22 -1.12 -11.80 5.51
C THR A 22 -1.06 -10.28 5.64
N LEU A 23 -0.13 -9.65 4.95
CA LEU A 23 0.03 -8.21 5.01
C LEU A 23 -0.71 -7.53 3.85
N TRP A 24 -1.82 -8.13 3.44
CA TRP A 24 -2.60 -7.60 2.34
C TRP A 24 -3.33 -6.33 2.77
N LYS A 25 -4.27 -6.50 3.69
CA LYS A 25 -5.06 -5.40 4.22
C LYS A 25 -5.78 -4.65 3.10
N SER A 26 -5.70 -3.34 3.14
CA SER A 26 -6.33 -2.48 2.14
C SER A 26 -5.83 -1.06 2.35
N CYS A 27 -6.00 -0.20 1.35
CA CYS A 27 -5.55 1.18 1.46
C CYS A 27 -6.23 1.86 2.64
N ASN A 28 -7.50 1.53 2.86
CA ASN A 28 -8.25 2.10 3.98
C ASN A 28 -7.68 1.62 5.29
N ASP A 29 -7.29 0.35 5.34
CA ASP A 29 -6.71 -0.23 6.55
C ASP A 29 -5.35 0.41 6.81
N ARG A 30 -4.65 0.76 5.73
CA ARG A 30 -3.34 1.40 5.84
C ARG A 30 -3.52 2.79 6.44
N CYS A 31 -4.61 3.45 6.05
CA CYS A 31 -4.93 4.78 6.54
C CYS A 31 -5.15 4.73 8.05
N LYS A 32 -5.70 3.62 8.53
CA LYS A 32 -5.96 3.42 9.94
C LYS A 32 -4.64 3.35 10.71
N GLU A 33 -3.63 2.80 10.07
CA GLU A 33 -2.29 2.68 10.67
C GLU A 33 -1.68 4.05 10.90
N LEU A 34 -1.95 4.97 9.99
CA LEU A 34 -1.42 6.32 10.08
C LEU A 34 -2.39 7.24 10.81
N GLY A 35 -3.63 6.80 10.92
CA GLY A 35 -4.66 7.59 11.58
C GLY A 35 -5.21 8.66 10.66
N ARG A 36 -5.34 8.32 9.39
CA ARG A 36 -5.87 9.24 8.40
C ARG A 36 -7.30 8.87 8.04
N LYS A 37 -7.85 9.49 7.00
CA LYS A 37 -9.23 9.20 6.59
C LYS A 37 -9.31 8.59 5.20
N ARG A 38 -8.86 9.34 4.19
CA ARG A 38 -8.91 8.86 2.81
C ARG A 38 -7.58 8.26 2.40
N GLY A 39 -7.58 7.49 1.32
CA GLY A 39 -6.36 6.87 0.85
C GLY A 39 -6.42 6.54 -0.64
N GLN A 40 -5.30 6.65 -1.32
CA GLN A 40 -5.20 6.36 -2.74
C GLN A 40 -3.88 5.69 -3.07
N CYS A 41 -3.78 5.10 -4.25
CA CYS A 41 -2.55 4.43 -4.68
C CYS A 41 -1.70 5.37 -5.51
N GLU A 42 -0.62 5.83 -4.91
CA GLU A 42 0.31 6.74 -5.56
C GLU A 42 1.64 6.04 -5.83
N GLU A 43 2.29 6.42 -6.92
CA GLU A 43 3.58 5.85 -7.29
C GLU A 43 4.70 6.48 -6.47
N LYS A 44 4.67 6.25 -5.17
CA LYS A 44 5.68 6.80 -4.27
C LYS A 44 6.45 5.68 -3.60
N PRO A 45 7.77 5.64 -3.82
CA PRO A 45 8.66 4.61 -3.26
C PRO A 45 8.86 4.74 -1.74
N SER A 46 10.05 4.35 -1.29
CA SER A 46 10.46 4.39 0.14
C SER A 46 9.92 3.21 0.93
N ARG A 47 9.04 2.44 0.31
CA ARG A 47 8.46 1.26 0.95
C ARG A 47 8.06 0.22 -0.10
N CYS A 48 8.55 0.40 -1.32
CA CYS A 48 8.24 -0.51 -2.41
C CYS A 48 9.42 -1.43 -2.69
N PRO A 49 9.18 -2.76 -2.66
CA PRO A 49 10.22 -3.77 -2.90
C PRO A 49 10.91 -3.63 -4.26
N LEU A 50 10.12 -3.64 -5.34
CA LEU A 50 10.67 -3.53 -6.68
C LEU A 50 10.30 -2.19 -7.33
N SER A 51 11.06 -1.79 -8.35
CA SER A 51 10.83 -0.53 -9.04
C SER A 51 9.47 -0.46 -9.74
N LYS A 52 9.12 -1.51 -10.48
CA LYS A 52 7.83 -1.53 -11.17
C LYS A 52 6.67 -1.69 -10.20
N LYS A 53 7.00 -2.14 -8.99
CA LYS A 53 6.00 -2.32 -7.95
C LYS A 53 5.87 -1.03 -7.14
N ALA A 54 5.86 0.10 -7.84
CA ALA A 54 5.76 1.40 -7.19
C ALA A 54 4.33 1.90 -7.15
N TRP A 55 3.63 1.53 -6.08
CA TRP A 55 2.24 1.94 -5.87
C TRP A 55 1.87 1.68 -4.41
N THR A 56 1.83 2.72 -3.61
CA THR A 56 1.51 2.59 -2.20
C THR A 56 0.27 3.38 -1.83
N CYS A 57 -0.26 3.10 -0.65
CA CYS A 57 -1.47 3.78 -0.18
C CYS A 57 -1.14 5.09 0.51
N ILE A 58 -1.34 6.19 -0.21
CA ILE A 58 -1.12 7.52 0.33
C ILE A 58 -2.41 7.98 0.97
N CYS A 59 -2.40 8.13 2.28
CA CYS A 59 -3.58 8.53 3.00
C CYS A 59 -3.57 10.00 3.39
N TYR A 60 -4.76 10.57 3.54
CA TYR A 60 -4.93 11.96 3.90
C TYR A 60 -6.00 12.09 4.98
N GLN A 1 2.91 0.23 10.68
CA GLN A 1 3.54 0.87 9.50
C GLN A 1 2.64 0.72 8.29
N ILE A 2 2.65 1.69 7.40
CA ILE A 2 1.82 1.66 6.19
C ILE A 2 2.67 1.38 4.96
N VAL A 3 3.93 1.03 5.17
CA VAL A 3 4.84 0.73 4.08
C VAL A 3 4.46 -0.59 3.39
N ASP A 4 3.58 -0.49 2.41
CA ASP A 4 3.13 -1.66 1.67
C ASP A 4 3.02 -1.35 0.19
N CYS A 5 3.75 -2.09 -0.61
CA CYS A 5 3.76 -1.91 -2.05
C CYS A 5 2.72 -2.81 -2.72
N TRP A 6 2.20 -2.35 -3.85
CA TRP A 6 1.20 -3.11 -4.59
C TRP A 6 1.73 -3.54 -5.96
N GLU A 7 1.16 -2.97 -7.02
CA GLU A 7 1.53 -3.27 -8.40
C GLU A 7 0.61 -2.52 -9.36
N THR A 8 -0.67 -2.86 -9.30
CA THR A 8 -1.69 -2.25 -10.14
C THR A 8 -2.81 -1.74 -9.24
N TRP A 9 -3.88 -1.24 -9.83
CA TRP A 9 -5.01 -0.76 -9.05
C TRP A 9 -5.68 -1.93 -8.34
N SER A 10 -5.66 -3.08 -8.99
CA SER A 10 -6.23 -4.30 -8.43
C SER A 10 -5.46 -4.69 -7.17
N ARG A 11 -4.14 -4.66 -7.28
CA ARG A 11 -3.26 -4.99 -6.17
C ARG A 11 -3.28 -3.89 -5.13
N CYS A 12 -3.61 -2.68 -5.57
CA CYS A 12 -3.67 -1.52 -4.69
C CYS A 12 -4.66 -1.74 -3.56
N THR A 13 -5.73 -2.45 -3.86
CA THR A 13 -6.76 -2.71 -2.87
C THR A 13 -6.56 -4.09 -2.21
N LYS A 14 -5.82 -4.97 -2.88
CA LYS A 14 -5.60 -6.32 -2.36
C LYS A 14 -4.19 -6.84 -2.66
N TRP A 15 -3.27 -6.61 -1.73
CA TRP A 15 -1.88 -7.07 -1.90
C TRP A 15 -1.08 -6.83 -0.60
N SER A 16 0.19 -7.22 -0.62
CA SER A 16 1.09 -7.04 0.51
C SER A 16 2.54 -7.10 0.03
N GLN A 17 3.18 -5.93 -0.05
CA GLN A 17 4.58 -5.83 -0.49
C GLN A 17 4.80 -6.51 -1.84
N GLY A 18 5.37 -7.71 -1.82
CA GLY A 18 5.62 -8.45 -3.03
C GLY A 18 4.93 -9.80 -3.01
N GLY A 19 4.02 -9.96 -2.07
CA GLY A 19 3.28 -11.20 -1.92
C GLY A 19 2.29 -11.09 -0.78
N THR A 20 1.01 -11.13 -1.12
CA THR A 20 -0.07 -11.00 -0.14
C THR A 20 0.14 -11.91 1.08
N GLY A 21 0.16 -11.28 2.25
CA GLY A 21 0.35 -12.02 3.49
C GLY A 21 -0.62 -11.56 4.56
N THR A 22 -0.10 -10.92 5.59
CA THR A 22 -0.94 -10.43 6.67
C THR A 22 -0.89 -8.91 6.74
N LEU A 23 -0.44 -8.29 5.66
CA LEU A 23 -0.33 -6.84 5.58
C LEU A 23 -1.34 -6.29 4.60
N TRP A 24 -2.37 -7.08 4.33
CA TRP A 24 -3.42 -6.70 3.40
C TRP A 24 -4.53 -5.88 4.06
N LYS A 25 -5.79 -6.21 3.74
CA LYS A 25 -6.96 -5.52 4.28
C LYS A 25 -7.10 -4.14 3.69
N SER A 26 -6.42 -3.93 2.55
CA SER A 26 -6.43 -2.65 1.83
C SER A 26 -5.64 -1.58 2.58
N CYS A 27 -5.09 -0.63 1.83
CA CYS A 27 -4.29 0.44 2.43
C CYS A 27 -5.12 1.36 3.32
N ASN A 28 -6.43 1.35 3.16
CA ASN A 28 -7.30 2.18 3.98
C ASN A 28 -7.19 1.79 5.44
N ASP A 29 -7.29 0.49 5.73
CA ASP A 29 -7.18 -0.01 7.09
C ASP A 29 -5.77 0.22 7.60
N ARG A 30 -4.80 0.08 6.69
CA ARG A 30 -3.39 0.29 7.02
C ARG A 30 -3.17 1.73 7.44
N CYS A 31 -3.95 2.63 6.88
CA CYS A 31 -3.85 4.06 7.21
C CYS A 31 -4.66 4.37 8.47
N LYS A 32 -5.66 3.56 8.75
CA LYS A 32 -6.51 3.77 9.92
C LYS A 32 -5.69 3.67 11.20
N GLU A 33 -4.67 2.82 11.20
CA GLU A 33 -3.81 2.65 12.37
C GLU A 33 -2.97 3.90 12.63
N LEU A 34 -2.84 4.75 11.62
CA LEU A 34 -2.07 5.99 11.74
C LEU A 34 -3.01 7.14 12.08
N GLY A 35 -4.29 6.97 11.75
CA GLY A 35 -5.26 8.00 12.02
C GLY A 35 -5.79 8.65 10.76
N ARG A 36 -5.67 7.96 9.64
CA ARG A 36 -6.15 8.48 8.36
C ARG A 36 -7.15 7.54 7.72
N LYS A 37 -8.25 8.09 7.20
CA LYS A 37 -9.29 7.27 6.58
C LYS A 37 -9.21 7.31 5.06
N ARG A 38 -8.12 7.84 4.53
CA ARG A 38 -7.96 7.91 3.09
C ARG A 38 -6.52 7.59 2.68
N GLY A 39 -6.37 6.87 1.59
CA GLY A 39 -5.06 6.49 1.11
C GLY A 39 -4.89 6.79 -0.36
N GLN A 40 -3.96 7.68 -0.68
CA GLN A 40 -3.70 8.04 -2.07
C GLN A 40 -2.79 7.01 -2.72
N CYS A 41 -3.36 6.22 -3.61
CA CYS A 41 -2.65 5.16 -4.28
C CYS A 41 -1.85 5.67 -5.47
N GLU A 42 -0.55 5.79 -5.28
CA GLU A 42 0.36 6.24 -6.31
C GLU A 42 1.58 5.32 -6.30
N GLU A 43 2.64 5.70 -6.99
CA GLU A 43 3.83 4.86 -7.05
C GLU A 43 4.61 4.89 -5.73
N LYS A 44 5.26 6.03 -5.47
CA LYS A 44 6.08 6.22 -4.28
C LYS A 44 7.07 5.07 -4.07
N PRO A 45 8.07 4.94 -4.96
CA PRO A 45 9.07 3.86 -4.89
C PRO A 45 9.87 3.90 -3.58
N SER A 46 9.93 5.08 -2.97
CA SER A 46 10.65 5.27 -1.72
C SER A 46 10.07 4.40 -0.61
N ARG A 47 8.77 4.14 -0.66
CA ARG A 47 8.11 3.34 0.35
C ARG A 47 7.75 1.97 -0.22
N CYS A 48 8.56 1.51 -1.16
CA CYS A 48 8.34 0.22 -1.79
C CYS A 48 9.65 -0.55 -1.93
N PRO A 49 9.67 -1.82 -1.48
CA PRO A 49 10.85 -2.69 -1.57
C PRO A 49 11.08 -3.19 -3.00
N LEU A 50 10.07 -3.03 -3.84
CA LEU A 50 10.15 -3.45 -5.23
C LEU A 50 10.52 -2.25 -6.10
N SER A 51 10.91 -2.51 -7.34
CA SER A 51 11.29 -1.43 -8.24
C SER A 51 10.21 -1.16 -9.28
N LYS A 52 9.79 -2.20 -9.99
CA LYS A 52 8.77 -2.05 -11.03
C LYS A 52 7.36 -2.15 -10.46
N LYS A 53 7.22 -2.74 -9.29
CA LYS A 53 5.91 -2.88 -8.67
C LYS A 53 5.62 -1.70 -7.76
N ALA A 54 6.47 -0.67 -7.85
CA ALA A 54 6.35 0.53 -7.03
C ALA A 54 4.94 1.13 -7.07
N TRP A 55 4.23 0.97 -5.97
CA TRP A 55 2.87 1.49 -5.83
C TRP A 55 2.45 1.40 -4.38
N THR A 56 2.04 2.52 -3.78
CA THR A 56 1.61 2.52 -2.40
C THR A 56 0.56 3.60 -2.13
N CYS A 57 -0.17 3.46 -1.03
CA CYS A 57 -1.20 4.42 -0.67
C CYS A 57 -0.74 5.37 0.43
N ILE A 58 -0.53 6.62 0.09
CA ILE A 58 -0.10 7.62 1.06
C ILE A 58 -1.31 8.09 1.86
N CYS A 59 -1.25 7.92 3.16
CA CYS A 59 -2.35 8.28 4.05
C CYS A 59 -2.65 9.78 4.02
N TYR A 60 -3.89 10.11 3.69
CA TYR A 60 -4.34 11.50 3.63
C TYR A 60 -5.83 11.56 3.92
N GLN A 1 -0.48 0.28 9.31
CA GLN A 1 0.18 1.53 8.85
C GLN A 1 1.35 1.21 7.93
N ILE A 2 2.15 0.23 8.32
CA ILE A 2 3.32 -0.16 7.54
C ILE A 2 2.95 -1.22 6.48
N VAL A 3 3.86 -1.42 5.53
CA VAL A 3 3.70 -2.40 4.46
C VAL A 3 2.67 -1.99 3.41
N ASP A 4 3.16 -1.75 2.19
CA ASP A 4 2.31 -1.36 1.07
C ASP A 4 3.16 -1.28 -0.19
N CYS A 5 2.95 -2.21 -1.12
CA CYS A 5 3.71 -2.25 -2.36
C CYS A 5 3.04 -3.12 -3.40
N TRP A 6 2.57 -2.50 -4.47
CA TRP A 6 1.92 -3.20 -5.57
C TRP A 6 1.78 -2.26 -6.76
N GLU A 7 0.59 -2.15 -7.31
CA GLU A 7 0.35 -1.29 -8.44
C GLU A 7 -0.66 -0.21 -8.06
N THR A 8 -1.62 0.02 -8.93
CA THR A 8 -2.63 1.03 -8.68
C THR A 8 -4.00 0.56 -9.18
N TRP A 9 -4.03 -0.63 -9.78
CA TRP A 9 -5.26 -1.19 -10.31
C TRP A 9 -6.01 -1.95 -9.22
N SER A 10 -6.09 -1.31 -8.05
CA SER A 10 -6.77 -1.86 -6.87
C SER A 10 -5.99 -3.01 -6.23
N ARG A 11 -4.94 -3.46 -6.91
CA ARG A 11 -4.10 -4.54 -6.40
C ARG A 11 -3.38 -4.11 -5.14
N CYS A 12 -3.10 -2.81 -5.05
CA CYS A 12 -2.41 -2.23 -3.90
C CYS A 12 -3.33 -2.17 -2.70
N THR A 13 -4.61 -1.94 -2.95
CA THR A 13 -5.59 -1.85 -1.89
C THR A 13 -5.94 -3.22 -1.33
N LYS A 14 -5.70 -4.26 -2.11
CA LYS A 14 -5.99 -5.62 -1.69
C LYS A 14 -4.76 -6.28 -1.06
N TRP A 15 -3.64 -6.21 -1.76
CA TRP A 15 -2.40 -6.80 -1.28
C TRP A 15 -1.35 -5.73 -1.04
N SER A 16 -0.78 -5.73 0.16
CA SER A 16 0.24 -4.77 0.54
C SER A 16 1.62 -5.20 0.04
N GLN A 17 1.64 -6.26 -0.76
CA GLN A 17 2.89 -6.77 -1.31
C GLN A 17 2.62 -7.75 -2.44
N GLY A 18 3.67 -8.26 -3.04
CA GLY A 18 3.54 -9.20 -4.14
C GLY A 18 3.02 -10.55 -3.70
N GLY A 19 1.72 -10.64 -3.52
CA GLY A 19 1.11 -11.88 -3.11
C GLY A 19 0.84 -11.91 -1.61
N THR A 20 1.81 -12.40 -0.87
CA THR A 20 1.69 -12.52 0.58
C THR A 20 2.97 -12.02 1.25
N GLY A 21 2.93 -11.87 2.57
CA GLY A 21 4.10 -11.41 3.29
C GLY A 21 3.95 -11.58 4.79
N THR A 22 3.78 -10.46 5.49
CA THR A 22 3.64 -10.49 6.94
C THR A 22 2.37 -9.74 7.38
N LEU A 23 2.23 -8.49 6.96
CA LEU A 23 1.06 -7.70 7.32
C LEU A 23 -0.15 -8.14 6.51
N TRP A 24 -0.12 -7.85 5.22
CA TRP A 24 -1.20 -8.22 4.30
C TRP A 24 -2.54 -7.63 4.75
N LYS A 25 -2.74 -6.36 4.46
CA LYS A 25 -3.97 -5.68 4.82
C LYS A 25 -4.32 -4.62 3.79
N SER A 26 -5.55 -4.14 3.83
CA SER A 26 -5.99 -3.12 2.90
C SER A 26 -5.35 -1.77 3.21
N CYS A 27 -4.97 -1.05 2.17
CA CYS A 27 -4.36 0.26 2.35
C CYS A 27 -5.36 1.21 3.01
N ASN A 28 -6.64 0.88 2.85
CA ASN A 28 -7.72 1.66 3.43
C ASN A 28 -7.66 1.62 4.96
N ASP A 29 -7.62 0.41 5.52
CA ASP A 29 -7.58 0.23 6.96
C ASP A 29 -6.22 0.62 7.55
N ARG A 30 -5.13 0.34 6.82
CA ARG A 30 -3.80 0.67 7.33
C ARG A 30 -3.62 2.19 7.45
N CYS A 31 -4.37 2.94 6.65
CA CYS A 31 -4.29 4.39 6.67
C CYS A 31 -5.16 4.96 7.79
N LYS A 32 -6.19 4.21 8.16
CA LYS A 32 -7.09 4.62 9.22
C LYS A 32 -6.34 4.60 10.55
N GLU A 33 -5.33 3.76 10.63
CA GLU A 33 -4.50 3.64 11.83
C GLU A 33 -3.75 4.93 12.12
N LEU A 34 -3.55 5.74 11.08
CA LEU A 34 -2.85 7.00 11.23
C LEU A 34 -3.84 8.14 11.42
N GLY A 35 -5.12 7.79 11.49
CA GLY A 35 -6.15 8.79 11.65
C GLY A 35 -6.33 9.61 10.39
N ARG A 36 -6.20 8.96 9.25
CA ARG A 36 -6.35 9.63 7.96
C ARG A 36 -7.70 9.32 7.33
N LYS A 37 -8.09 10.11 6.36
CA LYS A 37 -9.38 9.94 5.71
C LYS A 37 -9.38 8.75 4.75
N ARG A 38 -8.52 8.80 3.74
CA ARG A 38 -8.45 7.73 2.76
C ARG A 38 -7.01 7.42 2.37
N GLY A 39 -6.84 6.52 1.41
CA GLY A 39 -5.52 6.14 0.95
C GLY A 39 -5.51 5.89 -0.54
N GLN A 40 -4.47 6.35 -1.22
CA GLN A 40 -4.36 6.18 -2.66
C GLN A 40 -2.99 5.69 -3.07
N CYS A 41 -2.97 4.68 -3.94
CA CYS A 41 -1.72 4.10 -4.42
C CYS A 41 -0.95 5.10 -5.25
N GLU A 42 0.06 5.67 -4.64
CA GLU A 42 0.91 6.65 -5.29
C GLU A 42 2.24 6.02 -5.66
N GLU A 43 2.94 6.62 -6.62
CA GLU A 43 4.23 6.10 -7.06
C GLU A 43 5.33 6.50 -6.08
N LYS A 44 5.35 5.84 -4.94
CA LYS A 44 6.34 6.11 -3.90
C LYS A 44 7.01 4.81 -3.48
N PRO A 45 8.25 4.57 -3.97
CA PRO A 45 9.00 3.35 -3.64
C PRO A 45 9.60 3.37 -2.24
N SER A 46 8.78 3.68 -1.24
CA SER A 46 9.23 3.72 0.15
C SER A 46 9.07 2.36 0.79
N ARG A 47 7.85 1.86 0.80
CA ARG A 47 7.56 0.56 1.39
C ARG A 47 7.45 -0.49 0.29
N CYS A 48 7.85 -0.09 -0.91
CA CYS A 48 7.81 -0.98 -2.06
C CYS A 48 9.22 -1.31 -2.55
N PRO A 49 9.72 -2.51 -2.22
CA PRO A 49 11.07 -2.94 -2.62
C PRO A 49 11.12 -3.36 -4.10
N LEU A 50 9.96 -3.46 -4.71
CA LEU A 50 9.88 -3.85 -6.11
C LEU A 50 9.85 -2.62 -7.01
N SER A 51 10.99 -2.31 -7.59
CA SER A 51 11.13 -1.16 -8.47
C SER A 51 10.28 -1.29 -9.73
N LYS A 52 9.89 -2.52 -10.05
CA LYS A 52 9.05 -2.78 -11.21
C LYS A 52 7.66 -2.20 -10.98
N LYS A 53 7.31 -2.02 -9.72
CA LYS A 53 6.02 -1.48 -9.34
C LYS A 53 6.19 -0.07 -8.79
N ALA A 54 6.85 0.05 -7.65
CA ALA A 54 7.11 1.34 -7.00
C ALA A 54 5.82 2.08 -6.64
N TRP A 55 4.78 1.32 -6.32
CA TRP A 55 3.50 1.91 -5.95
C TRP A 55 3.21 1.63 -4.48
N THR A 56 2.80 2.66 -3.75
CA THR A 56 2.48 2.54 -2.35
C THR A 56 1.32 3.48 -2.00
N CYS A 57 0.31 2.93 -1.34
CA CYS A 57 -0.85 3.70 -0.94
C CYS A 57 -0.47 4.76 0.08
N ILE A 58 -0.65 6.03 -0.29
CA ILE A 58 -0.35 7.14 0.58
C ILE A 58 -1.61 7.54 1.35
N CYS A 59 -1.46 7.73 2.65
CA CYS A 59 -2.57 8.09 3.50
C CYS A 59 -2.91 9.58 3.40
N TYR A 60 -4.14 9.86 2.99
CA TYR A 60 -4.62 11.23 2.85
C TYR A 60 -5.77 11.47 3.82
N GLN A 1 1.52 -0.46 10.55
CA GLN A 1 2.05 0.40 9.47
C GLN A 1 1.42 0.00 8.14
N ILE A 2 1.85 0.67 7.06
CA ILE A 2 1.32 0.39 5.74
C ILE A 2 2.16 -0.67 5.01
N VAL A 3 2.82 -0.26 3.92
CA VAL A 3 3.66 -1.13 3.10
C VAL A 3 2.83 -2.02 2.19
N ASP A 4 2.04 -1.38 1.34
CA ASP A 4 1.18 -2.05 0.39
C ASP A 4 1.56 -1.58 -1.01
N CYS A 5 2.27 -2.42 -1.75
CA CYS A 5 2.74 -2.06 -3.07
C CYS A 5 2.35 -3.09 -4.13
N TRP A 6 1.80 -2.59 -5.23
CA TRP A 6 1.38 -3.43 -6.35
C TRP A 6 1.05 -2.56 -7.56
N GLU A 7 1.46 -3.01 -8.75
CA GLU A 7 1.21 -2.27 -9.97
C GLU A 7 -0.27 -1.98 -10.17
N THR A 8 -1.10 -2.98 -9.96
CA THR A 8 -2.54 -2.82 -10.11
C THR A 8 -3.08 -1.98 -8.95
N TRP A 9 -3.71 -0.86 -9.29
CA TRP A 9 -4.28 0.04 -8.31
C TRP A 9 -5.14 -0.72 -7.30
N SER A 10 -6.01 -1.59 -7.82
CA SER A 10 -6.89 -2.40 -7.00
C SER A 10 -6.10 -3.29 -6.04
N ARG A 11 -5.01 -3.87 -6.52
CA ARG A 11 -4.18 -4.74 -5.71
C ARG A 11 -3.39 -3.94 -4.69
N CYS A 12 -2.94 -2.76 -5.09
CA CYS A 12 -2.20 -1.87 -4.21
C CYS A 12 -3.10 -1.38 -3.07
N THR A 13 -4.39 -1.30 -3.37
CA THR A 13 -5.38 -0.86 -2.41
C THR A 13 -5.93 -2.04 -1.59
N LYS A 14 -5.61 -3.27 -2.02
CA LYS A 14 -6.11 -4.46 -1.33
C LYS A 14 -5.05 -5.58 -1.29
N TRP A 15 -3.93 -5.30 -0.63
CA TRP A 15 -2.83 -6.25 -0.47
C TRP A 15 -1.70 -5.59 0.31
N SER A 16 -0.47 -6.04 0.10
CA SER A 16 0.67 -5.47 0.78
C SER A 16 1.86 -5.40 -0.18
N GLN A 17 3.03 -5.75 0.31
CA GLN A 17 4.24 -5.71 -0.51
C GLN A 17 4.38 -6.94 -1.39
N GLY A 18 3.80 -6.88 -2.58
CA GLY A 18 3.88 -7.99 -3.51
C GLY A 18 2.98 -9.13 -3.13
N GLY A 19 3.54 -10.33 -3.06
CA GLY A 19 2.76 -11.50 -2.71
C GLY A 19 2.63 -11.68 -1.22
N THR A 20 2.04 -10.68 -0.56
CA THR A 20 1.84 -10.70 0.89
C THR A 20 3.16 -10.56 1.64
N GLY A 21 3.34 -9.41 2.28
CA GLY A 21 4.57 -9.16 3.03
C GLY A 21 4.33 -8.71 4.45
N THR A 22 3.39 -7.78 4.62
CA THR A 22 3.07 -7.27 5.95
C THR A 22 1.89 -8.02 6.55
N LEU A 23 0.68 -7.62 6.18
CA LEU A 23 -0.53 -8.26 6.67
C LEU A 23 -1.44 -8.68 5.53
N TRP A 24 -2.46 -7.87 5.28
CA TRP A 24 -3.43 -8.11 4.22
C TRP A 24 -4.52 -7.04 4.27
N LYS A 25 -5.74 -7.43 3.92
CA LYS A 25 -6.88 -6.53 3.93
C LYS A 25 -6.74 -5.42 2.87
N SER A 26 -7.12 -4.21 3.25
CA SER A 26 -7.04 -3.07 2.35
C SER A 26 -6.09 -2.01 2.89
N CYS A 27 -5.60 -1.16 1.99
CA CYS A 27 -4.66 -0.10 2.38
C CYS A 27 -5.35 0.96 3.24
N ASN A 28 -6.68 1.05 3.12
CA ASN A 28 -7.45 2.00 3.92
C ASN A 28 -7.33 1.64 5.40
N ASP A 29 -7.24 0.35 5.68
CA ASP A 29 -7.10 -0.14 7.04
C ASP A 29 -5.70 0.15 7.54
N ARG A 30 -4.74 0.08 6.63
CA ARG A 30 -3.34 0.36 6.96
C ARG A 30 -3.20 1.81 7.39
N CYS A 31 -3.78 2.70 6.59
CA CYS A 31 -3.74 4.14 6.87
C CYS A 31 -4.56 4.46 8.11
N LYS A 32 -5.56 3.63 8.38
CA LYS A 32 -6.43 3.80 9.53
C LYS A 32 -5.62 3.72 10.82
N GLU A 33 -4.60 2.86 10.81
CA GLU A 33 -3.73 2.69 11.98
C GLU A 33 -2.97 3.98 12.27
N LEU A 34 -2.81 4.80 11.25
CA LEU A 34 -2.09 6.06 11.39
C LEU A 34 -3.07 7.22 11.61
N GLY A 35 -4.30 6.88 11.97
CA GLY A 35 -5.32 7.89 12.22
C GLY A 35 -5.64 8.71 10.98
N ARG A 36 -5.59 8.07 9.82
CA ARG A 36 -5.87 8.75 8.57
C ARG A 36 -7.28 8.42 8.06
N LYS A 37 -7.66 9.00 6.93
CA LYS A 37 -8.98 8.75 6.37
C LYS A 37 -8.91 7.78 5.19
N ARG A 38 -8.20 8.17 4.13
CA ARG A 38 -8.10 7.32 2.95
C ARG A 38 -6.66 7.25 2.45
N GLY A 39 -6.41 6.32 1.54
CA GLY A 39 -5.08 6.16 0.97
C GLY A 39 -5.14 6.10 -0.54
N GLN A 40 -4.22 6.79 -1.19
CA GLN A 40 -4.16 6.83 -2.64
C GLN A 40 -2.89 6.16 -3.16
N CYS A 41 -3.05 5.23 -4.09
CA CYS A 41 -1.92 4.52 -4.66
C CYS A 41 -1.04 5.47 -5.47
N GLU A 42 0.10 5.78 -4.90
CA GLU A 42 1.07 6.67 -5.53
C GLU A 42 2.29 5.90 -6.00
N GLU A 43 3.22 6.61 -6.64
CA GLU A 43 4.44 6.01 -7.16
C GLU A 43 5.55 6.05 -6.10
N LYS A 44 5.16 6.33 -4.86
CA LYS A 44 6.13 6.39 -3.76
C LYS A 44 6.78 5.03 -3.51
N PRO A 45 8.10 4.92 -3.77
CA PRO A 45 8.84 3.68 -3.58
C PRO A 45 9.43 3.60 -2.18
N SER A 46 8.92 4.40 -1.26
CA SER A 46 9.39 4.43 0.12
C SER A 46 9.03 3.14 0.86
N ARG A 47 7.82 2.64 0.64
CA ARG A 47 7.36 1.43 1.29
C ARG A 47 7.41 0.25 0.33
N CYS A 48 7.93 0.50 -0.87
CA CYS A 48 8.02 -0.53 -1.88
C CYS A 48 9.45 -1.05 -2.03
N PRO A 49 9.71 -2.26 -1.49
CA PRO A 49 11.02 -2.89 -1.59
C PRO A 49 11.25 -3.44 -2.99
N LEU A 50 10.14 -3.55 -3.74
CA LEU A 50 10.17 -4.06 -5.10
C LEU A 50 10.05 -2.90 -6.08
N SER A 51 11.10 -2.70 -6.87
CA SER A 51 11.13 -1.62 -7.85
C SER A 51 10.22 -1.91 -9.03
N LYS A 52 9.86 -3.17 -9.21
CA LYS A 52 8.97 -3.56 -10.32
C LYS A 52 7.52 -3.20 -9.99
N LYS A 53 7.29 -2.75 -8.77
CA LYS A 53 5.95 -2.36 -8.34
C LYS A 53 5.84 -0.84 -8.29
N ALA A 54 6.59 -0.25 -7.35
CA ALA A 54 6.62 1.20 -7.15
C ALA A 54 5.23 1.83 -7.17
N TRP A 55 4.32 1.26 -6.40
CA TRP A 55 2.95 1.75 -6.31
C TRP A 55 2.39 1.40 -4.95
N THR A 56 2.32 2.38 -4.06
CA THR A 56 1.84 2.14 -2.71
C THR A 56 0.74 3.12 -2.30
N CYS A 57 -0.11 2.68 -1.39
CA CYS A 57 -1.21 3.50 -0.90
C CYS A 57 -0.72 4.55 0.09
N ILE A 58 -0.71 5.80 -0.34
CA ILE A 58 -0.27 6.89 0.51
C ILE A 58 -1.47 7.53 1.19
N CYS A 59 -1.40 7.66 2.50
CA CYS A 59 -2.47 8.24 3.28
C CYS A 59 -2.72 9.69 2.90
N TYR A 60 -3.96 10.00 2.55
CA TYR A 60 -4.34 11.34 2.17
C TYR A 60 -5.18 11.97 3.26
N GLN A 1 -0.03 -0.09 7.80
CA GLN A 1 0.62 0.94 6.95
C GLN A 1 2.07 0.59 6.67
N ILE A 2 2.43 -0.68 6.92
CA ILE A 2 3.80 -1.13 6.71
C ILE A 2 3.94 -1.88 5.39
N VAL A 3 4.60 -1.25 4.43
CA VAL A 3 4.85 -1.85 3.11
C VAL A 3 3.58 -1.96 2.25
N ASP A 4 3.71 -1.60 0.97
CA ASP A 4 2.61 -1.64 0.02
C ASP A 4 3.14 -1.37 -1.38
N CYS A 5 2.68 -2.16 -2.35
CA CYS A 5 3.11 -2.00 -3.74
C CYS A 5 2.02 -2.40 -4.74
N TRP A 6 1.78 -1.53 -5.71
CA TRP A 6 0.79 -1.79 -6.76
C TRP A 6 1.30 -2.87 -7.71
N GLU A 7 0.42 -3.78 -8.11
CA GLU A 7 0.80 -4.84 -9.03
C GLU A 7 -0.19 -4.93 -10.18
N THR A 8 -1.40 -5.38 -9.89
CA THR A 8 -2.43 -5.51 -10.91
C THR A 8 -3.45 -4.37 -10.81
N TRP A 9 -4.39 -4.49 -9.89
CA TRP A 9 -5.41 -3.48 -9.70
C TRP A 9 -5.54 -3.06 -8.23
N SER A 10 -6.18 -3.90 -7.44
CA SER A 10 -6.37 -3.61 -6.02
C SER A 10 -5.33 -4.34 -5.17
N ARG A 11 -4.21 -4.69 -5.79
CA ARG A 11 -3.15 -5.40 -5.10
C ARG A 11 -2.56 -4.55 -3.98
N CYS A 12 -2.57 -3.24 -4.14
CA CYS A 12 -2.04 -2.35 -3.11
C CYS A 12 -3.19 -1.70 -2.34
N THR A 13 -4.40 -2.13 -2.64
CA THR A 13 -5.58 -1.60 -1.98
C THR A 13 -6.14 -2.61 -0.99
N LYS A 14 -5.64 -3.83 -1.05
CA LYS A 14 -6.10 -4.89 -0.17
C LYS A 14 -4.95 -5.76 0.32
N TRP A 15 -4.16 -6.27 -0.61
CA TRP A 15 -3.04 -7.14 -0.29
C TRP A 15 -1.94 -6.40 0.47
N SER A 16 -0.94 -5.93 -0.26
CA SER A 16 0.18 -5.21 0.33
C SER A 16 1.20 -4.85 -0.74
N GLN A 17 2.39 -5.44 -0.65
CA GLN A 17 3.47 -5.17 -1.61
C GLN A 17 3.32 -5.97 -2.88
N GLY A 18 2.13 -6.53 -3.09
CA GLY A 18 1.90 -7.33 -4.26
C GLY A 18 2.41 -8.73 -4.08
N GLY A 19 1.53 -9.71 -4.16
CA GLY A 19 1.93 -11.09 -3.98
C GLY A 19 1.91 -11.51 -2.53
N THR A 20 1.20 -10.73 -1.71
CA THR A 20 1.07 -11.01 -0.27
C THR A 20 2.44 -10.98 0.43
N GLY A 21 2.51 -11.55 1.63
CA GLY A 21 3.75 -11.58 2.36
C GLY A 21 3.99 -10.32 3.18
N THR A 22 2.96 -9.85 3.86
CA THR A 22 3.08 -8.65 4.68
C THR A 22 2.09 -8.65 5.84
N LEU A 23 0.81 -8.52 5.53
CA LEU A 23 -0.22 -8.50 6.56
C LEU A 23 -1.60 -8.72 5.96
N TRP A 24 -1.86 -8.07 4.82
CA TRP A 24 -3.15 -8.17 4.12
C TRP A 24 -4.25 -7.42 4.88
N LYS A 25 -4.71 -6.32 4.29
CA LYS A 25 -5.74 -5.51 4.91
C LYS A 25 -6.49 -4.72 3.84
N SER A 26 -6.32 -3.40 3.88
CA SER A 26 -6.96 -2.50 2.92
C SER A 26 -6.26 -1.14 3.00
N CYS A 27 -6.40 -0.34 1.95
CA CYS A 27 -5.78 0.99 1.93
C CYS A 27 -6.35 1.85 3.05
N ASN A 28 -7.67 2.00 3.05
CA ASN A 28 -8.36 2.80 4.06
C ASN A 28 -8.07 2.28 5.47
N ASP A 29 -8.12 0.97 5.64
CA ASP A 29 -7.87 0.35 6.94
C ASP A 29 -6.47 0.65 7.46
N ARG A 30 -5.47 0.56 6.59
CA ARG A 30 -4.10 0.84 6.99
C ARG A 30 -3.91 2.31 7.31
N CYS A 31 -4.73 3.16 6.68
CA CYS A 31 -4.67 4.59 6.91
C CYS A 31 -5.29 4.91 8.27
N LYS A 32 -6.21 4.05 8.70
CA LYS A 32 -6.87 4.20 10.00
C LYS A 32 -5.87 3.93 11.11
N GLU A 33 -4.90 3.07 10.81
CA GLU A 33 -3.86 2.73 11.77
C GLU A 33 -2.97 3.95 12.03
N LEU A 34 -2.85 4.79 11.01
CA LEU A 34 -2.07 6.02 11.12
C LEU A 34 -2.91 7.10 11.77
N GLY A 35 -4.21 7.03 11.54
CA GLY A 35 -5.13 8.01 12.08
C GLY A 35 -5.46 9.08 11.08
N ARG A 36 -5.38 8.73 9.80
CA ARG A 36 -5.68 9.66 8.72
C ARG A 36 -7.06 9.41 8.14
N LYS A 37 -7.39 10.11 7.08
CA LYS A 37 -8.70 9.97 6.45
C LYS A 37 -8.75 8.78 5.50
N ARG A 38 -8.00 8.86 4.43
CA ARG A 38 -7.97 7.81 3.43
C ARG A 38 -6.57 7.65 2.84
N GLY A 39 -6.49 7.04 1.68
CA GLY A 39 -5.20 6.85 1.03
C GLY A 39 -5.35 6.31 -0.37
N GLN A 40 -4.31 6.45 -1.18
CA GLN A 40 -4.34 5.97 -2.55
C GLN A 40 -2.94 5.57 -3.02
N CYS A 41 -2.88 4.61 -3.92
CA CYS A 41 -1.62 4.13 -4.45
C CYS A 41 -0.92 5.23 -5.24
N GLU A 42 0.12 5.77 -4.66
CA GLU A 42 0.90 6.83 -5.27
C GLU A 42 2.28 6.35 -5.69
N GLU A 43 2.94 7.13 -6.52
CA GLU A 43 4.27 6.78 -7.02
C GLU A 43 5.34 7.10 -5.97
N LYS A 44 5.32 6.36 -4.88
CA LYS A 44 6.29 6.56 -3.82
C LYS A 44 7.00 5.25 -3.46
N PRO A 45 8.21 5.03 -4.01
CA PRO A 45 8.98 3.82 -3.77
C PRO A 45 9.70 3.85 -2.41
N SER A 46 9.19 4.67 -1.51
CA SER A 46 9.76 4.79 -0.18
C SER A 46 9.38 3.61 0.70
N ARG A 47 8.09 3.30 0.73
CA ARG A 47 7.60 2.17 1.54
C ARG A 47 7.63 0.88 0.74
N CYS A 48 7.57 1.00 -0.57
CA CYS A 48 7.60 -0.15 -1.46
C CYS A 48 9.01 -0.71 -1.56
N PRO A 49 9.23 -1.96 -1.09
CA PRO A 49 10.55 -2.59 -1.13
C PRO A 49 10.97 -2.93 -2.55
N LEU A 50 10.01 -3.39 -3.36
CA LEU A 50 10.28 -3.73 -4.74
C LEU A 50 10.17 -2.51 -5.64
N SER A 51 11.32 -1.95 -5.99
CA SER A 51 11.37 -0.76 -6.82
C SER A 51 10.69 -0.93 -8.18
N LYS A 52 10.52 -2.19 -8.61
CA LYS A 52 9.86 -2.46 -9.88
C LYS A 52 8.43 -1.95 -9.86
N LYS A 53 7.80 -2.08 -8.71
CA LYS A 53 6.44 -1.62 -8.53
C LYS A 53 6.46 -0.12 -8.24
N ALA A 54 7.22 0.27 -7.21
CA ALA A 54 7.41 1.67 -6.81
C ALA A 54 6.13 2.42 -6.42
N TRP A 55 5.00 1.73 -6.40
CA TRP A 55 3.74 2.35 -6.03
C TRP A 55 3.36 1.94 -4.61
N THR A 56 2.98 2.91 -3.80
CA THR A 56 2.60 2.64 -2.43
C THR A 56 1.38 3.49 -2.03
N CYS A 57 0.44 2.86 -1.35
CA CYS A 57 -0.76 3.54 -0.88
C CYS A 57 -0.38 4.64 0.12
N ILE A 58 -0.40 5.88 -0.35
CA ILE A 58 -0.08 7.02 0.48
C ILE A 58 -1.34 7.54 1.13
N CYS A 59 -1.36 7.53 2.45
CA CYS A 59 -2.51 7.99 3.19
C CYS A 59 -2.59 9.51 3.25
N TYR A 60 -3.81 10.02 3.23
CA TYR A 60 -4.05 11.45 3.28
C TYR A 60 -5.02 11.75 4.42
N GLN A 1 1.11 -3.30 8.60
CA GLN A 1 0.82 -1.89 8.93
C GLN A 1 1.17 -0.99 7.76
N ILE A 2 2.44 -0.59 7.68
CA ILE A 2 2.91 0.27 6.61
C ILE A 2 3.61 -0.56 5.54
N VAL A 3 4.53 0.07 4.78
CA VAL A 3 5.27 -0.61 3.71
C VAL A 3 4.38 -1.48 2.81
N ASP A 4 3.60 -0.79 1.99
CA ASP A 4 2.66 -1.43 1.08
C ASP A 4 2.86 -0.92 -0.34
N CYS A 5 3.23 -1.82 -1.23
CA CYS A 5 3.45 -1.49 -2.62
C CYS A 5 2.99 -2.61 -3.56
N TRP A 6 2.48 -2.22 -4.72
CA TRP A 6 2.02 -3.17 -5.72
C TRP A 6 2.04 -2.54 -7.11
N GLU A 7 1.52 -3.24 -8.10
CA GLU A 7 1.51 -2.73 -9.46
C GLU A 7 0.22 -2.02 -9.81
N THR A 8 -0.86 -2.79 -9.94
CA THR A 8 -2.16 -2.22 -10.27
C THR A 8 -2.67 -1.32 -9.15
N TRP A 9 -3.34 -0.23 -9.52
CA TRP A 9 -3.88 0.72 -8.54
C TRP A 9 -4.80 0.03 -7.54
N SER A 10 -5.73 -0.77 -8.05
CA SER A 10 -6.66 -1.49 -7.19
C SER A 10 -5.95 -2.56 -6.37
N ARG A 11 -4.90 -3.14 -6.94
CA ARG A 11 -4.13 -4.16 -6.26
C ARG A 11 -3.34 -3.57 -5.12
N CYS A 12 -2.90 -2.33 -5.31
CA CYS A 12 -2.12 -1.61 -4.30
C CYS A 12 -3.00 -1.21 -3.11
N THR A 13 -4.29 -1.01 -3.38
CA THR A 13 -5.22 -0.62 -2.34
C THR A 13 -5.79 -1.83 -1.60
N LYS A 14 -5.61 -3.02 -2.17
CA LYS A 14 -6.12 -4.24 -1.55
C LYS A 14 -5.02 -5.12 -0.98
N TRP A 15 -3.90 -5.19 -1.66
CA TRP A 15 -2.78 -6.01 -1.19
C TRP A 15 -1.64 -5.12 -0.71
N SER A 16 -0.60 -5.75 -0.17
CA SER A 16 0.54 -5.02 0.33
C SER A 16 1.81 -5.87 0.24
N GLN A 17 2.63 -5.59 -0.77
CA GLN A 17 3.89 -6.30 -1.00
C GLN A 17 3.69 -7.75 -1.43
N GLY A 18 4.78 -8.39 -1.84
CA GLY A 18 4.72 -9.77 -2.26
C GLY A 18 4.51 -10.69 -1.08
N GLY A 19 3.75 -11.75 -1.30
CA GLY A 19 3.45 -12.68 -0.24
C GLY A 19 2.18 -12.29 0.47
N THR A 20 2.11 -11.00 0.84
CA THR A 20 0.95 -10.43 1.53
C THR A 20 0.76 -10.93 2.97
N GLY A 21 1.30 -12.10 3.28
CA GLY A 21 1.18 -12.66 4.61
C GLY A 21 1.95 -11.87 5.66
N THR A 22 2.93 -11.11 5.21
CA THR A 22 3.75 -10.30 6.10
C THR A 22 3.14 -8.92 6.30
N LEU A 23 2.06 -8.64 5.58
CA LEU A 23 1.39 -7.36 5.68
C LEU A 23 -0.11 -7.53 5.94
N TRP A 24 -0.85 -7.87 4.88
CA TRP A 24 -2.29 -8.07 4.94
C TRP A 24 -3.01 -6.76 5.25
N LYS A 25 -4.35 -6.79 5.15
CA LYS A 25 -5.18 -5.60 5.41
C LYS A 25 -5.09 -4.58 4.28
N SER A 26 -6.24 -4.08 3.87
CA SER A 26 -6.30 -3.09 2.81
C SER A 26 -5.62 -1.80 3.27
N CYS A 27 -4.97 -1.12 2.33
CA CYS A 27 -4.25 0.12 2.66
C CYS A 27 -5.16 1.16 3.31
N ASN A 28 -6.33 1.38 2.73
CA ASN A 28 -7.28 2.36 3.26
C ASN A 28 -7.77 1.95 4.64
N ASP A 29 -7.83 0.64 4.87
CA ASP A 29 -8.29 0.12 6.17
C ASP A 29 -7.32 0.50 7.28
N ARG A 30 -6.04 0.24 7.06
CA ARG A 30 -5.03 0.57 8.04
C ARG A 30 -4.83 2.09 8.13
N CYS A 31 -5.22 2.79 7.07
CA CYS A 31 -5.11 4.25 7.05
C CYS A 31 -5.97 4.86 8.15
N LYS A 32 -7.14 4.28 8.35
CA LYS A 32 -8.06 4.76 9.38
C LYS A 32 -7.45 4.51 10.75
N GLU A 33 -6.86 3.32 10.90
CA GLU A 33 -6.23 2.90 12.14
C GLU A 33 -5.03 3.78 12.53
N LEU A 34 -4.46 4.48 11.57
CA LEU A 34 -3.32 5.35 11.87
C LEU A 34 -3.74 6.81 12.03
N GLY A 35 -5.03 7.08 11.89
CA GLY A 35 -5.54 8.43 12.06
C GLY A 35 -5.73 9.21 10.77
N ARG A 36 -5.97 8.50 9.67
CA ARG A 36 -6.20 9.19 8.40
C ARG A 36 -7.60 8.93 7.86
N LYS A 37 -7.91 9.52 6.72
CA LYS A 37 -9.23 9.39 6.13
C LYS A 37 -9.27 8.32 5.04
N ARG A 38 -8.41 8.45 4.05
CA ARG A 38 -8.39 7.49 2.95
C ARG A 38 -6.97 7.17 2.50
N GLY A 39 -6.86 6.28 1.53
CA GLY A 39 -5.56 5.90 1.00
C GLY A 39 -5.49 6.14 -0.50
N GLN A 40 -4.39 6.70 -0.95
CA GLN A 40 -4.20 6.98 -2.37
C GLN A 40 -2.92 6.36 -2.89
N CYS A 41 -3.06 5.47 -3.86
CA CYS A 41 -1.91 4.78 -4.44
C CYS A 41 -1.17 5.70 -5.42
N GLU A 42 -0.02 6.16 -4.99
CA GLU A 42 0.82 7.03 -5.80
C GLU A 42 2.13 6.33 -6.11
N GLU A 43 2.86 6.87 -7.07
CA GLU A 43 4.13 6.28 -7.46
C GLU A 43 5.23 6.73 -6.51
N LYS A 44 5.40 5.98 -5.44
CA LYS A 44 6.42 6.27 -4.45
C LYS A 44 7.12 4.99 -4.01
N PRO A 45 8.20 4.60 -4.71
CA PRO A 45 8.96 3.38 -4.40
C PRO A 45 9.80 3.51 -3.13
N SER A 46 9.38 4.41 -2.24
CA SER A 46 10.08 4.64 -0.99
C SER A 46 9.97 3.44 -0.07
N ARG A 47 8.93 2.63 -0.27
CA ARG A 47 8.72 1.44 0.54
C ARG A 47 8.42 0.23 -0.33
N CYS A 48 8.96 0.23 -1.54
CA CYS A 48 8.74 -0.86 -2.48
C CYS A 48 10.06 -1.49 -2.91
N PRO A 49 10.25 -2.77 -2.60
CA PRO A 49 11.47 -3.50 -2.97
C PRO A 49 11.39 -4.06 -4.38
N LEU A 50 10.54 -3.45 -5.21
CA LEU A 50 10.35 -3.88 -6.59
C LEU A 50 10.01 -2.68 -7.46
N SER A 51 10.90 -2.36 -8.40
CA SER A 51 10.71 -1.24 -9.32
C SER A 51 9.53 -1.48 -10.24
N LYS A 52 9.18 -2.76 -10.45
CA LYS A 52 8.06 -3.13 -11.31
C LYS A 52 6.73 -2.75 -10.67
N LYS A 53 6.77 -2.49 -9.38
CA LYS A 53 5.57 -2.11 -8.64
C LYS A 53 5.58 -0.60 -8.42
N ALA A 54 6.33 -0.15 -7.41
CA ALA A 54 6.47 1.27 -7.07
C ALA A 54 5.20 1.97 -6.55
N TRP A 55 4.03 1.46 -6.92
CA TRP A 55 2.78 2.08 -6.46
C TRP A 55 2.55 1.77 -4.99
N THR A 56 2.42 2.82 -4.20
CA THR A 56 2.21 2.68 -2.77
C THR A 56 0.98 3.48 -2.35
N CYS A 57 0.28 2.98 -1.35
CA CYS A 57 -0.92 3.64 -0.86
C CYS A 57 -0.56 4.60 0.26
N ILE A 58 -0.68 5.89 0.00
CA ILE A 58 -0.38 6.91 1.00
C ILE A 58 -1.68 7.34 1.66
N CYS A 59 -1.69 7.33 2.99
CA CYS A 59 -2.87 7.71 3.75
C CYS A 59 -3.03 9.22 3.79
N TYR A 60 -4.19 9.69 3.34
CA TYR A 60 -4.47 11.12 3.32
C TYR A 60 -5.75 11.41 4.10
N GLN A 1 1.11 -0.20 9.77
CA GLN A 1 2.27 -0.27 8.85
C GLN A 1 1.88 0.25 7.47
N ILE A 2 2.74 0.04 6.49
CA ILE A 2 2.46 0.51 5.13
C ILE A 2 2.31 -0.68 4.19
N VAL A 3 1.47 -0.54 3.17
CA VAL A 3 1.26 -1.60 2.19
C VAL A 3 2.57 -1.84 1.43
N ASP A 4 2.91 -3.11 1.23
CA ASP A 4 4.15 -3.48 0.55
C ASP A 4 4.05 -3.35 -0.96
N CYS A 5 3.18 -2.45 -1.42
CA CYS A 5 2.96 -2.20 -2.85
C CYS A 5 2.63 -3.47 -3.64
N TRP A 6 2.59 -3.35 -4.96
CA TRP A 6 2.31 -4.50 -5.81
C TRP A 6 2.61 -4.20 -7.28
N GLU A 7 1.78 -3.35 -7.90
CA GLU A 7 1.97 -2.98 -9.30
C GLU A 7 0.87 -2.04 -9.78
N THR A 8 -0.36 -2.55 -9.83
CA THR A 8 -1.49 -1.75 -10.29
C THR A 8 -2.29 -1.16 -9.13
N TRP A 9 -3.27 -0.33 -9.47
CA TRP A 9 -4.12 0.34 -8.50
C TRP A 9 -4.81 -0.65 -7.56
N SER A 10 -5.57 -1.58 -8.14
CA SER A 10 -6.30 -2.57 -7.35
C SER A 10 -5.37 -3.40 -6.47
N ARG A 11 -4.24 -3.82 -7.03
CA ARG A 11 -3.28 -4.63 -6.30
C ARG A 11 -2.62 -3.81 -5.17
N CYS A 12 -2.70 -2.49 -5.29
CA CYS A 12 -2.15 -1.60 -4.28
C CYS A 12 -3.21 -1.25 -3.24
N THR A 13 -4.48 -1.32 -3.65
CA THR A 13 -5.60 -1.03 -2.77
C THR A 13 -5.62 -2.03 -1.61
N LYS A 14 -5.17 -3.24 -1.88
CA LYS A 14 -5.10 -4.27 -0.88
C LYS A 14 -3.78 -5.01 -1.05
N TRP A 15 -3.83 -6.33 -0.97
CA TRP A 15 -2.65 -7.19 -1.12
C TRP A 15 -1.43 -6.68 -0.33
N SER A 16 -0.24 -7.00 -0.87
CA SER A 16 1.06 -6.63 -0.30
C SER A 16 2.13 -7.51 -0.94
N GLN A 17 2.90 -6.96 -1.86
CA GLN A 17 3.93 -7.72 -2.55
C GLN A 17 4.94 -8.32 -1.56
N GLY A 18 5.26 -9.58 -1.75
CA GLY A 18 6.18 -10.26 -0.86
C GLY A 18 5.46 -11.01 0.23
N GLY A 19 5.10 -10.30 1.29
CA GLY A 19 4.39 -10.93 2.40
C GLY A 19 2.90 -10.92 2.19
N THR A 20 2.47 -11.31 0.99
CA THR A 20 1.05 -11.36 0.66
C THR A 20 0.33 -12.40 1.51
N GLY A 21 -0.60 -11.93 2.32
CA GLY A 21 -1.36 -12.79 3.19
C GLY A 21 -1.39 -12.24 4.60
N THR A 22 -0.25 -12.28 5.27
CA THR A 22 -0.17 -11.77 6.63
C THR A 22 -0.19 -10.24 6.66
N LEU A 23 0.22 -9.62 5.55
CA LEU A 23 0.22 -8.17 5.45
C LEU A 23 -0.98 -7.67 4.66
N TRP A 24 -2.11 -8.37 4.80
CA TRP A 24 -3.32 -8.00 4.10
C TRP A 24 -4.14 -7.02 4.94
N LYS A 25 -3.75 -5.77 4.90
CA LYS A 25 -4.44 -4.72 5.66
C LYS A 25 -4.94 -3.64 4.71
N SER A 26 -5.21 -4.05 3.48
CA SER A 26 -5.69 -3.14 2.42
C SER A 26 -4.81 -1.89 2.30
N CYS A 27 -5.43 -0.74 2.10
CA CYS A 27 -4.69 0.51 1.96
C CYS A 27 -5.37 1.61 2.76
N ASN A 28 -6.70 1.65 2.69
CA ASN A 28 -7.48 2.66 3.41
C ASN A 28 -7.36 2.39 4.91
N ASP A 29 -7.66 1.16 5.30
CA ASP A 29 -7.59 0.75 6.71
C ASP A 29 -6.14 0.74 7.17
N ARG A 30 -5.23 0.55 6.21
CA ARG A 30 -3.81 0.54 6.50
C ARG A 30 -3.38 1.93 6.98
N CYS A 31 -3.83 2.96 6.27
CA CYS A 31 -3.50 4.33 6.62
C CYS A 31 -4.27 4.76 7.87
N LYS A 32 -5.42 4.14 8.09
CA LYS A 32 -6.24 4.44 9.25
C LYS A 32 -5.49 4.04 10.52
N GLU A 33 -4.68 2.99 10.40
CA GLU A 33 -3.88 2.51 11.53
C GLU A 33 -2.84 3.56 11.90
N LEU A 34 -2.40 4.30 10.89
CA LEU A 34 -1.40 5.35 11.08
C LEU A 34 -2.07 6.62 11.61
N GLY A 35 -3.36 6.53 11.89
CA GLY A 35 -4.10 7.65 12.42
C GLY A 35 -4.55 8.61 11.33
N ARG A 36 -4.59 8.14 10.10
CA ARG A 36 -4.98 8.98 8.98
C ARG A 36 -6.46 8.82 8.64
N LYS A 37 -6.92 9.54 7.62
CA LYS A 37 -8.31 9.50 7.21
C LYS A 37 -8.56 8.46 6.12
N ARG A 38 -8.12 8.77 4.90
CA ARG A 38 -8.32 7.88 3.77
C ARG A 38 -6.98 7.51 3.15
N GLY A 39 -7.05 6.94 1.94
CA GLY A 39 -5.84 6.55 1.24
C GLY A 39 -6.05 6.43 -0.26
N GLN A 40 -5.04 6.84 -1.02
CA GLN A 40 -5.08 6.77 -2.47
C GLN A 40 -3.77 6.23 -3.02
N CYS A 41 -3.85 5.25 -3.91
CA CYS A 41 -2.68 4.66 -4.51
C CYS A 41 -1.90 5.66 -5.34
N GLU A 42 -0.70 5.93 -4.90
CA GLU A 42 0.17 6.87 -5.57
C GLU A 42 1.46 6.18 -6.00
N GLU A 43 2.18 6.84 -6.89
CA GLU A 43 3.43 6.30 -7.40
C GLU A 43 4.60 6.66 -6.50
N LYS A 44 4.58 6.13 -5.28
CA LYS A 44 5.63 6.40 -4.31
C LYS A 44 6.48 5.16 -4.07
N PRO A 45 7.71 5.14 -4.59
CA PRO A 45 8.63 4.01 -4.42
C PRO A 45 9.22 3.96 -3.01
N SER A 46 9.03 5.05 -2.26
CA SER A 46 9.52 5.15 -0.91
C SER A 46 8.85 4.14 0.02
N ARG A 47 7.58 3.86 -0.26
CA ARG A 47 6.81 2.93 0.55
C ARG A 47 6.63 1.61 -0.19
N CYS A 48 7.58 1.29 -1.05
CA CYS A 48 7.54 0.06 -1.83
C CYS A 48 8.93 -0.54 -1.99
N PRO A 49 9.11 -1.81 -1.58
CA PRO A 49 10.40 -2.51 -1.68
C PRO A 49 10.86 -2.69 -3.13
N LEU A 50 9.98 -3.19 -3.98
CA LEU A 50 10.31 -3.40 -5.38
C LEU A 50 10.25 -2.08 -6.16
N SER A 51 11.40 -1.64 -6.62
CA SER A 51 11.53 -0.38 -7.34
C SER A 51 10.69 -0.31 -8.62
N LYS A 52 10.40 -1.46 -9.22
CA LYS A 52 9.60 -1.49 -10.45
C LYS A 52 8.12 -1.71 -10.17
N LYS A 53 7.75 -1.66 -8.90
CA LYS A 53 6.35 -1.86 -8.50
C LYS A 53 5.91 -0.71 -7.62
N ALA A 54 6.44 0.48 -7.91
CA ALA A 54 6.15 1.68 -7.12
C ALA A 54 4.69 2.13 -7.16
N TRP A 55 3.87 1.45 -6.38
CA TRP A 55 2.46 1.77 -6.27
C TRP A 55 2.03 1.50 -4.84
N THR A 56 1.88 2.55 -4.06
CA THR A 56 1.50 2.42 -2.67
C THR A 56 0.42 3.43 -2.32
N CYS A 57 -0.43 3.09 -1.36
CA CYS A 57 -1.49 3.98 -0.96
C CYS A 57 -1.01 5.08 -0.03
N ILE A 58 -1.21 6.31 -0.44
CA ILE A 58 -0.83 7.46 0.35
C ILE A 58 -2.05 7.96 1.11
N CYS A 59 -1.88 8.13 2.41
CA CYS A 59 -2.96 8.57 3.28
C CYS A 59 -3.37 10.00 2.98
N TYR A 60 -4.67 10.24 2.88
CA TYR A 60 -5.20 11.55 2.59
C TYR A 60 -6.38 11.86 3.52
N GLN A 1 1.40 2.85 2.28
CA GLN A 1 2.11 3.32 3.49
C GLN A 1 2.93 2.19 4.11
N ILE A 2 2.25 1.12 4.53
CA ILE A 2 2.90 -0.01 5.17
C ILE A 2 3.37 -1.05 4.15
N VAL A 3 4.35 -0.67 3.33
CA VAL A 3 4.94 -1.57 2.32
C VAL A 3 3.90 -2.08 1.29
N ASP A 4 2.75 -1.42 1.24
CA ASP A 4 1.70 -1.81 0.31
C ASP A 4 2.04 -1.36 -1.10
N CYS A 5 2.66 -2.27 -1.84
CA CYS A 5 3.06 -2.02 -3.22
C CYS A 5 1.95 -2.38 -4.21
N TRP A 6 1.90 -1.66 -5.34
CA TRP A 6 0.89 -1.89 -6.37
C TRP A 6 1.34 -3.03 -7.30
N GLU A 7 0.63 -3.18 -8.43
CA GLU A 7 0.93 -4.19 -9.42
C GLU A 7 -0.06 -4.09 -10.57
N THR A 8 -1.18 -4.77 -10.45
CA THR A 8 -2.22 -4.75 -11.48
C THR A 8 -3.58 -4.55 -10.84
N TRP A 9 -4.00 -5.52 -10.03
CA TRP A 9 -5.28 -5.47 -9.36
C TRP A 9 -5.17 -4.73 -8.03
N SER A 10 -4.44 -3.62 -8.07
CA SER A 10 -4.22 -2.78 -6.90
C SER A 10 -3.73 -3.57 -5.70
N ARG A 11 -2.52 -4.09 -5.82
CA ARG A 11 -1.89 -4.88 -4.77
C ARG A 11 -1.71 -4.05 -3.50
N CYS A 12 -1.69 -2.73 -3.63
CA CYS A 12 -1.53 -1.84 -2.49
C CYS A 12 -2.86 -1.55 -1.82
N THR A 13 -3.89 -1.33 -2.62
CA THR A 13 -5.21 -1.03 -2.10
C THR A 13 -5.85 -2.27 -1.47
N LYS A 14 -5.41 -3.44 -1.91
CA LYS A 14 -5.96 -4.69 -1.40
C LYS A 14 -5.01 -5.34 -0.39
N TRP A 15 -3.76 -5.50 -0.77
CA TRP A 15 -2.77 -6.12 0.10
C TRP A 15 -1.86 -5.07 0.73
N SER A 16 -0.68 -5.49 1.19
CA SER A 16 0.27 -4.57 1.81
C SER A 16 1.71 -5.03 1.59
N GLN A 17 1.93 -5.75 0.49
CA GLN A 17 3.25 -6.26 0.14
C GLN A 17 3.15 -7.12 -1.11
N GLY A 18 4.30 -7.50 -1.66
CA GLY A 18 4.32 -8.33 -2.84
C GLY A 18 3.70 -9.69 -2.58
N GLY A 19 2.56 -9.94 -3.19
CA GLY A 19 1.87 -11.19 -3.01
C GLY A 19 0.76 -11.05 -1.98
N THR A 20 0.93 -11.68 -0.83
CA THR A 20 -0.06 -11.61 0.23
C THR A 20 0.59 -11.17 1.54
N GLY A 21 1.54 -11.95 2.02
CA GLY A 21 2.25 -11.64 3.25
C GLY A 21 1.44 -11.95 4.49
N THR A 22 0.23 -12.45 4.30
CA THR A 22 -0.67 -12.81 5.39
C THR A 22 -0.96 -11.59 6.30
N LEU A 23 -0.88 -10.40 5.73
CA LEU A 23 -1.12 -9.18 6.47
C LEU A 23 -1.38 -8.02 5.52
N TRP A 24 -2.60 -7.95 5.04
CA TRP A 24 -2.99 -6.90 4.12
C TRP A 24 -3.93 -5.89 4.78
N LYS A 25 -5.17 -6.31 5.03
CA LYS A 25 -6.18 -5.45 5.65
C LYS A 25 -6.59 -4.29 4.76
N SER A 26 -6.01 -4.23 3.55
CA SER A 26 -6.26 -3.16 2.57
C SER A 26 -5.64 -1.84 3.04
N CYS A 27 -5.05 -1.09 2.12
CA CYS A 27 -4.40 0.17 2.44
C CYS A 27 -5.34 1.14 3.16
N ASN A 28 -6.63 1.04 2.87
CA ASN A 28 -7.62 1.90 3.50
C ASN A 28 -7.61 1.72 5.01
N ASP A 29 -7.71 0.47 5.44
CA ASP A 29 -7.71 0.14 6.86
C ASP A 29 -6.34 0.40 7.46
N ARG A 30 -5.30 0.22 6.66
CA ARG A 30 -3.93 0.46 7.09
C ARG A 30 -3.75 1.94 7.43
N CYS A 31 -4.34 2.80 6.62
CA CYS A 31 -4.28 4.22 6.83
C CYS A 31 -5.03 4.61 8.10
N LYS A 32 -6.10 3.89 8.37
CA LYS A 32 -6.91 4.14 9.55
C LYS A 32 -6.12 3.83 10.82
N GLU A 33 -5.23 2.83 10.74
CA GLU A 33 -4.41 2.45 11.88
C GLU A 33 -3.43 3.58 12.21
N LEU A 34 -2.98 4.27 11.17
CA LEU A 34 -2.05 5.38 11.32
C LEU A 34 -2.78 6.65 11.75
N GLY A 35 -4.11 6.57 11.77
CA GLY A 35 -4.92 7.70 12.16
C GLY A 35 -5.24 8.61 11.01
N ARG A 36 -5.38 8.04 9.82
CA ARG A 36 -5.68 8.81 8.63
C ARG A 36 -7.05 8.41 8.09
N LYS A 37 -7.58 9.19 7.16
CA LYS A 37 -8.88 8.91 6.57
C LYS A 37 -8.79 7.81 5.53
N ARG A 38 -8.05 8.08 4.45
CA ARG A 38 -7.89 7.12 3.38
C ARG A 38 -6.51 7.23 2.76
N GLY A 39 -6.22 6.39 1.77
CA GLY A 39 -4.94 6.42 1.12
C GLY A 39 -5.05 6.25 -0.39
N GLN A 40 -4.12 6.86 -1.10
CA GLN A 40 -4.10 6.78 -2.56
C GLN A 40 -2.77 6.18 -3.02
N CYS A 41 -2.84 5.10 -3.78
CA CYS A 41 -1.65 4.43 -4.30
C CYS A 41 -0.89 5.35 -5.24
N GLU A 42 0.18 5.92 -4.71
CA GLU A 42 1.02 6.84 -5.46
C GLU A 42 2.42 6.28 -5.66
N GLU A 43 3.07 6.75 -6.71
CA GLU A 43 4.42 6.31 -7.07
C GLU A 43 5.45 6.83 -6.08
N LYS A 44 5.68 6.06 -5.03
CA LYS A 44 6.64 6.40 -3.99
C LYS A 44 7.55 5.22 -3.68
N PRO A 45 8.72 5.14 -4.34
CA PRO A 45 9.69 4.06 -4.16
C PRO A 45 10.42 4.15 -2.81
N SER A 46 9.92 4.98 -1.91
CA SER A 46 10.52 5.15 -0.60
C SER A 46 9.96 4.15 0.39
N ARG A 47 8.65 3.94 0.34
CA ARG A 47 7.99 3.02 1.26
C ARG A 47 7.94 1.60 0.72
N CYS A 48 8.20 1.44 -0.56
CA CYS A 48 8.17 0.13 -1.19
C CYS A 48 9.55 -0.32 -1.62
N PRO A 49 9.86 -1.61 -1.41
CA PRO A 49 11.15 -2.20 -1.80
C PRO A 49 11.17 -2.50 -3.30
N LEU A 50 9.98 -2.67 -3.87
CA LEU A 50 9.84 -2.96 -5.29
C LEU A 50 9.90 -1.68 -6.11
N SER A 51 10.78 -1.64 -7.10
CA SER A 51 10.94 -0.46 -7.93
C SER A 51 9.87 -0.36 -9.01
N LYS A 52 9.42 -1.50 -9.53
CA LYS A 52 8.41 -1.52 -10.58
C LYS A 52 7.00 -1.61 -10.02
N LYS A 53 6.88 -1.53 -8.71
CA LYS A 53 5.60 -1.60 -8.03
C LYS A 53 5.64 -0.67 -6.82
N ALA A 54 6.23 0.50 -7.04
CA ALA A 54 6.40 1.49 -5.97
C ALA A 54 5.15 2.30 -5.67
N TRP A 55 4.02 1.91 -6.24
CA TRP A 55 2.78 2.63 -5.98
C TRP A 55 2.19 2.18 -4.65
N THR A 56 2.41 2.99 -3.62
CA THR A 56 1.91 2.68 -2.29
C THR A 56 0.82 3.66 -1.88
N CYS A 57 -0.14 3.19 -1.09
CA CYS A 57 -1.23 4.03 -0.63
C CYS A 57 -0.75 5.11 0.32
N ILE A 58 -0.72 6.34 -0.18
CA ILE A 58 -0.32 7.48 0.63
C ILE A 58 -1.54 8.01 1.36
N CYS A 59 -1.55 7.86 2.67
CA CYS A 59 -2.66 8.31 3.49
C CYS A 59 -2.66 9.83 3.67
N TYR A 60 -3.82 10.43 3.51
CA TYR A 60 -3.96 11.88 3.66
C TYR A 60 -4.65 12.21 4.97
N GLN A 1 1.06 1.27 9.36
CA GLN A 1 0.83 0.28 8.29
C GLN A 1 2.13 -0.36 7.84
N ILE A 2 2.09 -1.67 7.61
CA ILE A 2 3.27 -2.41 7.17
C ILE A 2 2.91 -3.20 5.91
N VAL A 3 3.77 -3.09 4.89
CA VAL A 3 3.57 -3.77 3.61
C VAL A 3 2.53 -3.04 2.77
N ASP A 4 3.02 -2.23 1.85
CA ASP A 4 2.18 -1.44 0.96
C ASP A 4 2.92 -1.22 -0.36
N CYS A 5 2.44 -1.88 -1.41
CA CYS A 5 3.06 -1.79 -2.73
C CYS A 5 2.06 -2.06 -3.84
N TRP A 6 2.48 -1.78 -5.08
CA TRP A 6 1.63 -1.99 -6.25
C TRP A 6 2.04 -3.29 -6.95
N GLU A 7 1.30 -3.64 -8.00
CA GLU A 7 1.53 -4.84 -8.81
C GLU A 7 0.36 -4.99 -9.77
N THR A 8 -0.83 -4.73 -9.24
CA THR A 8 -2.08 -4.80 -9.99
C THR A 8 -3.10 -3.92 -9.28
N TRP A 9 -4.32 -3.85 -9.80
CA TRP A 9 -5.35 -3.04 -9.16
C TRP A 9 -5.73 -3.62 -7.81
N SER A 10 -5.83 -4.95 -7.73
CA SER A 10 -6.16 -5.63 -6.49
C SER A 10 -5.02 -5.49 -5.49
N ARG A 11 -3.83 -5.22 -6.00
CA ARG A 11 -2.65 -5.05 -5.17
C ARG A 11 -2.63 -3.64 -4.58
N CYS A 12 -3.23 -2.71 -5.32
CA CYS A 12 -3.31 -1.31 -4.91
C CYS A 12 -4.51 -1.11 -3.98
N THR A 13 -5.06 -2.21 -3.49
CA THR A 13 -6.22 -2.15 -2.60
C THR A 13 -6.08 -3.11 -1.43
N LYS A 14 -5.95 -4.40 -1.72
CA LYS A 14 -5.85 -5.43 -0.69
C LYS A 14 -4.43 -5.93 -0.50
N TRP A 15 -4.05 -6.96 -1.24
CA TRP A 15 -2.71 -7.54 -1.15
C TRP A 15 -1.70 -6.57 -1.73
N SER A 16 -1.13 -5.73 -0.88
CA SER A 16 -0.15 -4.74 -1.33
C SER A 16 1.23 -5.35 -1.55
N GLN A 17 1.27 -6.42 -2.33
CA GLN A 17 2.50 -7.14 -2.68
C GLN A 17 2.12 -8.41 -3.43
N GLY A 18 3.10 -9.05 -4.07
CA GLY A 18 2.82 -10.27 -4.80
C GLY A 18 2.50 -11.42 -3.87
N GLY A 19 3.51 -11.92 -3.19
CA GLY A 19 3.31 -13.02 -2.26
C GLY A 19 2.97 -12.53 -0.87
N THR A 20 1.84 -11.83 -0.77
CA THR A 20 1.37 -11.27 0.49
C THR A 20 2.44 -10.43 1.21
N GLY A 21 2.31 -10.28 2.52
CA GLY A 21 3.27 -9.50 3.27
C GLY A 21 3.17 -9.79 4.76
N THR A 22 2.30 -9.06 5.43
CA THR A 22 2.10 -9.24 6.86
C THR A 22 0.89 -8.45 7.37
N LEU A 23 0.72 -7.22 6.89
CA LEU A 23 -0.39 -6.37 7.32
C LEU A 23 -1.03 -5.64 6.16
N TRP A 24 -1.18 -6.34 5.03
CA TRP A 24 -1.78 -5.76 3.84
C TRP A 24 -3.19 -5.24 4.11
N LYS A 25 -4.12 -6.17 4.38
CA LYS A 25 -5.51 -5.83 4.66
C LYS A 25 -6.12 -4.98 3.55
N SER A 26 -6.12 -3.67 3.75
CA SER A 26 -6.66 -2.72 2.79
C SER A 26 -6.04 -1.35 3.05
N CYS A 27 -5.78 -0.60 1.99
CA CYS A 27 -5.17 0.73 2.10
C CYS A 27 -5.97 1.65 3.03
N ASN A 28 -7.30 1.58 2.92
CA ASN A 28 -8.17 2.39 3.75
C ASN A 28 -7.93 2.11 5.24
N ASP A 29 -7.93 0.84 5.58
CA ASP A 29 -7.72 0.41 6.96
C ASP A 29 -6.31 0.74 7.44
N ARG A 30 -5.34 0.58 6.56
CA ARG A 30 -3.95 0.87 6.88
C ARG A 30 -3.75 2.35 7.19
N CYS A 31 -4.58 3.18 6.62
CA CYS A 31 -4.50 4.62 6.85
C CYS A 31 -5.28 5.01 8.09
N LYS A 32 -6.28 4.21 8.43
CA LYS A 32 -7.10 4.47 9.61
C LYS A 32 -6.32 4.18 10.88
N GLU A 33 -5.48 3.15 10.84
CA GLU A 33 -4.66 2.79 11.98
C GLU A 33 -3.48 3.75 12.10
N LEU A 34 -3.31 4.58 11.08
CA LEU A 34 -2.24 5.56 11.04
C LEU A 34 -2.76 6.92 11.48
N GLY A 35 -4.08 7.05 11.53
CA GLY A 35 -4.69 8.30 11.92
C GLY A 35 -4.87 9.25 10.76
N ARG A 36 -5.22 8.71 9.60
CA ARG A 36 -5.42 9.52 8.40
C ARG A 36 -6.83 9.35 7.85
N LYS A 37 -7.12 9.98 6.72
CA LYS A 37 -8.45 9.89 6.12
C LYS A 37 -8.55 8.76 5.11
N ARG A 38 -7.73 8.83 4.06
CA ARG A 38 -7.78 7.83 3.00
C ARG A 38 -6.38 7.52 2.49
N GLY A 39 -6.30 6.58 1.54
CA GLY A 39 -5.01 6.21 0.97
C GLY A 39 -5.10 6.06 -0.54
N GLN A 40 -4.19 6.71 -1.25
CA GLN A 40 -4.18 6.64 -2.71
C GLN A 40 -2.81 6.19 -3.22
N CYS A 41 -2.83 5.37 -4.28
CA CYS A 41 -1.59 4.86 -4.86
C CYS A 41 -0.77 5.97 -5.52
N GLU A 42 0.22 6.44 -4.79
CA GLU A 42 1.13 7.47 -5.26
C GLU A 42 2.51 6.88 -5.50
N GLU A 43 3.35 7.59 -6.24
CA GLU A 43 4.71 7.13 -6.51
C GLU A 43 5.62 7.45 -5.34
N LYS A 44 5.60 6.58 -4.34
CA LYS A 44 6.41 6.74 -3.16
C LYS A 44 7.09 5.42 -2.79
N PRO A 45 8.29 5.19 -3.33
CA PRO A 45 9.05 3.96 -3.08
C PRO A 45 9.69 3.93 -1.71
N SER A 46 9.08 4.60 -0.75
CA SER A 46 9.59 4.65 0.61
C SER A 46 9.32 3.35 1.37
N ARG A 47 8.28 2.63 0.97
CA ARG A 47 7.94 1.37 1.60
C ARG A 47 7.80 0.25 0.57
N CYS A 48 8.44 0.44 -0.57
CA CYS A 48 8.39 -0.53 -1.66
C CYS A 48 9.76 -1.04 -2.05
N PRO A 49 9.97 -2.36 -2.07
CA PRO A 49 11.24 -2.97 -2.45
C PRO A 49 11.33 -3.20 -3.96
N LEU A 50 10.31 -2.73 -4.68
CA LEU A 50 10.26 -2.88 -6.13
C LEU A 50 10.17 -1.52 -6.80
N SER A 51 10.92 -1.33 -7.88
CA SER A 51 10.93 -0.06 -8.60
C SER A 51 9.70 0.08 -9.50
N LYS A 52 9.44 -0.94 -10.32
CA LYS A 52 8.29 -0.91 -11.23
C LYS A 52 6.97 -0.80 -10.48
N LYS A 53 6.94 -1.35 -9.28
CA LYS A 53 5.75 -1.35 -8.46
C LYS A 53 5.95 -0.48 -7.23
N ALA A 54 6.46 0.73 -7.45
CA ALA A 54 6.74 1.67 -6.35
C ALA A 54 5.52 2.51 -5.97
N TRP A 55 4.34 2.09 -6.41
CA TRP A 55 3.13 2.82 -6.08
C TRP A 55 2.58 2.34 -4.75
N THR A 56 2.52 3.24 -3.80
CA THR A 56 2.05 2.91 -2.46
C THR A 56 0.79 3.70 -2.10
N CYS A 57 -0.02 3.14 -1.24
CA CYS A 57 -1.25 3.78 -0.79
C CYS A 57 -0.92 4.85 0.23
N ILE A 58 -0.58 6.03 -0.26
CA ILE A 58 -0.23 7.16 0.60
C ILE A 58 -1.47 7.71 1.27
N CYS A 59 -1.38 7.83 2.58
CA CYS A 59 -2.48 8.33 3.39
C CYS A 59 -2.57 9.85 3.34
N TYR A 60 -3.80 10.34 3.35
CA TYR A 60 -4.06 11.77 3.31
C TYR A 60 -4.73 12.20 4.61
N GLN A 1 1.22 3.34 10.61
CA GLN A 1 0.90 3.11 9.18
C GLN A 1 1.94 2.21 8.53
N ILE A 2 1.47 1.18 7.84
CA ILE A 2 2.36 0.26 7.17
C ILE A 2 2.48 0.62 5.69
N VAL A 3 1.33 0.83 5.05
CA VAL A 3 1.28 1.21 3.63
C VAL A 3 1.66 0.06 2.70
N ASP A 4 0.99 -0.01 1.55
CA ASP A 4 1.25 -1.02 0.56
C ASP A 4 1.81 -0.34 -0.67
N CYS A 5 2.10 -1.14 -1.66
CA CYS A 5 2.66 -0.63 -2.91
C CYS A 5 1.75 -0.97 -4.10
N TRP A 6 1.73 -0.09 -5.09
CA TRP A 6 0.88 -0.27 -6.27
C TRP A 6 1.56 -1.14 -7.32
N GLU A 7 0.74 -1.91 -8.05
CA GLU A 7 1.24 -2.78 -9.10
C GLU A 7 0.34 -2.68 -10.32
N THR A 8 -0.94 -3.02 -10.13
CA THR A 8 -1.91 -2.96 -11.21
C THR A 8 -3.17 -2.20 -10.77
N TRP A 9 -4.01 -2.85 -9.97
CA TRP A 9 -5.22 -2.22 -9.48
C TRP A 9 -5.52 -2.66 -8.05
N SER A 10 -5.88 -3.93 -7.89
CA SER A 10 -6.19 -4.48 -6.58
C SER A 10 -4.89 -4.74 -5.80
N ARG A 11 -3.81 -4.92 -6.55
CA ARG A 11 -2.49 -5.18 -5.97
C ARG A 11 -1.85 -3.90 -5.44
N CYS A 12 -2.65 -3.08 -4.79
CA CYS A 12 -2.18 -1.83 -4.21
C CYS A 12 -2.97 -1.46 -2.96
N THR A 13 -4.28 -1.68 -2.99
CA THR A 13 -5.13 -1.37 -1.85
C THR A 13 -5.52 -2.65 -1.12
N LYS A 14 -5.49 -3.78 -1.81
CA LYS A 14 -5.86 -5.05 -1.20
C LYS A 14 -4.72 -6.07 -1.22
N TRP A 15 -3.53 -5.63 -1.58
CA TRP A 15 -2.36 -6.51 -1.64
C TRP A 15 -1.09 -5.75 -1.28
N SER A 16 -0.17 -6.43 -0.61
CA SER A 16 1.09 -5.81 -0.21
C SER A 16 2.13 -5.86 -1.32
N GLN A 17 3.21 -6.60 -1.09
CA GLN A 17 4.29 -6.69 -2.07
C GLN A 17 4.08 -7.88 -3.01
N GLY A 18 4.88 -8.93 -2.82
CA GLY A 18 4.78 -10.11 -3.66
C GLY A 18 3.63 -11.00 -3.24
N GLY A 19 2.41 -10.48 -3.39
CA GLY A 19 1.24 -11.24 -3.03
C GLY A 19 1.03 -11.28 -1.53
N THR A 20 0.90 -12.49 -0.98
CA THR A 20 0.67 -12.69 0.44
C THR A 20 1.88 -12.27 1.27
N GLY A 21 1.75 -11.16 1.99
CA GLY A 21 2.84 -10.69 2.83
C GLY A 21 2.78 -11.31 4.21
N THR A 22 2.19 -10.60 5.14
CA THR A 22 2.06 -11.05 6.51
C THR A 22 0.66 -10.74 7.03
N LEU A 23 0.26 -9.48 6.90
CA LEU A 23 -1.05 -9.02 7.34
C LEU A 23 -1.38 -7.72 6.62
N TRP A 24 -1.76 -7.86 5.35
CA TRP A 24 -2.07 -6.71 4.52
C TRP A 24 -3.44 -6.11 4.81
N LYS A 25 -4.50 -6.92 4.65
CA LYS A 25 -5.88 -6.48 4.86
C LYS A 25 -6.27 -5.48 3.77
N SER A 26 -5.69 -4.29 3.87
CA SER A 26 -5.92 -3.22 2.91
C SER A 26 -5.02 -2.06 3.30
N CYS A 27 -4.48 -1.36 2.31
CA CYS A 27 -3.63 -0.20 2.59
C CYS A 27 -4.47 0.87 3.28
N ASN A 28 -5.77 0.85 2.98
CA ASN A 28 -6.71 1.79 3.56
C ASN A 28 -6.79 1.60 5.07
N ASP A 29 -6.93 0.35 5.50
CA ASP A 29 -7.00 0.03 6.93
C ASP A 29 -5.68 0.31 7.61
N ARG A 30 -4.59 -0.04 6.93
CA ARG A 30 -3.25 0.17 7.48
C ARG A 30 -2.84 1.64 7.41
N CYS A 31 -3.73 2.47 6.91
CA CYS A 31 -3.50 3.91 6.85
C CYS A 31 -4.42 4.61 7.85
N LYS A 32 -5.57 3.99 8.11
CA LYS A 32 -6.55 4.53 9.05
C LYS A 32 -5.99 4.49 10.46
N GLU A 33 -5.26 3.43 10.78
CA GLU A 33 -4.66 3.25 12.10
C GLU A 33 -3.72 4.40 12.47
N LEU A 34 -3.20 5.08 11.47
CA LEU A 34 -2.30 6.20 11.69
C LEU A 34 -3.09 7.45 12.09
N GLY A 35 -4.22 7.65 11.42
CA GLY A 35 -5.03 8.81 11.70
C GLY A 35 -5.26 9.62 10.45
N ARG A 36 -5.80 8.95 9.43
CA ARG A 36 -6.07 9.59 8.15
C ARG A 36 -7.46 9.18 7.67
N LYS A 37 -7.88 9.74 6.56
CA LYS A 37 -9.20 9.41 6.01
C LYS A 37 -9.16 8.13 5.19
N ARG A 38 -8.46 8.18 4.07
CA ARG A 38 -8.37 7.01 3.19
C ARG A 38 -6.92 6.80 2.73
N GLY A 39 -6.77 5.97 1.71
CA GLY A 39 -5.46 5.68 1.17
C GLY A 39 -5.48 5.69 -0.35
N GLN A 40 -4.60 6.48 -0.95
CA GLN A 40 -4.52 6.58 -2.39
C GLN A 40 -3.19 6.06 -2.91
N CYS A 41 -3.25 5.06 -3.77
CA CYS A 41 -2.05 4.48 -4.36
C CYS A 41 -1.42 5.50 -5.31
N GLU A 42 -0.36 6.12 -4.84
CA GLU A 42 0.37 7.13 -5.59
C GLU A 42 1.81 6.66 -5.70
N GLU A 43 2.75 7.56 -5.94
CA GLU A 43 4.13 7.14 -6.06
C GLU A 43 4.85 7.28 -4.71
N LYS A 44 6.10 7.71 -4.77
CA LYS A 44 6.95 7.90 -3.59
C LYS A 44 7.23 6.59 -2.88
N PRO A 45 8.04 5.70 -3.50
CA PRO A 45 8.37 4.40 -2.93
C PRO A 45 8.98 4.53 -1.54
N SER A 46 8.18 4.27 -0.52
CA SER A 46 8.63 4.38 0.85
C SER A 46 9.10 3.03 1.39
N ARG A 47 8.61 1.94 0.79
CA ARG A 47 8.99 0.60 1.23
C ARG A 47 8.59 -0.45 0.20
N CYS A 48 8.96 -0.21 -1.05
CA CYS A 48 8.65 -1.13 -2.13
C CYS A 48 9.92 -1.81 -2.64
N PRO A 49 10.17 -3.05 -2.21
CA PRO A 49 11.36 -3.81 -2.61
C PRO A 49 11.24 -4.40 -4.00
N LEU A 50 10.05 -4.30 -4.58
CA LEU A 50 9.80 -4.84 -5.93
C LEU A 50 9.87 -3.74 -6.97
N SER A 51 10.53 -4.03 -8.09
CA SER A 51 10.68 -3.08 -9.18
C SER A 51 9.35 -2.82 -9.87
N LYS A 52 8.46 -3.81 -9.82
CA LYS A 52 7.15 -3.70 -10.45
C LYS A 52 6.20 -2.84 -9.63
N LYS A 53 6.66 -2.42 -8.46
CA LYS A 53 5.84 -1.59 -7.60
C LYS A 53 6.04 -0.10 -7.90
N ALA A 54 7.06 0.49 -7.26
CA ALA A 54 7.40 1.91 -7.43
C ALA A 54 6.38 2.85 -6.77
N TRP A 55 5.11 2.50 -6.89
CA TRP A 55 4.05 3.31 -6.32
C TRP A 55 3.69 2.82 -4.91
N THR A 56 3.18 3.71 -4.07
CA THR A 56 2.83 3.36 -2.70
C THR A 56 1.49 3.98 -2.30
N CYS A 57 0.79 3.31 -1.41
CA CYS A 57 -0.52 3.80 -0.95
C CYS A 57 -0.35 4.94 0.06
N ILE A 58 -0.56 6.16 -0.39
CA ILE A 58 -0.41 7.33 0.45
C ILE A 58 -1.70 7.58 1.25
N CYS A 59 -1.57 7.60 2.57
CA CYS A 59 -2.70 7.82 3.45
C CYS A 59 -3.11 9.30 3.43
N TYR A 60 -4.38 9.55 3.13
CA TYR A 60 -4.90 10.91 3.07
C TYR A 60 -6.24 10.99 3.78
N GLN A 1 1.35 0.49 10.53
CA GLN A 1 2.10 0.79 9.29
C GLN A 1 2.32 -0.47 8.45
N ILE A 2 1.25 -1.00 7.88
CA ILE A 2 1.32 -2.19 7.05
C ILE A 2 2.37 -2.03 5.94
N VAL A 3 2.25 -0.94 5.19
CA VAL A 3 3.16 -0.65 4.08
C VAL A 3 2.99 -1.66 2.94
N ASP A 4 2.10 -1.32 2.02
CA ASP A 4 1.81 -2.14 0.88
C ASP A 4 2.44 -1.50 -0.35
N CYS A 5 2.06 -2.01 -1.49
CA CYS A 5 2.56 -1.55 -2.77
C CYS A 5 1.53 -1.80 -3.86
N TRP A 6 1.61 -1.05 -4.94
CA TRP A 6 0.67 -1.19 -6.04
C TRP A 6 1.40 -1.59 -7.31
N GLU A 7 0.80 -2.52 -8.04
CA GLU A 7 1.34 -3.01 -9.30
C GLU A 7 0.16 -3.47 -10.14
N THR A 8 -0.48 -4.53 -9.68
CA THR A 8 -1.65 -5.07 -10.34
C THR A 8 -2.84 -4.19 -9.93
N TRP A 9 -3.88 -4.16 -10.75
CA TRP A 9 -5.05 -3.31 -10.50
C TRP A 9 -5.52 -3.26 -9.04
N SER A 10 -5.65 -4.42 -8.40
CA SER A 10 -6.11 -4.46 -7.01
C SER A 10 -5.01 -4.94 -6.06
N ARG A 11 -3.76 -4.62 -6.38
CA ARG A 11 -2.63 -5.04 -5.55
C ARG A 11 -2.55 -4.26 -4.23
N CYS A 12 -2.99 -3.01 -4.23
CA CYS A 12 -2.96 -2.20 -3.01
C CYS A 12 -4.35 -2.07 -2.42
N THR A 13 -5.36 -2.15 -3.29
CA THR A 13 -6.74 -2.02 -2.90
C THR A 13 -7.17 -3.07 -1.87
N LYS A 14 -6.86 -4.33 -2.15
CA LYS A 14 -7.23 -5.41 -1.24
C LYS A 14 -6.14 -6.47 -1.12
N TRP A 15 -4.90 -6.02 -1.04
CA TRP A 15 -3.76 -6.91 -0.92
C TRP A 15 -2.64 -6.24 -0.13
N SER A 16 -1.41 -6.64 -0.39
CA SER A 16 -0.26 -6.09 0.28
C SER A 16 0.94 -6.10 -0.67
N GLN A 17 2.03 -6.72 -0.27
CA GLN A 17 3.21 -6.81 -1.11
C GLN A 17 3.12 -8.04 -2.00
N GLY A 18 2.65 -7.85 -3.23
CA GLY A 18 2.53 -8.94 -4.16
C GLY A 18 1.65 -10.06 -3.62
N GLY A 19 2.22 -11.26 -3.55
CA GLY A 19 1.49 -12.40 -3.05
C GLY A 19 1.74 -12.66 -1.58
N THR A 20 0.99 -11.96 -0.73
CA THR A 20 1.12 -12.11 0.72
C THR A 20 2.53 -11.82 1.22
N GLY A 21 3.11 -10.71 0.75
CA GLY A 21 4.45 -10.32 1.17
C GLY A 21 4.48 -9.80 2.60
N THR A 22 4.06 -8.56 2.78
CA THR A 22 4.04 -7.95 4.12
C THR A 22 2.99 -8.62 4.99
N LEU A 23 1.73 -8.31 4.70
CA LEU A 23 0.62 -8.88 5.44
C LEU A 23 -0.61 -8.97 4.54
N TRP A 24 -1.47 -7.97 4.63
CA TRP A 24 -2.69 -7.91 3.84
C TRP A 24 -3.44 -6.61 4.10
N LYS A 25 -4.66 -6.73 4.66
CA LYS A 25 -5.50 -5.57 4.95
C LYS A 25 -5.91 -4.87 3.66
N SER A 26 -5.57 -3.60 3.56
CA SER A 26 -5.87 -2.79 2.40
C SER A 26 -5.12 -1.48 2.54
N CYS A 27 -4.87 -0.82 1.41
CA CYS A 27 -4.16 0.45 1.44
C CYS A 27 -4.92 1.47 2.30
N ASN A 28 -6.24 1.39 2.27
CA ASN A 28 -7.07 2.29 3.04
C ASN A 28 -6.89 2.03 4.53
N ASP A 29 -7.04 0.77 4.93
CA ASP A 29 -6.89 0.39 6.33
C ASP A 29 -5.50 0.72 6.83
N ARG A 30 -4.51 0.53 5.98
CA ARG A 30 -3.12 0.81 6.30
C ARG A 30 -2.95 2.28 6.71
N CYS A 31 -3.74 3.14 6.12
CA CYS A 31 -3.69 4.56 6.42
C CYS A 31 -4.56 4.90 7.64
N LYS A 32 -5.62 4.11 7.83
CA LYS A 32 -6.52 4.31 8.95
C LYS A 32 -5.83 4.04 10.27
N GLU A 33 -5.02 2.97 10.29
CA GLU A 33 -4.29 2.58 11.49
C GLU A 33 -3.16 3.57 11.80
N LEU A 34 -2.95 4.53 10.91
CA LEU A 34 -1.92 5.53 11.09
C LEU A 34 -2.51 6.83 11.62
N GLY A 35 -3.83 6.83 11.81
CA GLY A 35 -4.49 8.01 12.31
C GLY A 35 -4.80 9.01 11.22
N ARG A 36 -4.76 8.55 9.98
CA ARG A 36 -5.02 9.40 8.83
C ARG A 36 -6.50 9.35 8.47
N LYS A 37 -6.89 10.12 7.47
CA LYS A 37 -8.27 10.17 7.04
C LYS A 37 -8.53 9.24 5.87
N ARG A 38 -7.68 9.31 4.85
CA ARG A 38 -7.83 8.46 3.67
C ARG A 38 -6.48 8.10 3.06
N GLY A 39 -6.52 7.33 1.98
CA GLY A 39 -5.32 6.92 1.30
C GLY A 39 -5.52 6.81 -0.20
N GLN A 40 -4.49 7.15 -0.95
CA GLN A 40 -4.54 7.09 -2.41
C GLN A 40 -3.30 6.41 -2.96
N CYS A 41 -3.49 5.31 -3.70
CA CYS A 41 -2.37 4.57 -4.27
C CYS A 41 -1.70 5.38 -5.38
N GLU A 42 -0.60 6.00 -5.03
CA GLU A 42 0.15 6.82 -5.96
C GLU A 42 1.54 6.26 -6.21
N GLU A 43 2.31 6.93 -7.05
CA GLU A 43 3.64 6.49 -7.40
C GLU A 43 4.67 7.03 -6.41
N LYS A 44 4.82 6.33 -5.29
CA LYS A 44 5.78 6.73 -4.26
C LYS A 44 6.64 5.54 -3.83
N PRO A 45 7.71 5.26 -4.59
CA PRO A 45 8.62 4.13 -4.30
C PRO A 45 9.28 4.23 -2.93
N SER A 46 9.24 5.41 -2.33
CA SER A 46 9.84 5.63 -1.03
C SER A 46 9.12 4.85 0.07
N ARG A 47 7.90 4.41 -0.22
CA ARG A 47 7.13 3.65 0.75
C ARG A 47 6.88 2.23 0.24
N CYS A 48 7.78 1.76 -0.61
CA CYS A 48 7.66 0.42 -1.18
C CYS A 48 8.99 -0.32 -1.05
N PRO A 49 9.05 -1.34 -0.16
CA PRO A 49 10.27 -2.12 0.09
C PRO A 49 10.62 -3.09 -1.04
N LEU A 50 10.01 -2.92 -2.21
CA LEU A 50 10.28 -3.78 -3.34
C LEU A 50 10.41 -2.98 -4.62
N SER A 51 11.61 -2.99 -5.20
CA SER A 51 11.88 -2.26 -6.43
C SER A 51 11.27 -2.97 -7.63
N LYS A 52 9.96 -2.85 -7.77
CA LYS A 52 9.21 -3.45 -8.87
C LYS A 52 7.82 -2.84 -8.94
N LYS A 53 7.15 -2.76 -7.79
CA LYS A 53 5.83 -2.19 -7.70
C LYS A 53 5.91 -0.67 -7.74
N ALA A 54 6.69 -0.11 -6.80
CA ALA A 54 6.90 1.34 -6.70
C ALA A 54 5.69 2.09 -6.15
N TRP A 55 4.52 1.84 -6.72
CA TRP A 55 3.32 2.52 -6.28
C TRP A 55 2.94 2.09 -4.87
N THR A 56 2.25 2.96 -4.14
CA THR A 56 1.84 2.67 -2.78
C THR A 56 0.75 3.65 -2.35
N CYS A 57 -0.01 3.30 -1.33
CA CYS A 57 -1.08 4.14 -0.86
C CYS A 57 -0.57 5.31 -0.02
N ILE A 58 -0.83 6.53 -0.48
CA ILE A 58 -0.41 7.72 0.24
C ILE A 58 -1.49 8.11 1.24
N CYS A 59 -1.10 8.16 2.50
CA CYS A 59 -2.02 8.50 3.58
C CYS A 59 -2.07 10.00 3.80
N TYR A 60 -3.27 10.51 4.08
CA TYR A 60 -3.46 11.92 4.33
C TYR A 60 -4.46 12.11 5.46
N GLN A 1 1.11 0.06 10.59
CA GLN A 1 1.25 1.34 9.85
C GLN A 1 1.22 1.06 8.36
N ILE A 2 1.76 1.98 7.57
CA ILE A 2 1.78 1.81 6.13
C ILE A 2 3.07 1.11 5.68
N VAL A 3 3.54 1.47 4.50
CA VAL A 3 4.76 0.89 3.93
C VAL A 3 4.51 -0.53 3.41
N ASP A 4 4.24 -0.61 2.12
CA ASP A 4 3.98 -1.86 1.44
C ASP A 4 3.99 -1.59 -0.04
N CYS A 5 3.63 -2.58 -0.84
CA CYS A 5 3.64 -2.41 -2.30
C CYS A 5 3.06 -3.63 -3.01
N TRP A 6 2.57 -3.43 -4.23
CA TRP A 6 2.02 -4.53 -5.03
C TRP A 6 2.13 -4.31 -6.54
N GLU A 7 1.14 -3.69 -7.16
CA GLU A 7 1.18 -3.50 -8.61
C GLU A 7 0.37 -2.29 -9.10
N THR A 8 -0.95 -2.44 -9.15
CA THR A 8 -1.82 -1.38 -9.65
C THR A 8 -2.74 -0.86 -8.56
N TRP A 9 -3.54 0.15 -8.92
CA TRP A 9 -4.49 0.78 -8.01
C TRP A 9 -5.44 -0.23 -7.40
N SER A 10 -6.03 -1.06 -8.25
CA SER A 10 -6.96 -2.08 -7.79
C SER A 10 -6.26 -3.10 -6.92
N ARG A 11 -5.02 -3.43 -7.28
CA ARG A 11 -4.24 -4.40 -6.54
C ARG A 11 -3.97 -3.96 -5.10
N CYS A 12 -3.56 -2.69 -4.93
CA CYS A 12 -3.29 -2.17 -3.59
C CYS A 12 -4.58 -1.96 -2.79
N THR A 13 -5.70 -1.83 -3.51
CA THR A 13 -6.99 -1.66 -2.85
C THR A 13 -7.32 -2.93 -2.08
N LYS A 14 -6.87 -4.07 -2.60
CA LYS A 14 -7.10 -5.36 -1.97
C LYS A 14 -6.07 -5.62 -0.88
N TRP A 15 -4.85 -5.93 -1.28
CA TRP A 15 -3.75 -6.20 -0.36
C TRP A 15 -2.46 -5.62 -0.93
N SER A 16 -1.33 -6.17 -0.52
CA SER A 16 -0.04 -5.73 -1.01
C SER A 16 0.97 -6.88 -0.84
N GLN A 17 2.16 -6.54 -0.33
CA GLN A 17 3.24 -7.51 -0.10
C GLN A 17 3.63 -8.28 -1.36
N GLY A 18 3.36 -7.68 -2.52
CA GLY A 18 3.69 -8.32 -3.78
C GLY A 18 2.89 -9.58 -4.02
N GLY A 19 1.83 -9.78 -3.26
CA GLY A 19 1.00 -10.96 -3.42
C GLY A 19 0.74 -11.68 -2.11
N THR A 20 0.45 -10.90 -1.07
CA THR A 20 0.16 -11.44 0.27
C THR A 20 1.44 -11.94 0.96
N GLY A 21 1.82 -11.26 2.03
CA GLY A 21 3.01 -11.63 2.78
C GLY A 21 2.71 -11.70 4.27
N THR A 22 3.20 -10.73 5.02
CA THR A 22 2.99 -10.70 6.45
C THR A 22 2.05 -9.55 6.86
N LEU A 23 2.29 -8.37 6.29
CA LEU A 23 1.47 -7.19 6.59
C LEU A 23 0.19 -7.16 5.75
N TRP A 24 0.38 -7.04 4.44
CA TRP A 24 -0.72 -6.96 3.47
C TRP A 24 -1.82 -5.96 3.85
N LYS A 25 -3.04 -6.45 4.02
CA LYS A 25 -4.19 -5.59 4.36
C LYS A 25 -4.52 -4.65 3.21
N SER A 26 -5.68 -4.02 3.27
CA SER A 26 -6.07 -3.08 2.25
C SER A 26 -5.41 -1.72 2.53
N CYS A 27 -5.04 -0.99 1.48
CA CYS A 27 -4.40 0.32 1.63
C CYS A 27 -5.17 1.24 2.57
N ASN A 28 -6.49 1.24 2.46
CA ASN A 28 -7.32 2.09 3.31
C ASN A 28 -7.23 1.65 4.77
N ASP A 29 -7.08 0.33 4.97
CA ASP A 29 -6.98 -0.23 6.31
C ASP A 29 -5.66 0.17 6.96
N ARG A 30 -4.60 0.19 6.15
CA ARG A 30 -3.28 0.56 6.63
C ARG A 30 -3.28 2.02 7.09
N CYS A 31 -4.12 2.83 6.45
CA CYS A 31 -4.25 4.24 6.79
C CYS A 31 -5.05 4.42 8.08
N LYS A 32 -5.89 3.45 8.41
CA LYS A 32 -6.69 3.50 9.62
C LYS A 32 -5.77 3.44 10.83
N GLU A 33 -4.72 2.63 10.70
CA GLU A 33 -3.73 2.46 11.77
C GLU A 33 -2.95 3.75 12.02
N LEU A 34 -3.10 4.70 11.11
CA LEU A 34 -2.42 5.99 11.23
C LEU A 34 -3.41 7.10 11.58
N GLY A 35 -4.68 6.71 11.71
CA GLY A 35 -5.71 7.68 12.04
C GLY A 35 -5.97 8.65 10.91
N ARG A 36 -5.86 8.18 9.67
CA ARG A 36 -6.09 9.01 8.50
C ARG A 36 -7.51 8.88 8.01
N LYS A 37 -7.91 9.76 7.10
CA LYS A 37 -9.27 9.75 6.56
C LYS A 37 -9.39 8.74 5.42
N ARG A 38 -8.43 8.77 4.51
CA ARG A 38 -8.45 7.87 3.38
C ARG A 38 -7.02 7.53 2.95
N GLY A 39 -6.90 6.68 1.94
CA GLY A 39 -5.61 6.28 1.45
C GLY A 39 -5.66 5.94 -0.02
N GLN A 40 -5.01 6.75 -0.84
CA GLN A 40 -4.98 6.53 -2.28
C GLN A 40 -3.79 5.63 -2.64
N CYS A 41 -3.57 5.44 -3.93
CA CYS A 41 -2.47 4.60 -4.39
C CYS A 41 -1.62 5.36 -5.38
N GLU A 42 -0.33 5.38 -5.13
CA GLU A 42 0.61 6.07 -5.99
C GLU A 42 1.88 5.25 -6.12
N GLU A 43 2.81 5.72 -6.92
CA GLU A 43 4.07 5.04 -7.14
C GLU A 43 4.87 4.94 -5.84
N LYS A 44 5.36 6.09 -5.39
CA LYS A 44 6.17 6.23 -4.17
C LYS A 44 7.01 4.98 -3.85
N PRO A 45 8.08 4.76 -4.63
CA PRO A 45 8.96 3.59 -4.45
C PRO A 45 9.76 3.65 -3.16
N SER A 46 9.73 4.80 -2.51
CA SER A 46 10.45 5.00 -1.24
C SER A 46 9.96 4.04 -0.16
N ARG A 47 8.66 3.78 -0.12
CA ARG A 47 8.09 2.88 0.87
C ARG A 47 7.55 1.61 0.21
N CYS A 48 8.13 1.27 -0.91
CA CYS A 48 7.74 0.09 -1.66
C CYS A 48 8.93 -0.87 -1.78
N PRO A 49 8.85 -2.05 -1.15
CA PRO A 49 9.94 -3.05 -1.17
C PRO A 49 10.26 -3.59 -2.56
N LEU A 50 9.35 -3.42 -3.50
CA LEU A 50 9.56 -3.92 -4.86
C LEU A 50 9.77 -2.77 -5.84
N SER A 51 11.04 -2.41 -6.05
CA SER A 51 11.41 -1.31 -6.94
C SER A 51 10.95 -1.55 -8.38
N LYS A 52 10.85 -2.81 -8.78
CA LYS A 52 10.42 -3.15 -10.13
C LYS A 52 8.93 -2.85 -10.35
N LYS A 53 8.21 -2.68 -9.27
CA LYS A 53 6.79 -2.39 -9.34
C LYS A 53 6.51 -0.95 -8.93
N ALA A 54 6.83 -0.62 -7.68
CA ALA A 54 6.66 0.72 -7.15
C ALA A 54 5.21 1.21 -7.14
N TRP A 55 4.45 0.81 -6.13
CA TRP A 55 3.07 1.23 -5.98
C TRP A 55 2.67 1.07 -4.53
N THR A 56 2.47 2.18 -3.83
CA THR A 56 2.13 2.13 -2.42
C THR A 56 0.89 2.98 -2.10
N CYS A 57 0.46 2.93 -0.84
CA CYS A 57 -0.71 3.67 -0.40
C CYS A 57 -0.31 5.05 0.14
N ILE A 58 -1.06 6.06 -0.27
CA ILE A 58 -0.83 7.41 0.16
C ILE A 58 -1.98 7.86 1.06
N CYS A 59 -1.75 7.81 2.36
CA CYS A 59 -2.77 8.19 3.31
C CYS A 59 -3.01 9.70 3.32
N TYR A 60 -4.28 10.07 3.40
CA TYR A 60 -4.68 11.45 3.40
C TYR A 60 -5.30 11.81 4.74
N GLN A 1 0.07 -1.13 8.38
CA GLN A 1 1.54 -1.06 8.54
C GLN A 1 2.09 0.01 7.61
N ILE A 2 3.40 0.07 7.46
CA ILE A 2 4.02 1.07 6.59
C ILE A 2 4.83 0.41 5.46
N VAL A 3 5.17 1.22 4.45
CA VAL A 3 5.94 0.76 3.30
C VAL A 3 5.22 -0.36 2.53
N ASP A 4 4.38 0.04 1.58
CA ASP A 4 3.61 -0.89 0.79
C ASP A 4 3.45 -0.36 -0.62
N CYS A 5 3.68 -1.21 -1.59
CA CYS A 5 3.56 -0.84 -2.99
C CYS A 5 2.95 -1.98 -3.81
N TRP A 6 2.45 -1.65 -5.00
CA TRP A 6 1.85 -2.64 -5.89
C TRP A 6 1.82 -2.14 -7.33
N GLU A 7 1.13 -2.86 -8.21
CA GLU A 7 1.07 -2.51 -9.61
C GLU A 7 -0.10 -1.58 -9.94
N THR A 8 -1.27 -2.17 -10.14
CA THR A 8 -2.46 -1.42 -10.49
C THR A 8 -3.15 -0.86 -9.24
N TRP A 9 -3.97 0.18 -9.46
CA TRP A 9 -4.71 0.84 -8.38
C TRP A 9 -5.44 -0.16 -7.50
N SER A 10 -6.20 -1.04 -8.14
CA SER A 10 -6.98 -2.06 -7.44
C SER A 10 -6.11 -2.89 -6.49
N ARG A 11 -5.03 -3.47 -7.03
CA ARG A 11 -4.13 -4.29 -6.23
C ARG A 11 -3.41 -3.44 -5.19
N CYS A 12 -3.21 -2.17 -5.50
CA CYS A 12 -2.52 -1.26 -4.60
C CYS A 12 -3.34 -1.00 -3.33
N THR A 13 -4.65 -0.87 -3.48
CA THR A 13 -5.51 -0.60 -2.33
C THR A 13 -6.03 -1.88 -1.68
N LYS A 14 -6.35 -2.88 -2.49
CA LYS A 14 -6.88 -4.13 -1.99
C LYS A 14 -5.80 -5.07 -1.43
N TRP A 15 -4.59 -4.91 -1.92
CA TRP A 15 -3.47 -5.74 -1.46
C TRP A 15 -2.39 -4.89 -0.82
N SER A 16 -1.33 -5.54 -0.35
CA SER A 16 -0.22 -4.86 0.30
C SER A 16 1.01 -5.77 0.26
N GLN A 17 2.04 -5.31 -0.45
CA GLN A 17 3.28 -6.06 -0.58
C GLN A 17 3.86 -6.47 0.77
N GLY A 18 3.74 -5.59 1.76
CA GLY A 18 4.28 -5.88 3.08
C GLY A 18 3.56 -7.04 3.76
N GLY A 19 2.45 -7.45 3.19
CA GLY A 19 1.71 -8.57 3.74
C GLY A 19 2.38 -9.89 3.44
N THR A 20 3.01 -9.96 2.27
CA THR A 20 3.71 -11.17 1.82
C THR A 20 2.75 -12.32 1.50
N GLY A 21 2.02 -12.77 2.51
CA GLY A 21 1.09 -13.87 2.32
C GLY A 21 -0.34 -13.44 2.58
N THR A 22 -0.82 -13.72 3.79
CA THR A 22 -2.19 -13.38 4.14
C THR A 22 -2.25 -12.17 5.08
N LEU A 23 -1.09 -11.69 5.51
CA LEU A 23 -1.03 -10.55 6.41
C LEU A 23 -1.01 -9.22 5.65
N TRP A 24 -1.62 -9.20 4.47
CA TRP A 24 -1.65 -8.01 3.65
C TRP A 24 -2.68 -6.99 4.11
N LYS A 25 -3.85 -7.47 4.53
CA LYS A 25 -4.95 -6.62 4.99
C LYS A 25 -5.51 -5.79 3.84
N SER A 26 -4.94 -4.61 3.64
CA SER A 26 -5.35 -3.67 2.59
C SER A 26 -4.61 -2.36 2.83
N CYS A 27 -4.12 -1.74 1.76
CA CYS A 27 -3.41 -0.47 1.89
C CYS A 27 -4.30 0.60 2.51
N ASN A 28 -5.59 0.54 2.19
CA ASN A 28 -6.54 1.51 2.74
C ASN A 28 -6.64 1.32 4.25
N ASP A 29 -6.77 0.06 4.67
CA ASP A 29 -6.86 -0.26 6.09
C ASP A 29 -5.53 0.00 6.78
N ARG A 30 -4.44 -0.24 6.05
CA ARG A 30 -3.10 -0.02 6.58
C ARG A 30 -2.87 1.45 6.87
N CYS A 31 -3.44 2.31 6.04
CA CYS A 31 -3.32 3.75 6.24
C CYS A 31 -4.13 4.18 7.45
N LYS A 32 -5.22 3.45 7.72
CA LYS A 32 -6.07 3.74 8.88
C LYS A 32 -5.30 3.48 10.16
N GLU A 33 -4.38 2.52 10.11
CA GLU A 33 -3.57 2.17 11.28
C GLU A 33 -2.59 3.29 11.60
N LEU A 34 -2.33 4.13 10.60
CA LEU A 34 -1.41 5.25 10.76
C LEU A 34 -2.16 6.49 11.25
N GLY A 35 -3.45 6.33 11.51
CA GLY A 35 -4.26 7.44 12.00
C GLY A 35 -4.93 8.20 10.87
N ARG A 36 -4.92 7.62 9.67
CA ARG A 36 -5.53 8.25 8.52
C ARG A 36 -6.88 7.60 8.24
N LYS A 37 -7.54 7.99 7.15
CA LYS A 37 -8.84 7.43 6.82
C LYS A 37 -8.90 6.89 5.39
N ARG A 38 -8.26 7.60 4.47
CA ARG A 38 -8.26 7.19 3.07
C ARG A 38 -6.89 6.74 2.61
N GLY A 39 -6.84 6.18 1.41
CA GLY A 39 -5.60 5.71 0.85
C GLY A 39 -5.63 5.73 -0.66
N GLN A 40 -4.97 6.72 -1.24
CA GLN A 40 -4.92 6.85 -2.70
C GLN A 40 -3.85 5.93 -3.27
N CYS A 41 -3.79 5.82 -4.58
CA CYS A 41 -2.79 4.99 -5.22
C CYS A 41 -1.97 5.79 -6.20
N GLU A 42 -0.72 6.03 -5.85
CA GLU A 42 0.17 6.81 -6.68
C GLU A 42 1.55 6.19 -6.61
N GLU A 43 2.31 6.26 -7.69
CA GLU A 43 3.65 5.68 -7.74
C GLU A 43 4.45 6.06 -6.50
N LYS A 44 4.87 7.32 -6.45
CA LYS A 44 5.66 7.86 -5.33
C LYS A 44 6.66 6.86 -4.75
N PRO A 45 7.85 6.77 -5.34
CA PRO A 45 8.90 5.84 -4.90
C PRO A 45 9.36 6.08 -3.45
N SER A 46 10.29 5.21 -3.01
CA SER A 46 10.85 5.27 -1.66
C SER A 46 9.88 4.70 -0.63
N ARG A 47 8.96 3.88 -1.09
CA ARG A 47 7.96 3.25 -0.22
C ARG A 47 7.57 1.89 -0.78
N CYS A 48 8.49 1.30 -1.55
CA CYS A 48 8.24 0.00 -2.17
C CYS A 48 9.25 -1.02 -1.70
N PRO A 49 8.79 -2.02 -0.92
CA PRO A 49 9.66 -3.09 -0.39
C PRO A 49 10.37 -3.88 -1.48
N LEU A 50 9.60 -4.56 -2.33
CA LEU A 50 10.19 -5.39 -3.39
C LEU A 50 9.50 -5.15 -4.73
N SER A 51 10.20 -5.53 -5.80
CA SER A 51 9.70 -5.40 -7.17
C SER A 51 9.70 -3.96 -7.65
N LYS A 52 9.39 -3.78 -8.94
CA LYS A 52 9.34 -2.46 -9.55
C LYS A 52 7.91 -1.95 -9.56
N LYS A 53 7.17 -2.31 -8.52
CA LYS A 53 5.79 -1.89 -8.36
C LYS A 53 5.72 -0.38 -8.13
N ALA A 54 6.40 0.07 -7.09
CA ALA A 54 6.47 1.49 -6.73
C ALA A 54 5.16 2.07 -6.19
N TRP A 55 4.07 1.92 -6.94
CA TRP A 55 2.75 2.47 -6.58
C TRP A 55 2.43 2.24 -5.11
N THR A 56 2.34 3.32 -4.37
CA THR A 56 2.06 3.24 -2.95
C THR A 56 0.70 3.85 -2.60
N CYS A 57 0.19 3.50 -1.43
CA CYS A 57 -1.08 4.00 -0.96
C CYS A 57 -0.91 5.32 -0.21
N ILE A 58 -1.27 6.41 -0.87
CA ILE A 58 -1.17 7.75 -0.28
C ILE A 58 -2.21 7.88 0.82
N CYS A 59 -1.76 7.74 2.06
CA CYS A 59 -2.64 7.82 3.22
C CYS A 59 -3.22 9.22 3.38
N TYR A 60 -4.54 9.29 3.42
CA TYR A 60 -5.23 10.56 3.58
C TYR A 60 -5.85 10.66 4.96
N GLN A 1 1.46 0.78 9.99
CA GLN A 1 2.22 0.76 8.72
C GLN A 1 2.84 -0.62 8.50
N ILE A 2 2.34 -1.33 7.49
CA ILE A 2 2.84 -2.68 7.21
C ILE A 2 3.43 -2.79 5.79
N VAL A 3 3.45 -1.67 5.05
CA VAL A 3 4.00 -1.65 3.69
C VAL A 3 3.07 -2.33 2.67
N ASP A 4 2.96 -1.73 1.49
CA ASP A 4 2.11 -2.25 0.43
C ASP A 4 2.60 -1.72 -0.90
N CYS A 5 2.53 -2.56 -1.92
CA CYS A 5 2.97 -2.20 -3.26
C CYS A 5 2.61 -3.28 -4.29
N TRP A 6 1.86 -2.87 -5.31
CA TRP A 6 1.45 -3.77 -6.39
C TRP A 6 1.17 -2.94 -7.63
N GLU A 7 1.60 -3.42 -8.80
CA GLU A 7 1.40 -2.69 -10.06
C GLU A 7 -0.06 -2.33 -10.28
N THR A 8 -0.96 -3.18 -9.84
CA THR A 8 -2.39 -2.95 -9.97
C THR A 8 -2.93 -2.26 -8.72
N TRP A 9 -3.59 -1.12 -8.91
CA TRP A 9 -4.16 -0.33 -7.82
C TRP A 9 -5.01 -1.18 -6.88
N SER A 10 -5.88 -1.99 -7.45
CA SER A 10 -6.75 -2.85 -6.67
C SER A 10 -5.97 -3.85 -5.83
N ARG A 11 -4.82 -4.26 -6.33
CA ARG A 11 -3.98 -5.23 -5.62
C ARG A 11 -3.32 -4.63 -4.39
N CYS A 12 -2.79 -3.41 -4.51
CA CYS A 12 -2.14 -2.77 -3.37
C CYS A 12 -3.17 -2.27 -2.36
N THR A 13 -4.39 -2.07 -2.84
CA THR A 13 -5.48 -1.60 -1.99
C THR A 13 -6.15 -2.77 -1.26
N LYS A 14 -5.86 -4.00 -1.69
CA LYS A 14 -6.46 -5.18 -1.08
C LYS A 14 -5.45 -6.11 -0.41
N TRP A 15 -4.26 -6.22 -0.99
CA TRP A 15 -3.22 -7.08 -0.44
C TRP A 15 -2.16 -6.27 0.27
N SER A 16 -0.92 -6.37 -0.19
CA SER A 16 0.19 -5.65 0.38
C SER A 16 1.33 -5.50 -0.63
N GLN A 17 2.47 -6.14 -0.36
CA GLN A 17 3.62 -6.05 -1.26
C GLN A 17 3.73 -7.31 -2.11
N GLY A 18 4.89 -7.49 -2.73
CA GLY A 18 5.12 -8.65 -3.57
C GLY A 18 4.97 -9.96 -2.82
N GLY A 19 5.14 -9.89 -1.50
CA GLY A 19 5.00 -11.08 -0.67
C GLY A 19 3.55 -11.52 -0.55
N THR A 20 2.65 -10.62 -0.94
CA THR A 20 1.21 -10.88 -0.92
C THR A 20 0.60 -10.85 0.49
N GLY A 21 1.27 -11.48 1.45
CA GLY A 21 0.73 -11.52 2.79
C GLY A 21 1.42 -10.59 3.76
N THR A 22 2.02 -11.17 4.79
CA THR A 22 2.71 -10.44 5.86
C THR A 22 1.83 -9.34 6.45
N LEU A 23 0.60 -9.72 6.78
CA LEU A 23 -0.40 -8.82 7.36
C LEU A 23 -0.97 -7.85 6.32
N TRP A 24 -1.68 -8.40 5.34
CA TRP A 24 -2.28 -7.61 4.29
C TRP A 24 -3.54 -6.91 4.80
N LYS A 25 -3.78 -5.71 4.31
CA LYS A 25 -4.94 -4.92 4.72
C LYS A 25 -5.42 -4.05 3.56
N SER A 26 -6.57 -3.44 3.73
CA SER A 26 -7.12 -2.56 2.71
C SER A 26 -6.59 -1.14 2.90
N CYS A 27 -6.66 -0.35 1.85
CA CYS A 27 -6.18 1.04 1.91
C CYS A 27 -6.89 1.82 3.01
N ASN A 28 -8.18 1.59 3.16
CA ASN A 28 -8.95 2.29 4.19
C ASN A 28 -8.42 1.92 5.57
N ASP A 29 -8.10 0.64 5.76
CA ASP A 29 -7.57 0.17 7.02
C ASP A 29 -6.20 0.77 7.29
N ARG A 30 -5.38 0.84 6.25
CA ARG A 30 -4.04 1.41 6.34
C ARG A 30 -4.12 2.84 6.82
N CYS A 31 -5.12 3.57 6.35
CA CYS A 31 -5.31 4.95 6.74
C CYS A 31 -5.87 5.02 8.16
N LYS A 32 -6.74 4.08 8.50
CA LYS A 32 -7.34 4.02 9.84
C LYS A 32 -6.25 3.91 10.91
N GLU A 33 -5.35 2.96 10.74
CA GLU A 33 -4.28 2.74 11.70
C GLU A 33 -3.29 3.89 11.73
N LEU A 34 -3.15 4.59 10.60
CA LEU A 34 -2.22 5.72 10.50
C LEU A 34 -2.88 7.02 10.97
N GLY A 35 -4.17 6.97 11.23
CA GLY A 35 -4.89 8.14 11.70
C GLY A 35 -5.13 9.12 10.57
N ARG A 36 -5.34 8.59 9.38
CA ARG A 36 -5.59 9.40 8.20
C ARG A 36 -6.99 9.12 7.66
N LYS A 37 -7.34 9.74 6.54
CA LYS A 37 -8.67 9.54 5.96
C LYS A 37 -8.63 8.69 4.69
N ARG A 38 -8.18 9.30 3.58
CA ARG A 38 -8.14 8.60 2.30
C ARG A 38 -6.72 8.22 1.92
N GLY A 39 -6.60 7.19 1.09
CA GLY A 39 -5.29 6.75 0.64
C GLY A 39 -5.31 6.41 -0.84
N GLN A 40 -4.15 6.42 -1.47
CA GLN A 40 -4.07 6.12 -2.90
C GLN A 40 -2.73 5.49 -3.26
N CYS A 41 -2.78 4.48 -4.11
CA CYS A 41 -1.57 3.79 -4.57
C CYS A 41 -0.79 4.70 -5.51
N GLU A 42 0.22 5.34 -4.97
CA GLU A 42 1.05 6.25 -5.74
C GLU A 42 2.46 5.73 -5.93
N GLU A 43 3.22 6.43 -6.77
CA GLU A 43 4.60 6.08 -7.06
C GLU A 43 5.52 6.40 -5.90
N LYS A 44 5.50 5.56 -4.89
CA LYS A 44 6.33 5.77 -3.70
C LYS A 44 7.26 4.59 -3.47
N PRO A 45 8.53 4.70 -3.90
CA PRO A 45 9.52 3.64 -3.72
C PRO A 45 10.13 3.71 -2.32
N SER A 46 9.56 4.58 -1.50
CA SER A 46 10.01 4.79 -0.13
C SER A 46 9.46 3.69 0.78
N ARG A 47 8.34 3.10 0.38
CA ARG A 47 7.72 2.05 1.16
C ARG A 47 8.05 0.68 0.58
N CYS A 48 8.16 0.61 -0.74
CA CYS A 48 8.47 -0.64 -1.42
C CYS A 48 9.81 -0.58 -2.14
N PRO A 49 10.65 -1.60 -1.97
CA PRO A 49 11.97 -1.67 -2.62
C PRO A 49 11.86 -2.06 -4.10
N LEU A 50 10.64 -2.31 -4.56
CA LEU A 50 10.42 -2.69 -5.94
C LEU A 50 10.22 -1.45 -6.81
N SER A 51 10.99 -1.37 -7.88
CA SER A 51 10.96 -0.23 -8.79
C SER A 51 9.64 -0.09 -9.56
N LYS A 52 9.26 -1.13 -10.28
CA LYS A 52 8.02 -1.08 -11.07
C LYS A 52 6.79 -1.25 -10.20
N LYS A 53 6.93 -2.00 -9.14
CA LYS A 53 5.82 -2.24 -8.21
C LYS A 53 5.76 -1.13 -7.17
N ALA A 54 6.28 0.04 -7.51
CA ALA A 54 6.29 1.18 -6.60
C ALA A 54 4.92 1.84 -6.49
N TRP A 55 3.94 1.07 -6.07
CA TRP A 55 2.58 1.56 -5.89
C TRP A 55 2.22 1.43 -4.42
N THR A 56 2.50 2.49 -3.68
CA THR A 56 2.24 2.50 -2.25
C THR A 56 1.03 3.35 -1.91
N CYS A 57 0.16 2.83 -1.07
CA CYS A 57 -1.05 3.54 -0.67
C CYS A 57 -0.76 4.63 0.36
N ILE A 58 -0.55 5.85 -0.12
CA ILE A 58 -0.27 6.97 0.75
C ILE A 58 -1.57 7.57 1.25
N CYS A 59 -1.71 7.65 2.55
CA CYS A 59 -2.91 8.19 3.16
C CYS A 59 -2.76 9.68 3.49
N TYR A 60 -3.86 10.41 3.36
CA TYR A 60 -3.88 11.83 3.63
C TYR A 60 -4.70 12.09 4.89
N GLN A 1 -0.82 -3.52 5.14
CA GLN A 1 -0.53 -2.70 6.33
C GLN A 1 0.91 -2.22 6.31
N ILE A 2 1.84 -3.16 6.38
CA ILE A 2 3.25 -2.81 6.36
C ILE A 2 3.76 -2.88 4.93
N VAL A 3 3.80 -1.72 4.28
CA VAL A 3 4.25 -1.60 2.89
C VAL A 3 3.16 -2.10 1.92
N ASP A 4 2.39 -1.16 1.40
CA ASP A 4 1.31 -1.47 0.47
C ASP A 4 1.64 -0.89 -0.91
N CYS A 5 2.08 -1.74 -1.81
CA CYS A 5 2.46 -1.31 -3.16
C CYS A 5 1.40 -1.70 -4.20
N TRP A 6 1.45 -1.04 -5.35
CA TRP A 6 0.52 -1.31 -6.44
C TRP A 6 1.18 -2.19 -7.49
N GLU A 7 0.48 -3.23 -7.90
CA GLU A 7 0.99 -4.14 -8.92
C GLU A 7 -0.08 -4.40 -9.97
N THR A 8 -1.18 -5.02 -9.54
CA THR A 8 -2.29 -5.32 -10.43
C THR A 8 -3.27 -4.15 -10.50
N TRP A 9 -4.04 -3.98 -9.43
CA TRP A 9 -5.02 -2.90 -9.37
C TRP A 9 -5.32 -2.49 -7.93
N SER A 10 -5.89 -3.41 -7.17
CA SER A 10 -6.25 -3.15 -5.77
C SER A 10 -5.15 -3.60 -4.81
N ARG A 11 -3.93 -3.73 -5.32
CA ARG A 11 -2.81 -4.16 -4.50
C ARG A 11 -2.48 -3.13 -3.43
N CYS A 12 -2.68 -1.86 -3.76
CA CYS A 12 -2.41 -0.78 -2.81
C CYS A 12 -3.72 -0.33 -2.18
N THR A 13 -4.69 -1.23 -2.14
CA THR A 13 -5.98 -0.92 -1.58
C THR A 13 -6.48 -2.02 -0.66
N LYS A 14 -6.53 -3.25 -1.17
CA LYS A 14 -6.99 -4.39 -0.39
C LYS A 14 -5.82 -5.19 0.18
N TRP A 15 -4.81 -5.40 -0.65
CA TRP A 15 -3.64 -6.16 -0.23
C TRP A 15 -2.48 -5.22 0.11
N SER A 16 -1.26 -5.72 -0.01
CA SER A 16 -0.08 -4.93 0.27
C SER A 16 0.94 -5.12 -0.86
N GLN A 17 2.19 -5.44 -0.50
CA GLN A 17 3.23 -5.63 -1.49
C GLN A 17 3.14 -6.98 -2.21
N GLY A 18 4.09 -7.25 -3.09
CA GLY A 18 4.09 -8.49 -3.85
C GLY A 18 4.68 -9.66 -3.08
N GLY A 19 4.80 -9.51 -1.77
CA GLY A 19 5.34 -10.57 -0.94
C GLY A 19 4.27 -11.53 -0.48
N THR A 20 3.22 -11.67 -1.29
CA THR A 20 2.10 -12.56 -1.01
C THR A 20 1.22 -12.02 0.12
N GLY A 21 1.77 -11.95 1.33
CA GLY A 21 1.01 -11.47 2.46
C GLY A 21 1.53 -10.15 2.98
N THR A 22 2.41 -10.21 3.98
CA THR A 22 2.98 -9.01 4.59
C THR A 22 1.91 -8.22 5.36
N LEU A 23 0.87 -8.95 5.77
CA LEU A 23 -0.24 -8.37 6.52
C LEU A 23 -0.98 -7.33 5.69
N TRP A 24 -1.86 -7.82 4.82
CA TRP A 24 -2.66 -6.93 3.97
C TRP A 24 -3.45 -5.95 4.81
N LYS A 25 -4.57 -6.44 5.36
CA LYS A 25 -5.45 -5.63 6.21
C LYS A 25 -6.06 -4.45 5.44
N SER A 26 -5.68 -4.32 4.16
CA SER A 26 -6.15 -3.25 3.30
C SER A 26 -5.50 -1.91 3.67
N CYS A 27 -5.08 -1.16 2.65
CA CYS A 27 -4.43 0.13 2.87
C CYS A 27 -5.39 1.11 3.54
N ASN A 28 -6.68 0.97 3.26
CA ASN A 28 -7.69 1.84 3.86
C ASN A 28 -7.66 1.73 5.38
N ASP A 29 -7.54 0.50 5.86
CA ASP A 29 -7.49 0.25 7.30
C ASP A 29 -6.17 0.75 7.85
N ARG A 30 -5.10 0.59 7.06
CA ARG A 30 -3.77 1.04 7.46
C ARG A 30 -3.77 2.55 7.66
N CYS A 31 -4.44 3.26 6.77
CA CYS A 31 -4.54 4.70 6.86
C CYS A 31 -5.38 5.10 8.06
N LYS A 32 -6.44 4.35 8.31
CA LYS A 32 -7.32 4.62 9.44
C LYS A 32 -6.58 4.44 10.77
N GLU A 33 -5.71 3.43 10.84
CA GLU A 33 -4.96 3.17 12.06
C GLU A 33 -3.80 4.16 12.23
N LEU A 34 -3.47 4.87 11.15
CA LEU A 34 -2.41 5.86 11.19
C LEU A 34 -2.97 7.23 11.56
N GLY A 35 -4.28 7.39 11.39
CA GLY A 35 -4.91 8.66 11.71
C GLY A 35 -5.37 9.41 10.48
N ARG A 36 -5.64 8.67 9.40
CA ARG A 36 -6.10 9.29 8.15
C ARG A 36 -7.38 8.60 7.68
N LYS A 37 -7.82 8.91 6.47
CA LYS A 37 -9.04 8.31 5.92
C LYS A 37 -8.72 7.15 4.99
N ARG A 38 -8.03 7.45 3.89
CA ARG A 38 -7.69 6.43 2.91
C ARG A 38 -6.35 6.76 2.26
N GLY A 39 -5.84 5.83 1.47
CA GLY A 39 -4.57 6.04 0.82
C GLY A 39 -4.69 6.11 -0.69
N GLN A 40 -4.00 7.07 -1.30
CA GLN A 40 -4.02 7.25 -2.74
C GLN A 40 -2.77 6.62 -3.36
N CYS A 41 -2.98 5.73 -4.31
CA CYS A 41 -1.89 5.04 -4.97
C CYS A 41 -1.12 5.95 -5.92
N GLU A 42 -0.01 6.47 -5.44
CA GLU A 42 0.84 7.33 -6.23
C GLU A 42 2.25 6.75 -6.32
N GLU A 43 3.10 7.38 -7.12
CA GLU A 43 4.46 6.90 -7.30
C GLU A 43 5.38 7.40 -6.19
N LYS A 44 5.33 6.73 -5.05
CA LYS A 44 6.16 7.07 -3.91
C LYS A 44 7.13 5.95 -3.60
N PRO A 45 8.34 6.01 -4.16
CA PRO A 45 9.37 4.99 -3.96
C PRO A 45 9.95 5.03 -2.54
N SER A 46 10.93 4.17 -2.29
CA SER A 46 11.58 4.06 -0.97
C SER A 46 10.58 3.61 0.09
N ARG A 47 9.49 3.00 -0.37
CA ARG A 47 8.44 2.52 0.52
C ARG A 47 7.96 1.15 0.07
N CYS A 48 8.78 0.47 -0.74
CA CYS A 48 8.44 -0.84 -1.25
C CYS A 48 9.68 -1.62 -1.66
N PRO A 49 9.89 -2.82 -1.09
CA PRO A 49 11.04 -3.66 -1.42
C PRO A 49 11.09 -4.01 -2.90
N LEU A 50 9.92 -4.09 -3.52
CA LEU A 50 9.82 -4.40 -4.93
C LEU A 50 9.75 -3.12 -5.75
N SER A 51 10.90 -2.72 -6.30
CA SER A 51 11.01 -1.51 -7.09
C SER A 51 10.15 -1.56 -8.35
N LYS A 52 9.92 -2.76 -8.87
CA LYS A 52 9.12 -2.94 -10.08
C LYS A 52 7.72 -2.36 -9.89
N LYS A 53 7.26 -2.35 -8.64
CA LYS A 53 5.95 -1.80 -8.32
C LYS A 53 6.07 -0.30 -8.12
N ALA A 54 6.80 0.10 -7.07
CA ALA A 54 7.05 1.51 -6.73
C ALA A 54 5.83 2.31 -6.26
N TRP A 55 4.67 1.99 -6.80
CA TRP A 55 3.45 2.69 -6.42
C TRP A 55 3.04 2.32 -5.01
N THR A 56 2.62 3.31 -4.24
CA THR A 56 2.18 3.08 -2.87
C THR A 56 1.01 4.02 -2.57
N CYS A 57 0.23 3.70 -1.55
CA CYS A 57 -0.91 4.52 -1.18
C CYS A 57 -0.56 5.51 -0.07
N ILE A 58 -0.66 6.79 -0.38
CA ILE A 58 -0.40 7.83 0.59
C ILE A 58 -1.69 8.17 1.33
N CYS A 59 -1.65 8.03 2.65
CA CYS A 59 -2.81 8.27 3.48
C CYS A 59 -3.16 9.75 3.59
N TYR A 60 -4.45 10.05 3.42
CA TYR A 60 -4.94 11.41 3.51
C TYR A 60 -6.17 11.43 4.42
N GLN A 1 1.00 3.58 3.33
CA GLN A 1 1.92 4.33 4.21
C GLN A 1 3.27 3.64 4.39
N ILE A 2 3.25 2.34 4.64
CA ILE A 2 4.48 1.59 4.85
C ILE A 2 4.40 0.19 4.25
N VAL A 3 5.42 -0.17 3.48
CA VAL A 3 5.52 -1.48 2.82
C VAL A 3 4.25 -1.94 2.09
N ASP A 4 3.46 -0.98 1.60
CA ASP A 4 2.24 -1.28 0.89
C ASP A 4 2.35 -0.86 -0.58
N CYS A 5 2.61 -1.83 -1.44
CA CYS A 5 2.75 -1.53 -2.86
C CYS A 5 2.69 -2.79 -3.73
N TRP A 6 2.49 -2.58 -5.03
CA TRP A 6 2.43 -3.66 -6.00
C TRP A 6 2.37 -3.09 -7.42
N GLU A 7 2.05 -3.93 -8.40
CA GLU A 7 1.97 -3.50 -9.79
C GLU A 7 0.54 -3.30 -10.25
N THR A 8 -0.38 -3.22 -9.31
CA THR A 8 -1.79 -3.03 -9.62
C THR A 8 -2.41 -2.02 -8.65
N TRP A 9 -3.31 -1.18 -9.16
CA TRP A 9 -3.98 -0.18 -8.35
C TRP A 9 -4.69 -0.85 -7.18
N SER A 10 -5.44 -1.91 -7.49
CA SER A 10 -6.19 -2.65 -6.49
C SER A 10 -5.25 -3.35 -5.50
N ARG A 11 -4.18 -3.92 -6.03
CA ARG A 11 -3.21 -4.62 -5.20
C ARG A 11 -2.51 -3.68 -4.23
N CYS A 12 -2.19 -2.48 -4.68
CA CYS A 12 -1.53 -1.49 -3.84
C CYS A 12 -2.45 -1.06 -2.71
N THR A 13 -3.75 -0.99 -2.99
CA THR A 13 -4.72 -0.59 -2.00
C THR A 13 -5.03 -1.72 -1.03
N LYS A 14 -4.57 -2.92 -1.35
CA LYS A 14 -4.80 -4.07 -0.49
C LYS A 14 -3.58 -4.32 0.40
N TRP A 15 -2.69 -3.34 0.47
CA TRP A 15 -1.47 -3.42 1.28
C TRP A 15 -0.45 -4.37 0.65
N SER A 16 -0.81 -5.64 0.54
CA SER A 16 0.04 -6.67 -0.08
C SER A 16 1.21 -7.10 0.79
N GLN A 17 1.93 -6.14 1.38
CA GLN A 17 3.10 -6.41 2.22
C GLN A 17 4.35 -6.69 1.36
N GLY A 18 4.11 -6.97 0.08
CA GLY A 18 5.20 -7.26 -0.83
C GLY A 18 5.05 -8.61 -1.48
N GLY A 19 4.61 -9.59 -0.70
CA GLY A 19 4.42 -10.93 -1.22
C GLY A 19 2.96 -11.32 -1.31
N THR A 20 2.09 -10.43 -0.81
CA THR A 20 0.64 -10.64 -0.81
C THR A 20 0.22 -12.07 -0.44
N GLY A 21 0.69 -12.54 0.70
CA GLY A 21 0.38 -13.88 1.16
C GLY A 21 -1.01 -13.96 1.75
N THR A 22 -1.14 -13.64 3.02
CA THR A 22 -2.43 -13.68 3.71
C THR A 22 -2.58 -12.55 4.72
N LEU A 23 -1.65 -11.61 4.72
CA LEU A 23 -1.69 -10.49 5.64
C LEU A 23 -1.87 -9.17 4.91
N TRP A 24 -2.59 -9.22 3.79
CA TRP A 24 -2.83 -8.04 3.00
C TRP A 24 -3.88 -7.13 3.63
N LYS A 25 -5.11 -7.61 3.68
CA LYS A 25 -6.24 -6.85 4.24
C LYS A 25 -6.55 -5.62 3.39
N SER A 26 -6.00 -4.48 3.78
CA SER A 26 -6.21 -3.23 3.05
C SER A 26 -5.27 -2.15 3.60
N CYS A 27 -4.80 -1.28 2.71
CA CYS A 27 -3.88 -0.22 3.12
C CYS A 27 -4.61 0.87 3.89
N ASN A 28 -5.83 1.19 3.44
CA ASN A 28 -6.63 2.23 4.07
C ASN A 28 -6.87 1.92 5.54
N ASP A 29 -7.18 0.66 5.83
CA ASP A 29 -7.45 0.24 7.20
C ASP A 29 -6.20 0.33 8.08
N ARG A 30 -5.07 -0.12 7.55
CA ARG A 30 -3.82 -0.09 8.30
C ARG A 30 -3.33 1.35 8.48
N CYS A 31 -3.84 2.24 7.67
CA CYS A 31 -3.49 3.65 7.75
C CYS A 31 -4.48 4.36 8.69
N LYS A 32 -5.65 3.77 8.84
CA LYS A 32 -6.69 4.32 9.71
C LYS A 32 -6.21 4.29 11.16
N GLU A 33 -5.59 3.17 11.53
CA GLU A 33 -5.07 2.99 12.89
C GLU A 33 -3.89 3.92 13.14
N LEU A 34 -3.35 4.48 12.07
CA LEU A 34 -2.24 5.42 12.15
C LEU A 34 -2.75 6.85 12.24
N GLY A 35 -4.04 7.01 11.97
CA GLY A 35 -4.63 8.34 12.03
C GLY A 35 -4.71 9.02 10.69
N ARG A 36 -5.20 8.31 9.69
CA ARG A 36 -5.34 8.85 8.34
C ARG A 36 -6.79 8.77 7.91
N LYS A 37 -7.13 9.44 6.82
CA LYS A 37 -8.49 9.44 6.30
C LYS A 37 -8.69 8.34 5.27
N ARG A 38 -8.07 8.50 4.11
CA ARG A 38 -8.21 7.53 3.04
C ARG A 38 -6.88 7.21 2.39
N GLY A 39 -6.82 6.06 1.72
CA GLY A 39 -5.61 5.64 1.05
C GLY A 39 -5.80 5.61 -0.45
N GLN A 40 -4.89 6.25 -1.18
CA GLN A 40 -4.96 6.30 -2.63
C GLN A 40 -3.69 5.71 -3.25
N CYS A 41 -3.81 5.19 -4.46
CA CYS A 41 -2.69 4.57 -5.14
C CYS A 41 -1.89 5.62 -5.89
N GLU A 42 -0.63 5.70 -5.55
CA GLU A 42 0.28 6.65 -6.17
C GLU A 42 1.61 5.98 -6.48
N GLU A 43 2.19 6.33 -7.61
CA GLU A 43 3.46 5.76 -8.02
C GLU A 43 4.61 6.42 -7.28
N LYS A 44 4.81 6.00 -6.04
CA LYS A 44 5.87 6.51 -5.20
C LYS A 44 6.65 5.37 -4.54
N PRO A 45 7.80 5.00 -5.11
CA PRO A 45 8.64 3.91 -4.60
C PRO A 45 9.22 4.21 -3.22
N SER A 46 8.97 5.41 -2.71
CA SER A 46 9.47 5.83 -1.41
C SER A 46 8.90 4.98 -0.29
N ARG A 47 7.70 4.45 -0.50
CA ARG A 47 7.04 3.62 0.50
C ARG A 47 6.82 2.22 -0.05
N CYS A 48 7.61 1.87 -1.05
CA CYS A 48 7.49 0.57 -1.68
C CYS A 48 8.79 -0.23 -1.53
N PRO A 49 8.73 -1.39 -0.85
CA PRO A 49 9.89 -2.24 -0.63
C PRO A 49 10.44 -2.84 -1.92
N LEU A 50 9.55 -3.12 -2.88
CA LEU A 50 9.97 -3.69 -4.15
C LEU A 50 10.05 -2.62 -5.23
N SER A 51 11.23 -2.45 -5.78
CA SER A 51 11.46 -1.45 -6.82
C SER A 51 10.68 -1.75 -8.09
N LYS A 52 10.28 -3.01 -8.28
CA LYS A 52 9.51 -3.40 -9.45
C LYS A 52 8.01 -3.37 -9.14
N LYS A 53 7.60 -2.36 -8.38
CA LYS A 53 6.19 -2.20 -8.03
C LYS A 53 5.78 -0.74 -8.20
N ALA A 54 6.34 0.13 -7.35
CA ALA A 54 6.10 1.57 -7.40
C ALA A 54 4.73 2.02 -6.88
N TRP A 55 3.68 1.33 -7.27
CA TRP A 55 2.33 1.70 -6.83
C TRP A 55 2.16 1.47 -5.34
N THR A 56 2.21 2.55 -4.58
CA THR A 56 2.09 2.49 -3.13
C THR A 56 0.78 3.14 -2.69
N CYS A 57 0.39 2.91 -1.45
CA CYS A 57 -0.83 3.47 -0.93
C CYS A 57 -0.54 4.73 -0.12
N ILE A 58 -0.87 5.88 -0.69
CA ILE A 58 -0.68 7.15 -0.01
C ILE A 58 -1.91 7.44 0.83
N CYS A 59 -1.78 7.25 2.12
CA CYS A 59 -2.89 7.47 3.03
C CYS A 59 -2.84 8.88 3.60
N TYR A 60 -3.89 9.63 3.33
CA TYR A 60 -3.99 11.00 3.81
C TYR A 60 -5.30 11.17 4.54
N GLN A 1 1.00 4.43 4.24
CA GLN A 1 1.29 2.97 4.16
C GLN A 1 2.17 2.54 5.33
N ILE A 2 2.32 1.23 5.52
CA ILE A 2 3.15 0.71 6.60
C ILE A 2 4.26 -0.16 6.05
N VAL A 3 5.29 0.48 5.50
CA VAL A 3 6.45 -0.20 4.92
C VAL A 3 6.05 -1.30 3.93
N ASP A 4 5.34 -0.90 2.88
CA ASP A 4 4.88 -1.82 1.84
C ASP A 4 4.23 -1.05 0.71
N CYS A 5 4.66 -1.33 -0.51
CA CYS A 5 4.14 -0.66 -1.69
C CYS A 5 2.99 -1.44 -2.32
N TRP A 6 2.38 -0.87 -3.34
CA TRP A 6 1.24 -1.48 -4.01
C TRP A 6 1.44 -1.44 -5.52
N GLU A 7 0.47 -1.89 -6.30
CA GLU A 7 0.61 -1.89 -7.75
C GLU A 7 -0.62 -1.27 -8.44
N THR A 8 -1.29 -2.06 -9.28
CA THR A 8 -2.46 -1.60 -10.02
C THR A 8 -3.67 -1.41 -9.09
N TRP A 9 -4.81 -1.02 -9.65
CA TRP A 9 -6.04 -0.77 -8.88
C TRP A 9 -6.31 -1.85 -7.83
N SER A 10 -6.39 -3.09 -8.26
CA SER A 10 -6.66 -4.20 -7.35
C SER A 10 -5.48 -4.46 -6.42
N ARG A 11 -4.28 -4.40 -6.99
CA ARG A 11 -3.05 -4.65 -6.23
C ARG A 11 -2.66 -3.45 -5.38
N CYS A 12 -3.49 -2.42 -5.37
CA CYS A 12 -3.24 -1.24 -4.56
C CYS A 12 -4.33 -1.11 -3.52
N THR A 13 -5.35 -1.94 -3.64
CA THR A 13 -6.46 -1.93 -2.71
C THR A 13 -6.20 -2.99 -1.63
N LYS A 14 -5.77 -4.17 -2.05
CA LYS A 14 -5.50 -5.26 -1.13
C LYS A 14 -4.29 -6.09 -1.58
N TRP A 15 -3.11 -5.72 -1.09
CA TRP A 15 -1.89 -6.42 -1.43
C TRP A 15 -0.83 -6.21 -0.36
N SER A 16 0.22 -7.01 -0.43
CA SER A 16 1.30 -6.94 0.53
C SER A 16 2.49 -7.69 -0.04
N GLN A 17 3.59 -6.97 -0.18
CA GLN A 17 4.81 -7.55 -0.74
C GLN A 17 4.54 -8.19 -2.09
N GLY A 18 5.01 -9.40 -2.30
CA GLY A 18 4.78 -10.07 -3.56
C GLY A 18 3.95 -11.33 -3.39
N GLY A 19 3.89 -11.83 -2.17
CA GLY A 19 3.13 -13.03 -1.89
C GLY A 19 1.75 -12.77 -1.34
N THR A 20 1.51 -11.53 -0.90
CA THR A 20 0.21 -11.11 -0.35
C THR A 20 0.02 -11.59 1.10
N GLY A 21 0.64 -12.71 1.44
CA GLY A 21 0.52 -13.27 2.77
C GLY A 21 1.39 -12.57 3.79
N THR A 22 1.17 -11.28 3.95
CA THR A 22 1.93 -10.49 4.92
C THR A 22 0.99 -9.47 5.56
N LEU A 23 -0.25 -9.90 5.82
CA LEU A 23 -1.27 -9.05 6.42
C LEU A 23 -1.57 -7.85 5.52
N TRP A 24 -1.94 -8.17 4.29
CA TRP A 24 -2.25 -7.17 3.27
C TRP A 24 -3.35 -6.21 3.71
N LYS A 25 -4.44 -6.75 4.26
CA LYS A 25 -5.58 -5.95 4.69
C LYS A 25 -6.14 -5.11 3.54
N SER A 26 -5.84 -3.83 3.56
CA SER A 26 -6.28 -2.90 2.52
C SER A 26 -5.44 -1.62 2.60
N CYS A 27 -5.34 -0.89 1.50
CA CYS A 27 -4.57 0.36 1.49
C CYS A 27 -5.21 1.38 2.42
N ASN A 28 -6.51 1.56 2.25
CA ASN A 28 -7.27 2.49 3.07
C ASN A 28 -7.22 2.04 4.53
N ASP A 29 -7.39 0.74 4.73
CA ASP A 29 -7.37 0.16 6.07
C ASP A 29 -6.02 0.37 6.75
N ARG A 30 -4.94 0.07 6.02
CA ARG A 30 -3.59 0.21 6.54
C ARG A 30 -3.25 1.68 6.82
N CYS A 31 -3.92 2.58 6.11
CA CYS A 31 -3.69 4.00 6.29
C CYS A 31 -4.59 4.57 7.39
N LYS A 32 -5.79 4.03 7.47
CA LYS A 32 -6.76 4.46 8.46
C LYS A 32 -6.29 4.09 9.87
N GLU A 33 -5.67 2.92 10.00
CA GLU A 33 -5.18 2.47 11.29
C GLU A 33 -3.98 3.30 11.76
N LEU A 34 -3.42 4.10 10.85
CA LEU A 34 -2.30 4.95 11.17
C LEU A 34 -2.79 6.30 11.72
N GLY A 35 -4.10 6.46 11.75
CA GLY A 35 -4.68 7.69 12.27
C GLY A 35 -5.01 8.67 11.16
N ARG A 36 -5.35 8.15 9.98
CA ARG A 36 -5.71 9.01 8.86
C ARG A 36 -7.11 8.72 8.36
N LYS A 37 -7.56 9.46 7.35
CA LYS A 37 -8.90 9.29 6.81
C LYS A 37 -8.96 8.12 5.85
N ARG A 38 -8.15 8.18 4.81
CA ARG A 38 -8.13 7.13 3.80
C ARG A 38 -6.76 7.05 3.14
N GLY A 39 -6.65 6.20 2.13
CA GLY A 39 -5.39 6.06 1.42
C GLY A 39 -5.60 6.13 -0.07
N GLN A 40 -4.68 6.77 -0.78
CA GLN A 40 -4.80 6.89 -2.22
C GLN A 40 -3.64 6.20 -2.93
N CYS A 41 -3.96 5.46 -3.98
CA CYS A 41 -2.96 4.75 -4.75
C CYS A 41 -2.17 5.71 -5.61
N GLU A 42 -0.97 6.01 -5.17
CA GLU A 42 -0.07 6.92 -5.86
C GLU A 42 1.21 6.17 -6.15
N GLU A 43 2.22 6.85 -6.65
CA GLU A 43 3.49 6.21 -6.93
C GLU A 43 4.41 6.38 -5.73
N LYS A 44 5.28 7.39 -5.80
CA LYS A 44 6.23 7.71 -4.74
C LYS A 44 6.89 6.47 -4.14
N PRO A 45 7.79 5.81 -4.89
CA PRO A 45 8.49 4.60 -4.44
C PRO A 45 9.58 4.88 -3.40
N SER A 46 9.30 5.81 -2.50
CA SER A 46 10.23 6.18 -1.45
C SER A 46 10.11 5.22 -0.27
N ARG A 47 9.13 4.33 -0.34
CA ARG A 47 8.88 3.34 0.70
C ARG A 47 8.47 2.02 0.07
N CYS A 48 9.23 1.59 -0.92
CA CYS A 48 8.95 0.35 -1.61
C CYS A 48 10.12 -0.62 -1.52
N PRO A 49 9.98 -1.70 -0.74
CA PRO A 49 11.04 -2.71 -0.57
C PRO A 49 11.24 -3.56 -1.83
N LEU A 50 10.19 -3.72 -2.64
CA LEU A 50 10.28 -4.53 -3.85
C LEU A 50 10.29 -3.66 -5.10
N SER A 51 10.32 -4.29 -6.26
CA SER A 51 10.34 -3.56 -7.52
C SER A 51 9.07 -3.80 -8.33
N LYS A 52 8.37 -4.89 -8.02
CA LYS A 52 7.14 -5.25 -8.72
C LYS A 52 5.93 -4.52 -8.14
N LYS A 53 6.18 -3.33 -7.63
CA LYS A 53 5.12 -2.51 -7.03
C LYS A 53 5.33 -1.04 -7.39
N ALA A 54 6.22 -0.38 -6.66
CA ALA A 54 6.56 1.03 -6.87
C ALA A 54 5.47 2.00 -6.39
N TRP A 55 4.22 1.62 -6.55
CA TRP A 55 3.10 2.47 -6.15
C TRP A 55 2.99 2.50 -4.63
N THR A 56 2.56 3.62 -4.08
CA THR A 56 2.43 3.75 -2.66
C THR A 56 1.10 4.37 -2.27
N CYS A 57 0.39 3.71 -1.36
CA CYS A 57 -0.88 4.20 -0.87
C CYS A 57 -0.63 5.33 0.12
N ILE A 58 -0.79 6.56 -0.36
CA ILE A 58 -0.58 7.75 0.45
C ILE A 58 -1.78 8.00 1.33
N CYS A 59 -1.57 7.98 2.64
CA CYS A 59 -2.63 8.22 3.59
C CYS A 59 -3.05 9.68 3.60
N TYR A 60 -4.34 9.91 3.46
CA TYR A 60 -4.88 11.26 3.45
C TYR A 60 -5.36 11.63 4.84
N GLN A 1 1.18 1.16 9.89
CA GLN A 1 2.41 0.56 9.32
C GLN A 1 2.31 0.40 7.82
N ILE A 2 3.10 1.16 7.09
CA ILE A 2 3.10 1.08 5.63
C ILE A 2 4.32 0.28 5.17
N VAL A 3 5.40 0.99 4.83
CA VAL A 3 6.65 0.36 4.38
C VAL A 3 6.37 -0.73 3.33
N ASP A 4 5.55 -0.39 2.34
CA ASP A 4 5.18 -1.34 1.30
C ASP A 4 4.55 -0.59 0.14
N CYS A 5 4.98 -0.94 -1.06
CA CYS A 5 4.48 -0.33 -2.28
C CYS A 5 3.22 -1.05 -2.77
N TRP A 6 2.64 -0.53 -3.85
CA TRP A 6 1.43 -1.08 -4.42
C TRP A 6 1.50 -0.98 -5.94
N GLU A 7 0.50 -1.50 -6.63
CA GLU A 7 0.48 -1.44 -8.08
C GLU A 7 -0.75 -0.67 -8.58
N THR A 8 -1.60 -1.32 -9.36
CA THR A 8 -2.80 -0.69 -9.89
C THR A 8 -3.88 -0.59 -8.81
N TRP A 9 -5.05 -0.07 -9.18
CA TRP A 9 -6.16 0.09 -8.23
C TRP A 9 -6.48 -1.20 -7.46
N SER A 10 -6.63 -2.30 -8.17
CA SER A 10 -6.93 -3.57 -7.55
C SER A 10 -5.69 -4.17 -6.88
N ARG A 11 -4.52 -3.70 -7.29
CA ARG A 11 -3.27 -4.20 -6.75
C ARG A 11 -2.66 -3.20 -5.74
N CYS A 12 -3.46 -2.22 -5.35
CA CYS A 12 -3.04 -1.22 -4.38
C CYS A 12 -3.96 -1.29 -3.19
N THR A 13 -4.84 -2.29 -3.22
CA THR A 13 -5.79 -2.52 -2.17
C THR A 13 -5.61 -3.94 -1.61
N LYS A 14 -5.54 -4.91 -2.52
CA LYS A 14 -5.37 -6.31 -2.14
C LYS A 14 -4.09 -6.89 -2.74
N TRP A 15 -2.95 -6.31 -2.39
CA TRP A 15 -1.66 -6.78 -2.89
C TRP A 15 -0.52 -6.31 -1.98
N SER A 16 -0.83 -6.22 -0.70
CA SER A 16 0.09 -5.79 0.30
C SER A 16 1.23 -6.78 0.46
N GLN A 17 2.40 -6.22 0.44
CA GLN A 17 3.66 -6.95 0.59
C GLN A 17 4.03 -7.77 -0.65
N GLY A 18 3.15 -7.75 -1.65
CA GLY A 18 3.39 -8.49 -2.87
C GLY A 18 2.81 -9.89 -2.79
N GLY A 19 3.23 -10.63 -1.78
CA GLY A 19 2.73 -11.97 -1.60
C GLY A 19 1.29 -11.98 -1.15
N THR A 20 0.90 -10.93 -0.44
CA THR A 20 -0.47 -10.78 0.06
C THR A 20 -0.88 -11.98 0.92
N GLY A 21 0.07 -12.54 1.64
CA GLY A 21 -0.22 -13.68 2.47
C GLY A 21 -0.31 -13.33 3.94
N THR A 22 0.82 -12.96 4.51
CA THR A 22 0.89 -12.62 5.93
C THR A 22 0.50 -11.17 6.20
N LEU A 23 1.06 -10.25 5.42
CA LEU A 23 0.79 -8.83 5.59
C LEU A 23 -0.12 -8.34 4.48
N TRP A 24 -1.28 -8.96 4.40
CA TRP A 24 -2.29 -8.62 3.40
C TRP A 24 -3.09 -7.38 3.78
N LYS A 25 -2.67 -6.69 4.84
CA LYS A 25 -3.34 -5.49 5.32
C LYS A 25 -3.56 -4.48 4.18
N SER A 26 -4.82 -4.26 3.87
CA SER A 26 -5.21 -3.35 2.80
C SER A 26 -4.77 -1.91 3.09
N CYS A 27 -4.63 -1.10 2.04
CA CYS A 27 -4.21 0.28 2.17
C CYS A 27 -5.15 1.07 3.07
N ASN A 28 -6.46 0.85 2.90
CA ASN A 28 -7.46 1.54 3.71
C ASN A 28 -7.17 1.37 5.19
N ASP A 29 -7.02 0.11 5.61
CA ASP A 29 -6.75 -0.20 7.00
C ASP A 29 -5.40 0.35 7.44
N ARG A 30 -4.41 0.27 6.55
CA ARG A 30 -3.07 0.75 6.83
C ARG A 30 -3.07 2.25 7.13
N CYS A 31 -3.94 2.98 6.43
CA CYS A 31 -4.06 4.41 6.64
C CYS A 31 -4.94 4.69 7.86
N LYS A 32 -5.91 3.82 8.10
CA LYS A 32 -6.80 3.97 9.24
C LYS A 32 -6.03 3.92 10.55
N GLU A 33 -5.13 2.95 10.66
CA GLU A 33 -4.32 2.78 11.85
C GLU A 33 -3.32 3.93 12.03
N LEU A 34 -3.09 4.68 10.95
CA LEU A 34 -2.19 5.82 10.99
C LEU A 34 -2.94 7.11 11.34
N GLY A 35 -4.26 6.99 11.45
CA GLY A 35 -5.07 8.14 11.77
C GLY A 35 -5.55 8.88 10.54
N ARG A 36 -5.79 8.15 9.46
CA ARG A 36 -6.26 8.74 8.22
C ARG A 36 -7.58 8.09 7.79
N LYS A 37 -8.17 8.59 6.71
CA LYS A 37 -9.43 8.05 6.22
C LYS A 37 -9.22 6.99 5.15
N ARG A 38 -8.52 7.36 4.08
CA ARG A 38 -8.27 6.42 2.98
C ARG A 38 -6.87 6.62 2.41
N GLY A 39 -6.56 5.90 1.34
CA GLY A 39 -5.26 6.02 0.72
C GLY A 39 -5.34 6.11 -0.79
N GLN A 40 -4.68 7.09 -1.37
CA GLN A 40 -4.69 7.28 -2.81
C GLN A 40 -3.43 6.69 -3.45
N CYS A 41 -3.61 5.58 -4.16
CA CYS A 41 -2.53 4.88 -4.83
C CYS A 41 -1.88 5.78 -5.87
N GLU A 42 -0.72 6.30 -5.51
CA GLU A 42 0.04 7.18 -6.38
C GLU A 42 1.39 6.56 -6.67
N GLU A 43 2.31 7.35 -7.20
CA GLU A 43 3.65 6.87 -7.52
C GLU A 43 4.48 6.68 -6.24
N LYS A 44 5.14 7.76 -5.81
CA LYS A 44 5.96 7.76 -4.60
C LYS A 44 6.80 6.48 -4.43
N PRO A 45 7.81 6.27 -5.30
CA PRO A 45 8.65 5.08 -5.25
C PRO A 45 9.73 5.15 -4.17
N SER A 46 9.34 5.54 -2.97
CA SER A 46 10.26 5.65 -1.86
C SER A 46 9.91 4.68 -0.74
N ARG A 47 8.86 3.89 -0.96
CA ARG A 47 8.41 2.92 0.03
C ARG A 47 8.23 1.55 -0.59
N CYS A 48 9.09 1.19 -1.52
CA CYS A 48 9.00 -0.11 -2.19
C CYS A 48 10.20 -0.99 -1.86
N PRO A 49 10.05 -1.85 -0.83
CA PRO A 49 11.13 -2.76 -0.42
C PRO A 49 11.11 -4.08 -1.20
N LEU A 50 9.93 -4.51 -1.63
CA LEU A 50 9.80 -5.78 -2.35
C LEU A 50 9.04 -5.58 -3.65
N SER A 51 9.36 -6.43 -4.64
CA SER A 51 8.71 -6.39 -5.95
C SER A 51 9.00 -5.10 -6.71
N LYS A 52 8.42 -4.97 -7.90
CA LYS A 52 8.61 -3.78 -8.72
C LYS A 52 7.31 -2.98 -8.78
N LYS A 53 6.58 -2.97 -7.67
CA LYS A 53 5.33 -2.24 -7.59
C LYS A 53 5.59 -0.75 -7.77
N ALA A 54 6.50 -0.22 -6.97
CA ALA A 54 6.91 1.19 -7.01
C ALA A 54 5.85 2.17 -6.51
N TRP A 55 4.60 1.98 -6.91
CA TRP A 55 3.51 2.86 -6.51
C TRP A 55 3.26 2.80 -5.01
N THR A 56 2.71 3.86 -4.44
CA THR A 56 2.42 3.90 -3.02
C THR A 56 1.16 4.74 -2.78
N CYS A 57 0.26 4.24 -1.94
CA CYS A 57 -0.96 4.96 -1.64
C CYS A 57 -0.75 6.00 -0.55
N ILE A 58 -1.09 7.24 -0.87
CA ILE A 58 -0.94 8.35 0.08
C ILE A 58 -2.17 8.41 0.97
N CYS A 59 -1.94 8.30 2.26
CA CYS A 59 -3.02 8.32 3.23
C CYS A 59 -3.62 9.71 3.37
N TYR A 60 -4.91 9.81 3.13
CA TYR A 60 -5.63 11.06 3.23
C TYR A 60 -6.75 10.95 4.24
N GLN A 1 3.02 -5.32 6.20
CA GLN A 1 1.88 -4.50 6.63
C GLN A 1 2.12 -3.03 6.30
N ILE A 2 1.12 -2.38 5.72
CA ILE A 2 1.21 -0.97 5.34
C ILE A 2 2.17 -0.78 4.15
N VAL A 3 1.81 0.12 3.24
CA VAL A 3 2.64 0.39 2.06
C VAL A 3 2.72 -0.83 1.15
N ASP A 4 1.66 -1.04 0.39
CA ASP A 4 1.56 -2.16 -0.54
C ASP A 4 1.87 -1.72 -1.96
N CYS A 5 3.12 -1.87 -2.35
CA CYS A 5 3.57 -1.49 -3.68
C CYS A 5 3.24 -2.57 -4.70
N TRP A 6 2.41 -2.21 -5.67
CA TRP A 6 1.98 -3.13 -6.72
C TRP A 6 1.73 -2.36 -8.01
N GLU A 7 1.17 -3.03 -9.01
CA GLU A 7 0.89 -2.38 -10.29
C GLU A 7 -0.60 -2.04 -10.38
N THR A 8 -1.43 -3.06 -10.30
CA THR A 8 -2.88 -2.88 -10.37
C THR A 8 -3.36 -2.03 -9.20
N TRP A 9 -4.27 -1.10 -9.48
CA TRP A 9 -4.81 -0.20 -8.45
C TRP A 9 -5.38 -0.98 -7.27
N SER A 10 -6.15 -2.03 -7.56
CA SER A 10 -6.74 -2.86 -6.52
C SER A 10 -5.66 -3.56 -5.70
N ARG A 11 -4.58 -3.95 -6.37
CA ARG A 11 -3.47 -4.64 -5.72
C ARG A 11 -2.65 -3.70 -4.85
N CYS A 12 -2.57 -2.43 -5.25
CA CYS A 12 -1.81 -1.45 -4.49
C CYS A 12 -2.67 -0.79 -3.42
N THR A 13 -3.87 -1.33 -3.20
CA THR A 13 -4.77 -0.79 -2.20
C THR A 13 -5.33 -1.89 -1.28
N LYS A 14 -4.98 -3.14 -1.54
CA LYS A 14 -5.47 -4.23 -0.70
C LYS A 14 -4.47 -5.38 -0.60
N TRP A 15 -3.19 -5.05 -0.58
CA TRP A 15 -2.16 -6.08 -0.49
C TRP A 15 -1.09 -5.71 0.54
N SER A 16 0.14 -6.13 0.27
CA SER A 16 1.28 -5.86 1.13
C SER A 16 2.54 -6.33 0.44
N GLN A 17 3.56 -5.50 0.51
CA GLN A 17 4.85 -5.80 -0.09
C GLN A 17 5.57 -6.91 0.69
N GLY A 18 6.48 -7.61 0.02
CA GLY A 18 7.22 -8.67 0.68
C GLY A 18 6.43 -9.97 0.75
N GLY A 19 5.87 -10.37 -0.38
CA GLY A 19 5.10 -11.59 -0.43
C GLY A 19 3.82 -11.49 0.37
N THR A 20 3.36 -10.27 0.56
CA THR A 20 2.15 -9.99 1.31
C THR A 20 2.33 -10.40 2.77
N GLY A 21 1.86 -11.60 3.12
CA GLY A 21 2.01 -12.09 4.46
C GLY A 21 0.69 -12.54 5.05
N THR A 22 -0.01 -11.61 5.67
CA THR A 22 -1.28 -11.88 6.32
C THR A 22 -2.05 -10.59 6.60
N LEU A 23 -1.33 -9.58 7.08
CA LEU A 23 -1.93 -8.31 7.44
C LEU A 23 -2.07 -7.38 6.24
N TRP A 24 -2.49 -7.94 5.12
CA TRP A 24 -2.69 -7.16 3.91
C TRP A 24 -3.86 -6.18 4.09
N LYS A 25 -4.97 -6.73 4.59
CA LYS A 25 -6.19 -5.97 4.84
C LYS A 25 -6.57 -5.05 3.68
N SER A 26 -6.56 -3.75 3.92
CA SER A 26 -6.88 -2.77 2.90
C SER A 26 -6.16 -1.46 3.17
N CYS A 27 -5.90 -0.71 2.10
CA CYS A 27 -5.21 0.56 2.17
C CYS A 27 -5.82 1.51 3.19
N ASN A 28 -7.09 1.86 2.98
CA ASN A 28 -7.80 2.77 3.86
C ASN A 28 -7.86 2.24 5.29
N ASP A 29 -8.18 0.96 5.42
CA ASP A 29 -8.27 0.34 6.75
C ASP A 29 -6.99 0.51 7.55
N ARG A 30 -5.86 0.14 6.97
CA ARG A 30 -4.58 0.25 7.65
C ARG A 30 -4.20 1.70 7.91
N CYS A 31 -4.41 2.55 6.90
CA CYS A 31 -4.08 3.97 7.01
C CYS A 31 -4.94 4.67 8.06
N LYS A 32 -6.18 4.22 8.20
CA LYS A 32 -7.09 4.80 9.17
C LYS A 32 -6.60 4.50 10.59
N GLU A 33 -5.95 3.34 10.75
CA GLU A 33 -5.42 2.94 12.05
C GLU A 33 -4.25 3.85 12.44
N LEU A 34 -3.65 4.49 11.45
CA LEU A 34 -2.53 5.39 11.66
C LEU A 34 -3.04 6.79 11.98
N GLY A 35 -4.36 6.95 11.97
CA GLY A 35 -4.95 8.24 12.25
C GLY A 35 -5.24 9.04 11.00
N ARG A 36 -5.46 8.34 9.89
CA ARG A 36 -5.74 9.00 8.63
C ARG A 36 -7.18 8.70 8.18
N LYS A 37 -7.62 9.36 7.12
CA LYS A 37 -8.98 9.17 6.63
C LYS A 37 -9.00 8.73 5.16
N ARG A 38 -8.02 9.18 4.40
CA ARG A 38 -7.94 8.84 2.99
C ARG A 38 -6.74 7.95 2.69
N GLY A 39 -6.76 7.33 1.52
CA GLY A 39 -5.68 6.46 1.10
C GLY A 39 -5.72 6.21 -0.39
N GLN A 40 -4.76 6.76 -1.13
CA GLN A 40 -4.71 6.59 -2.57
C GLN A 40 -3.46 5.83 -3.00
N CYS A 41 -3.43 5.41 -4.25
CA CYS A 41 -2.30 4.67 -4.78
C CYS A 41 -1.31 5.62 -5.45
N GLU A 42 -0.21 5.87 -4.77
CA GLU A 42 0.82 6.76 -5.28
C GLU A 42 2.13 6.03 -5.49
N GLU A 43 2.86 6.43 -6.50
CA GLU A 43 4.14 5.81 -6.83
C GLU A 43 5.25 6.35 -5.94
N LYS A 44 5.39 5.77 -4.76
CA LYS A 44 6.40 6.19 -3.82
C LYS A 44 7.41 5.06 -3.60
N PRO A 45 8.57 5.13 -4.29
CA PRO A 45 9.62 4.11 -4.19
C PRO A 45 10.54 4.34 -2.99
N SER A 46 10.10 5.17 -2.06
CA SER A 46 10.87 5.48 -0.88
C SER A 46 11.03 4.24 0.00
N ARG A 47 9.93 3.51 0.17
CA ARG A 47 9.94 2.28 0.97
C ARG A 47 9.30 1.16 0.18
N CYS A 48 9.65 1.08 -1.09
CA CYS A 48 9.12 0.06 -1.98
C CYS A 48 10.25 -0.63 -2.73
N PRO A 49 10.56 -1.88 -2.35
CA PRO A 49 11.63 -2.66 -3.00
C PRO A 49 11.26 -3.08 -4.42
N LEU A 50 9.95 -3.08 -4.71
CA LEU A 50 9.47 -3.47 -6.02
C LEU A 50 9.44 -2.26 -6.96
N SER A 51 10.54 -2.08 -7.68
CA SER A 51 10.69 -0.96 -8.62
C SER A 51 9.79 -1.12 -9.84
N LYS A 52 9.48 -2.37 -10.20
CA LYS A 52 8.64 -2.65 -11.37
C LYS A 52 7.18 -2.30 -11.07
N LYS A 53 6.93 -1.90 -9.83
CA LYS A 53 5.60 -1.53 -9.40
C LYS A 53 5.58 -0.10 -8.87
N ALA A 54 6.16 0.09 -7.68
CA ALA A 54 6.27 1.40 -7.04
C ALA A 54 4.95 2.02 -6.56
N TRP A 55 3.83 1.65 -7.17
CA TRP A 55 2.53 2.19 -6.77
C TRP A 55 2.12 1.61 -5.43
N THR A 56 2.03 2.45 -4.43
CA THR A 56 1.68 2.00 -3.09
C THR A 56 0.60 2.88 -2.47
N CYS A 57 -0.01 2.39 -1.41
CA CYS A 57 -1.05 3.12 -0.72
C CYS A 57 -0.49 4.22 0.18
N ILE A 58 -0.80 5.45 -0.15
CA ILE A 58 -0.35 6.60 0.61
C ILE A 58 -1.54 7.21 1.35
N CYS A 59 -1.48 7.20 2.66
CA CYS A 59 -2.54 7.72 3.51
C CYS A 59 -2.63 9.24 3.42
N TYR A 60 -3.84 9.78 3.41
CA TYR A 60 -4.05 11.21 3.32
C TYR A 60 -5.07 11.66 4.38
N GLN A 1 2.14 -3.61 9.36
CA GLN A 1 1.42 -2.37 9.76
C GLN A 1 1.54 -1.30 8.68
N ILE A 2 2.47 -1.51 7.76
CA ILE A 2 2.69 -0.58 6.65
C ILE A 2 3.13 -1.37 5.42
N VAL A 3 3.71 -0.67 4.45
CA VAL A 3 4.18 -1.30 3.22
C VAL A 3 3.04 -1.69 2.29
N ASP A 4 3.14 -1.26 1.04
CA ASP A 4 2.16 -1.54 0.01
C ASP A 4 2.66 -0.94 -1.30
N CYS A 5 2.33 -1.57 -2.40
CA CYS A 5 2.75 -1.09 -3.71
C CYS A 5 1.97 -1.76 -4.85
N TRP A 6 1.46 -0.93 -5.73
CA TRP A 6 0.65 -1.34 -6.88
C TRP A 6 1.38 -2.31 -7.79
N GLU A 7 0.78 -3.48 -7.98
CA GLU A 7 1.34 -4.50 -8.83
C GLU A 7 0.43 -4.72 -10.03
N THR A 8 -0.79 -5.18 -9.77
CA THR A 8 -1.77 -5.43 -10.82
C THR A 8 -2.90 -4.41 -10.74
N TRP A 9 -3.68 -4.50 -9.68
CA TRP A 9 -4.80 -3.59 -9.46
C TRP A 9 -5.18 -3.61 -7.98
N SER A 10 -5.71 -4.75 -7.54
CA SER A 10 -6.11 -4.92 -6.15
C SER A 10 -4.89 -5.05 -5.26
N ARG A 11 -3.73 -5.30 -5.88
CA ARG A 11 -2.48 -5.43 -5.15
C ARG A 11 -1.87 -4.07 -4.88
N CYS A 12 -2.68 -3.22 -4.28
CA CYS A 12 -2.31 -1.87 -3.88
C CYS A 12 -3.32 -1.36 -2.86
N THR A 13 -4.58 -1.37 -3.25
CA THR A 13 -5.66 -0.93 -2.39
C THR A 13 -6.07 -2.02 -1.40
N LYS A 14 -5.90 -3.27 -1.80
CA LYS A 14 -6.24 -4.40 -0.95
C LYS A 14 -4.98 -5.09 -0.46
N TRP A 15 -4.18 -5.61 -1.38
CA TRP A 15 -2.94 -6.31 -1.05
C TRP A 15 -1.77 -5.33 -0.95
N SER A 16 -0.67 -5.76 -0.35
CA SER A 16 0.48 -4.91 -0.18
C SER A 16 1.68 -5.33 -1.04
N GLN A 17 2.57 -6.14 -0.46
CA GLN A 17 3.75 -6.59 -1.15
C GLN A 17 3.59 -8.01 -1.70
N GLY A 18 4.67 -8.56 -2.23
CA GLY A 18 4.64 -9.89 -2.79
C GLY A 18 4.59 -10.96 -1.71
N GLY A 19 3.80 -11.98 -1.96
CA GLY A 19 3.66 -13.05 -1.00
C GLY A 19 2.20 -13.26 -0.65
N THR A 20 1.47 -12.15 -0.60
CA THR A 20 0.04 -12.17 -0.28
C THR A 20 -0.25 -12.44 1.20
N GLY A 21 0.32 -13.53 1.73
CA GLY A 21 0.10 -13.89 3.12
C GLY A 21 1.06 -13.18 4.06
N THR A 22 1.25 -11.89 3.85
CA THR A 22 2.14 -11.10 4.69
C THR A 22 1.34 -10.28 5.70
N LEU A 23 0.81 -9.15 5.24
CA LEU A 23 0.01 -8.26 6.06
C LEU A 23 -0.42 -7.06 5.22
N TRP A 24 -1.47 -7.26 4.42
CA TRP A 24 -1.96 -6.22 3.54
C TRP A 24 -2.62 -5.06 4.30
N LYS A 25 -3.61 -5.38 5.12
CA LYS A 25 -4.33 -4.39 5.93
C LYS A 25 -5.26 -3.49 5.11
N SER A 26 -4.90 -3.25 3.85
CA SER A 26 -5.69 -2.41 2.94
C SER A 26 -5.52 -0.92 3.26
N CYS A 27 -5.58 -0.09 2.21
CA CYS A 27 -5.41 1.36 2.34
C CYS A 27 -6.30 1.97 3.43
N ASN A 28 -7.60 1.72 3.32
CA ASN A 28 -8.57 2.25 4.28
C ASN A 28 -8.22 1.95 5.73
N ASP A 29 -8.16 0.67 6.08
CA ASP A 29 -7.88 0.27 7.45
C ASP A 29 -6.50 0.73 7.93
N ARG A 30 -5.48 0.56 7.09
CA ARG A 30 -4.14 0.95 7.49
C ARG A 30 -4.02 2.46 7.73
N CYS A 31 -4.47 3.26 6.77
CA CYS A 31 -4.41 4.71 6.93
C CYS A 31 -5.24 5.15 8.13
N LYS A 32 -6.36 4.48 8.34
CA LYS A 32 -7.25 4.77 9.45
C LYS A 32 -6.53 4.59 10.79
N GLU A 33 -5.79 3.49 10.92
CA GLU A 33 -5.07 3.21 12.15
C GLU A 33 -3.83 4.10 12.30
N LEU A 34 -3.49 4.81 11.24
CA LEU A 34 -2.34 5.70 11.24
C LEU A 34 -2.76 7.15 11.52
N GLY A 35 -4.02 7.33 11.91
CA GLY A 35 -4.52 8.66 12.20
C GLY A 35 -4.99 9.39 10.95
N ARG A 36 -5.08 8.67 9.85
CA ARG A 36 -5.52 9.25 8.59
C ARG A 36 -6.95 8.80 8.29
N LYS A 37 -7.26 8.55 7.02
CA LYS A 37 -8.60 8.12 6.63
C LYS A 37 -8.59 7.40 5.28
N ARG A 38 -8.09 8.08 4.25
CA ARG A 38 -8.04 7.49 2.92
C ARG A 38 -6.63 7.52 2.34
N GLY A 39 -6.42 6.77 1.28
CA GLY A 39 -5.12 6.72 0.62
C GLY A 39 -5.25 6.51 -0.87
N GLN A 40 -4.21 6.85 -1.60
CA GLN A 40 -4.20 6.70 -3.06
C GLN A 40 -2.86 6.13 -3.52
N CYS A 41 -2.89 5.27 -4.53
CA CYS A 41 -1.68 4.66 -5.06
C CYS A 41 -0.83 5.70 -5.81
N GLU A 42 0.08 6.33 -5.09
CA GLU A 42 0.96 7.35 -5.64
C GLU A 42 2.36 6.80 -5.81
N GLU A 43 3.10 7.36 -6.76
CA GLU A 43 4.45 6.93 -7.06
C GLU A 43 5.42 7.30 -5.95
N LYS A 44 5.52 6.42 -4.97
CA LYS A 44 6.42 6.62 -3.84
C LYS A 44 7.10 5.31 -3.46
N PRO A 45 8.25 5.00 -4.08
CA PRO A 45 9.01 3.77 -3.82
C PRO A 45 9.79 3.84 -2.50
N SER A 46 9.16 4.38 -1.47
CA SER A 46 9.80 4.51 -0.17
C SER A 46 9.49 3.31 0.72
N ARG A 47 8.21 3.07 0.97
CA ARG A 47 7.80 1.95 1.82
C ARG A 47 7.80 0.62 1.07
N CYS A 48 8.20 0.65 -0.19
CA CYS A 48 8.25 -0.55 -0.99
C CYS A 48 9.57 -0.62 -1.76
N PRO A 49 10.38 -1.66 -1.49
CA PRO A 49 11.68 -1.85 -2.14
C PRO A 49 11.56 -2.19 -3.63
N LEU A 50 10.34 -2.51 -4.06
CA LEU A 50 10.10 -2.85 -5.45
C LEU A 50 9.80 -1.60 -6.28
N SER A 51 10.79 -1.16 -7.03
CA SER A 51 10.66 0.02 -7.87
C SER A 51 9.72 -0.24 -9.04
N LYS A 52 9.52 -1.52 -9.37
CA LYS A 52 8.63 -1.89 -10.46
C LYS A 52 7.18 -1.56 -10.13
N LYS A 53 6.89 -1.47 -8.86
CA LYS A 53 5.55 -1.12 -8.39
C LYS A 53 5.49 0.38 -8.17
N ALA A 54 6.24 0.84 -7.16
CA ALA A 54 6.35 2.26 -6.82
C ALA A 54 5.06 2.93 -6.29
N TRP A 55 3.93 2.63 -6.91
CA TRP A 55 2.67 3.24 -6.51
C TRP A 55 2.17 2.68 -5.19
N THR A 56 2.29 3.47 -4.15
CA THR A 56 1.87 3.06 -2.83
C THR A 56 0.71 3.93 -2.35
N CYS A 57 -0.17 3.34 -1.58
CA CYS A 57 -1.32 4.04 -1.04
C CYS A 57 -0.91 5.11 -0.03
N ILE A 58 -0.66 6.31 -0.52
CA ILE A 58 -0.27 7.42 0.33
C ILE A 58 -1.52 8.01 0.96
N CYS A 59 -1.56 8.01 2.27
CA CYS A 59 -2.69 8.56 3.00
C CYS A 59 -2.68 10.08 2.89
N TYR A 60 -3.87 10.69 2.91
CA TYR A 60 -3.99 12.13 2.79
C TYR A 60 -3.16 12.86 3.86
N GLN A 1 1.46 -0.43 11.38
CA GLN A 1 2.67 -0.11 10.60
C GLN A 1 2.34 -0.05 9.11
N ILE A 2 2.70 1.04 8.47
CA ILE A 2 2.48 1.21 7.05
C ILE A 2 3.69 0.71 6.27
N VAL A 3 4.09 1.46 5.25
CA VAL A 3 5.24 1.10 4.43
C VAL A 3 4.94 -0.14 3.59
N ASP A 4 4.08 0.05 2.60
CA ASP A 4 3.68 -1.02 1.72
C ASP A 4 3.24 -0.45 0.38
N CYS A 5 3.52 -1.19 -0.66
CA CYS A 5 3.21 -0.77 -2.02
C CYS A 5 2.86 -1.97 -2.88
N TRP A 6 2.11 -1.73 -3.95
CA TRP A 6 1.71 -2.80 -4.87
C TRP A 6 1.51 -2.26 -6.28
N GLU A 7 0.61 -2.89 -7.03
CA GLU A 7 0.32 -2.50 -8.41
C GLU A 7 -0.81 -1.47 -8.45
N THR A 8 -1.89 -1.80 -9.15
CA THR A 8 -3.02 -0.91 -9.27
C THR A 8 -4.28 -1.71 -9.59
N TRP A 9 -5.42 -1.04 -9.64
CA TRP A 9 -6.70 -1.70 -9.91
C TRP A 9 -6.98 -2.78 -8.87
N SER A 10 -7.35 -2.34 -7.67
CA SER A 10 -7.65 -3.22 -6.55
C SER A 10 -6.40 -3.85 -5.94
N ARG A 11 -5.41 -4.13 -6.78
CA ARG A 11 -4.16 -4.75 -6.34
C ARG A 11 -3.38 -3.87 -5.36
N CYS A 12 -3.62 -2.57 -5.41
CA CYS A 12 -2.93 -1.64 -4.52
C CYS A 12 -3.84 -1.26 -3.35
N THR A 13 -5.06 -1.75 -3.38
CA THR A 13 -6.03 -1.45 -2.34
C THR A 13 -6.22 -2.62 -1.38
N LYS A 14 -6.29 -3.83 -1.92
CA LYS A 14 -6.50 -5.02 -1.12
C LYS A 14 -5.19 -5.75 -0.83
N TRP A 15 -4.37 -5.91 -1.86
CA TRP A 15 -3.10 -6.61 -1.72
C TRP A 15 -2.06 -5.71 -1.05
N SER A 16 -1.12 -6.33 -0.35
CA SER A 16 -0.08 -5.62 0.35
C SER A 16 0.92 -6.62 0.92
N GLN A 17 2.16 -6.21 0.92
CA GLN A 17 3.28 -6.99 1.44
C GLN A 17 3.67 -8.13 0.51
N GLY A 18 4.17 -7.77 -0.66
CA GLY A 18 4.57 -8.76 -1.65
C GLY A 18 3.38 -9.58 -2.12
N GLY A 19 3.63 -10.82 -2.53
CA GLY A 19 2.55 -11.66 -2.98
C GLY A 19 1.73 -12.20 -1.82
N THR A 20 1.05 -11.31 -1.12
CA THR A 20 0.23 -11.65 0.03
C THR A 20 1.10 -12.18 1.17
N GLY A 21 1.69 -11.27 1.94
CA GLY A 21 2.53 -11.66 3.04
C GLY A 21 1.74 -11.89 4.30
N THR A 22 1.97 -11.05 5.29
CA THR A 22 1.27 -11.17 6.56
C THR A 22 0.44 -9.93 6.85
N LEU A 23 0.55 -8.93 5.99
CA LEU A 23 -0.19 -7.70 6.16
C LEU A 23 -1.01 -7.39 4.91
N TRP A 24 -1.88 -8.32 4.54
CA TRP A 24 -2.73 -8.17 3.38
C TRP A 24 -4.08 -7.57 3.76
N LYS A 25 -4.12 -6.95 4.93
CA LYS A 25 -5.33 -6.34 5.46
C LYS A 25 -5.65 -5.01 4.74
N SER A 26 -5.54 -5.01 3.41
CA SER A 26 -5.83 -3.84 2.59
C SER A 26 -4.86 -2.67 2.85
N CYS A 27 -4.10 -2.29 1.83
CA CYS A 27 -3.16 -1.18 1.95
C CYS A 27 -3.90 0.10 2.36
N ASN A 28 -5.11 0.26 1.85
CA ASN A 28 -5.94 1.42 2.16
C ASN A 28 -6.27 1.46 3.65
N ASP A 29 -6.55 0.29 4.22
CA ASP A 29 -6.88 0.18 5.64
C ASP A 29 -5.67 0.49 6.51
N ARG A 30 -4.49 0.19 5.99
CA ARG A 30 -3.24 0.45 6.71
C ARG A 30 -3.11 1.94 6.98
N CYS A 31 -3.52 2.75 6.01
CA CYS A 31 -3.48 4.20 6.14
C CYS A 31 -4.53 4.67 7.15
N LYS A 32 -5.66 3.98 7.17
CA LYS A 32 -6.73 4.32 8.10
C LYS A 32 -6.27 4.09 9.53
N GLU A 33 -5.53 3.00 9.73
CA GLU A 33 -5.00 2.62 11.04
C GLU A 33 -4.00 3.65 11.56
N LEU A 34 -3.45 4.44 10.66
CA LEU A 34 -2.48 5.47 11.02
C LEU A 34 -3.18 6.75 11.46
N GLY A 35 -4.50 6.78 11.33
CA GLY A 35 -5.26 7.95 11.72
C GLY A 35 -5.72 8.75 10.52
N ARG A 36 -5.71 8.11 9.35
CA ARG A 36 -6.13 8.77 8.12
C ARG A 36 -7.45 8.19 7.62
N LYS A 37 -7.97 8.71 6.53
CA LYS A 37 -9.22 8.23 5.98
C LYS A 37 -9.00 7.39 4.73
N ARG A 38 -8.09 7.82 3.87
CA ARG A 38 -7.83 7.10 2.64
C ARG A 38 -6.34 7.02 2.32
N GLY A 39 -6.01 6.35 1.22
CA GLY A 39 -4.64 6.20 0.80
C GLY A 39 -4.53 6.09 -0.70
N GLN A 40 -4.31 7.22 -1.36
CA GLN A 40 -4.20 7.25 -2.82
C GLN A 40 -2.93 6.57 -3.30
N CYS A 41 -3.06 5.66 -4.25
CA CYS A 41 -1.92 4.94 -4.79
C CYS A 41 -1.09 5.83 -5.69
N GLU A 42 0.01 6.31 -5.14
CA GLU A 42 0.91 7.17 -5.87
C GLU A 42 2.24 6.47 -6.07
N GLU A 43 2.95 6.84 -7.13
CA GLU A 43 4.23 6.23 -7.43
C GLU A 43 5.32 6.73 -6.48
N LYS A 44 5.48 6.01 -5.40
CA LYS A 44 6.48 6.33 -4.39
C LYS A 44 7.17 5.04 -3.91
N PRO A 45 8.32 4.70 -4.49
CA PRO A 45 9.07 3.50 -4.13
C PRO A 45 9.94 3.70 -2.88
N SER A 46 9.64 4.75 -2.13
CA SER A 46 10.37 5.07 -0.91
C SER A 46 9.87 4.25 0.28
N ARG A 47 9.13 3.18 0.00
CA ARG A 47 8.59 2.33 1.04
C ARG A 47 9.19 0.92 0.94
N CYS A 48 8.68 0.15 -0.01
CA CYS A 48 9.14 -1.21 -0.22
C CYS A 48 10.10 -1.27 -1.41
N PRO A 49 10.99 -2.27 -1.44
CA PRO A 49 11.95 -2.43 -2.53
C PRO A 49 11.33 -3.05 -3.78
N LEU A 50 10.03 -2.85 -3.97
CA LEU A 50 9.33 -3.38 -5.12
C LEU A 50 9.26 -2.33 -6.23
N SER A 51 10.40 -2.08 -6.85
CA SER A 51 10.52 -1.10 -7.92
C SER A 51 9.69 -1.51 -9.15
N LYS A 52 9.36 -2.79 -9.23
CA LYS A 52 8.57 -3.31 -10.33
C LYS A 52 7.15 -2.76 -10.26
N LYS A 53 6.74 -2.35 -9.07
CA LYS A 53 5.41 -1.80 -8.86
C LYS A 53 5.50 -0.31 -8.55
N ALA A 54 5.99 0.01 -7.34
CA ALA A 54 6.19 1.39 -6.90
C ALA A 54 4.91 2.18 -6.55
N TRP A 55 3.75 1.53 -6.57
CA TRP A 55 2.51 2.22 -6.23
C TRP A 55 2.23 2.10 -4.73
N THR A 56 2.35 3.21 -4.02
CA THR A 56 2.15 3.23 -2.58
C THR A 56 0.95 4.09 -2.19
N CYS A 57 0.19 3.61 -1.22
CA CYS A 57 -0.99 4.33 -0.74
C CYS A 57 -0.58 5.53 0.11
N ILE A 58 -0.82 6.73 -0.40
CA ILE A 58 -0.51 7.96 0.32
C ILE A 58 -1.64 8.25 1.30
N CYS A 59 -1.37 8.01 2.57
CA CYS A 59 -2.34 8.21 3.62
C CYS A 59 -2.77 9.68 3.76
N TYR A 60 -4.04 9.93 3.51
CA TYR A 60 -4.59 11.26 3.61
C TYR A 60 -5.75 11.28 4.60
N GLN A 1 0.67 2.39 9.35
CA GLN A 1 2.15 2.35 9.46
C GLN A 1 2.75 1.10 8.82
N ILE A 2 1.92 0.12 8.47
CA ILE A 2 2.41 -1.12 7.87
C ILE A 2 3.04 -0.87 6.49
N VAL A 3 2.51 0.10 5.75
CA VAL A 3 3.01 0.44 4.41
C VAL A 3 2.66 -0.65 3.41
N ASP A 4 1.75 -0.34 2.49
CA ASP A 4 1.30 -1.28 1.48
C ASP A 4 2.21 -1.28 0.25
N CYS A 5 1.60 -1.50 -0.91
CA CYS A 5 2.32 -1.54 -2.18
C CYS A 5 1.35 -1.83 -3.33
N TRP A 6 1.47 -1.05 -4.40
CA TRP A 6 0.63 -1.22 -5.57
C TRP A 6 1.18 -2.34 -6.46
N GLU A 7 0.31 -2.94 -7.26
CA GLU A 7 0.72 -4.01 -8.16
C GLU A 7 0.11 -3.80 -9.56
N THR A 8 -1.21 -3.90 -9.65
CA THR A 8 -1.91 -3.72 -10.92
C THR A 8 -3.01 -2.67 -10.77
N TRP A 9 -4.12 -3.05 -10.15
CA TRP A 9 -5.23 -2.13 -9.93
C TRP A 9 -5.81 -2.34 -8.53
N SER A 10 -6.62 -3.37 -8.38
CA SER A 10 -7.23 -3.70 -7.12
C SER A 10 -6.16 -4.23 -6.17
N ARG A 11 -5.11 -4.79 -6.78
CA ARG A 11 -3.98 -5.34 -6.04
C ARG A 11 -3.05 -4.23 -5.54
N CYS A 12 -3.67 -3.18 -5.02
CA CYS A 12 -2.94 -2.04 -4.46
C CYS A 12 -3.70 -1.53 -3.25
N THR A 13 -5.00 -1.45 -3.38
CA THR A 13 -5.85 -0.98 -2.32
C THR A 13 -6.15 -2.12 -1.34
N LYS A 14 -6.06 -3.35 -1.83
CA LYS A 14 -6.32 -4.52 -1.01
C LYS A 14 -5.19 -5.54 -1.15
N TRP A 15 -3.98 -5.05 -1.42
CA TRP A 15 -2.81 -5.91 -1.57
C TRP A 15 -1.56 -5.13 -1.19
N SER A 16 -0.50 -5.84 -0.81
CA SER A 16 0.74 -5.19 -0.40
C SER A 16 1.90 -6.17 -0.46
N GLN A 17 2.82 -5.94 -1.41
CA GLN A 17 4.00 -6.78 -1.58
C GLN A 17 3.66 -8.13 -2.21
N GLY A 18 4.65 -8.79 -2.80
CA GLY A 18 4.44 -10.08 -3.43
C GLY A 18 3.87 -11.12 -2.49
N GLY A 19 4.34 -11.12 -1.25
CA GLY A 19 3.85 -12.07 -0.27
C GLY A 19 2.63 -11.57 0.47
N THR A 20 2.13 -10.39 0.07
CA THR A 20 0.95 -9.78 0.68
C THR A 20 1.19 -9.48 2.17
N GLY A 21 2.46 -9.39 2.55
CA GLY A 21 2.82 -9.09 3.93
C GLY A 21 2.44 -10.21 4.88
N THR A 22 1.92 -11.31 4.32
CA THR A 22 1.49 -12.47 5.09
C THR A 22 0.34 -12.14 6.04
N LEU A 23 -0.21 -10.93 5.94
CA LEU A 23 -1.31 -10.51 6.79
C LEU A 23 -2.34 -9.68 6.04
N TRP A 24 -2.20 -9.63 4.71
CA TRP A 24 -3.11 -8.86 3.86
C TRP A 24 -3.12 -7.38 4.23
N LYS A 25 -4.21 -6.93 4.86
CA LYS A 25 -4.36 -5.53 5.28
C LYS A 25 -4.45 -4.58 4.08
N SER A 26 -5.64 -4.06 3.85
CA SER A 26 -5.87 -3.13 2.75
C SER A 26 -5.10 -1.82 2.95
N CYS A 27 -4.82 -1.13 1.86
CA CYS A 27 -4.08 0.13 1.92
C CYS A 27 -4.83 1.16 2.77
N ASN A 28 -6.15 1.22 2.61
CA ASN A 28 -6.95 2.16 3.38
C ASN A 28 -6.88 1.80 4.87
N ASP A 29 -6.82 0.50 5.15
CA ASP A 29 -6.73 0.02 6.53
C ASP A 29 -5.38 0.37 7.12
N ARG A 30 -4.33 0.14 6.32
CA ARG A 30 -2.96 0.44 6.75
C ARG A 30 -2.80 1.94 6.94
N CYS A 31 -3.67 2.70 6.28
CA CYS A 31 -3.66 4.15 6.39
C CYS A 31 -4.51 4.62 7.56
N LYS A 32 -5.56 3.85 7.88
CA LYS A 32 -6.45 4.18 8.98
C LYS A 32 -5.69 4.15 10.31
N GLU A 33 -4.60 3.39 10.33
CA GLU A 33 -3.76 3.28 11.52
C GLU A 33 -3.16 4.63 11.90
N LEU A 34 -3.06 5.53 10.92
CA LEU A 34 -2.50 6.85 11.17
C LEU A 34 -3.62 7.86 11.42
N GLY A 35 -4.80 7.36 11.77
CA GLY A 35 -5.93 8.21 12.03
C GLY A 35 -6.50 8.80 10.75
N ARG A 36 -6.05 8.27 9.62
CA ARG A 36 -6.51 8.75 8.32
C ARG A 36 -7.73 7.98 7.88
N LYS A 37 -8.51 8.55 6.99
CA LYS A 37 -9.72 7.91 6.51
C LYS A 37 -9.61 7.57 5.02
N ARG A 38 -8.80 8.35 4.30
CA ARG A 38 -8.63 8.15 2.88
C ARG A 38 -7.19 7.83 2.52
N GLY A 39 -6.99 7.23 1.35
CA GLY A 39 -5.66 6.86 0.91
C GLY A 39 -5.67 6.42 -0.55
N GLN A 40 -4.68 6.84 -1.32
CA GLN A 40 -4.60 6.48 -2.73
C GLN A 40 -3.18 6.08 -3.12
N CYS A 41 -3.08 5.01 -3.89
CA CYS A 41 -1.80 4.50 -4.36
C CYS A 41 -1.06 5.53 -5.19
N GLU A 42 -0.01 6.09 -4.60
CA GLU A 42 0.83 7.08 -5.24
C GLU A 42 2.22 6.48 -5.42
N GLU A 43 3.15 7.22 -6.02
CA GLU A 43 4.50 6.69 -6.22
C GLU A 43 5.19 6.35 -4.90
N LYS A 44 5.74 7.37 -4.25
CA LYS A 44 6.46 7.23 -2.99
C LYS A 44 7.43 6.05 -2.97
N PRO A 45 8.63 6.24 -3.53
CA PRO A 45 9.66 5.18 -3.58
C PRO A 45 10.23 4.87 -2.20
N SER A 46 11.17 3.92 -2.18
CA SER A 46 11.81 3.50 -0.93
C SER A 46 10.80 2.91 0.05
N ARG A 47 9.80 2.21 -0.48
CA ARG A 47 8.78 1.60 0.34
C ARG A 47 8.54 0.15 -0.08
N CYS A 48 8.36 -0.06 -1.37
CA CYS A 48 8.14 -1.40 -1.90
C CYS A 48 9.37 -1.89 -2.67
N PRO A 49 9.87 -3.09 -2.35
CA PRO A 49 11.05 -3.68 -2.99
C PRO A 49 10.87 -3.86 -4.50
N LEU A 50 9.63 -4.04 -4.94
CA LEU A 50 9.34 -4.24 -6.34
C LEU A 50 9.55 -2.95 -7.12
N SER A 51 10.70 -2.82 -7.78
CA SER A 51 11.05 -1.65 -8.56
C SER A 51 10.10 -1.46 -9.75
N LYS A 52 9.57 -2.58 -10.25
CA LYS A 52 8.65 -2.55 -11.38
C LYS A 52 7.33 -1.91 -10.96
N LYS A 53 7.13 -1.81 -9.65
CA LYS A 53 5.91 -1.23 -9.10
C LYS A 53 6.22 0.14 -8.49
N ALA A 54 6.94 0.14 -7.37
CA ALA A 54 7.32 1.35 -6.64
C ALA A 54 6.14 2.33 -6.50
N TRP A 55 5.08 1.86 -5.87
CA TRP A 55 3.88 2.65 -5.66
C TRP A 55 3.28 2.29 -4.29
N THR A 56 2.87 3.29 -3.51
CA THR A 56 2.31 3.05 -2.19
C THR A 56 1.10 3.96 -1.92
N CYS A 57 0.11 3.45 -1.19
CA CYS A 57 -1.09 4.20 -0.86
C CYS A 57 -0.78 5.35 0.10
N ILE A 58 -0.99 6.57 -0.37
CA ILE A 58 -0.74 7.75 0.45
C ILE A 58 -2.01 8.14 1.20
N CYS A 59 -1.90 8.19 2.51
CA CYS A 59 -3.00 8.51 3.38
C CYS A 59 -3.19 10.02 3.54
N TYR A 60 -4.44 10.45 3.55
CA TYR A 60 -4.77 11.87 3.69
C TYR A 60 -5.05 12.20 5.15
#